data_7ORU
# 
_entry.id   7ORU 
# 
_audit_conform.dict_name       mmcif_pdbx.dic 
_audit_conform.dict_version    5.384 
_audit_conform.dict_location   http://mmcif.pdb.org/dictionaries/ascii/mmcif_pdbx.dic 
# 
loop_
_database_2.database_id 
_database_2.database_code 
_database_2.pdbx_database_accession 
_database_2.pdbx_DOI 
PDB   7ORU         pdb_00007oru 10.2210/pdb7oru/pdb 
WWPDB D_1292116321 ?            ?                   
# 
loop_
_pdbx_audit_revision_history.ordinal 
_pdbx_audit_revision_history.data_content_type 
_pdbx_audit_revision_history.major_revision 
_pdbx_audit_revision_history.minor_revision 
_pdbx_audit_revision_history.revision_date 
1 'Structure model' 1 0 2021-10-20 
2 'Structure model' 1 1 2022-02-23 
3 'Structure model' 1 2 2024-01-31 
# 
_pdbx_audit_revision_details.ordinal             1 
_pdbx_audit_revision_details.revision_ordinal    1 
_pdbx_audit_revision_details.data_content_type   'Structure model' 
_pdbx_audit_revision_details.provider            repository 
_pdbx_audit_revision_details.type                'Initial release' 
_pdbx_audit_revision_details.description         ? 
_pdbx_audit_revision_details.details             ? 
# 
loop_
_pdbx_audit_revision_group.ordinal 
_pdbx_audit_revision_group.revision_ordinal 
_pdbx_audit_revision_group.data_content_type 
_pdbx_audit_revision_group.group 
1 2 'Structure model' 'Database references'    
2 3 'Structure model' 'Data collection'        
3 3 'Structure model' 'Refinement description' 
# 
loop_
_pdbx_audit_revision_category.ordinal 
_pdbx_audit_revision_category.revision_ordinal 
_pdbx_audit_revision_category.data_content_type 
_pdbx_audit_revision_category.category 
1 2 'Structure model' citation                      
2 2 'Structure model' citation_author               
3 3 'Structure model' chem_comp_atom                
4 3 'Structure model' chem_comp_bond                
5 3 'Structure model' pdbx_initial_refinement_model 
# 
loop_
_pdbx_audit_revision_item.ordinal 
_pdbx_audit_revision_item.revision_ordinal 
_pdbx_audit_revision_item.data_content_type 
_pdbx_audit_revision_item.item 
1 2 'Structure model' '_citation.journal_volume'          
2 2 'Structure model' '_citation.page_first'              
3 2 'Structure model' '_citation.page_last'               
4 2 'Structure model' '_citation.pdbx_database_id_DOI'    
5 2 'Structure model' '_citation.pdbx_database_id_PubMed' 
6 2 'Structure model' '_citation.title'                   
7 2 'Structure model' '_citation.year'                    
8 2 'Structure model' '_citation_author.identifier_ORCID' 
# 
_pdbx_database_status.status_code                     REL 
_pdbx_database_status.status_code_sf                  REL 
_pdbx_database_status.status_code_mr                  ? 
_pdbx_database_status.entry_id                        7ORU 
_pdbx_database_status.recvd_initial_deposition_date   2021-06-06 
_pdbx_database_status.SG_entry                        N 
_pdbx_database_status.deposit_site                    PDBE 
_pdbx_database_status.process_site                    PDBE 
_pdbx_database_status.status_code_cs                  ? 
_pdbx_database_status.status_code_nmr_data            ? 
_pdbx_database_status.methods_development_category    ? 
_pdbx_database_status.pdb_format_compatible           Y 
# 
loop_
_audit_author.name 
_audit_author.pdbx_ordinal 
_audit_author.identifier_ORCID 
'Talibov, V.O.' 1  ? 
'Kozielski, F.' 2  ? 
'Sele, C.'      3  ? 
'Lou, J.'       4  ? 
'Dong, D.'      5  ? 
'Wang, Q.'      6  ? 
'Shi, X.'       7  ? 
'Nyblom, M.'    8  ? 
'Rogstam, A.'   9  ? 
'Krojer, T.'    10 ? 
'Knecht, W.'    11 ? 
'Fisher, S.Z.'  12 ? 
# 
_citation.abstract                  ? 
_citation.abstract_id_CAS           ? 
_citation.book_id_ISBN              ? 
_citation.book_publisher            ? 
_citation.book_publisher_city       ? 
_citation.book_title                ? 
_citation.coordinate_linkage        ? 
_citation.country                   UK 
_citation.database_id_Medline       ? 
_citation.details                   ? 
_citation.id                        primary 
_citation.journal_abbrev            'Rsc Chem Biol' 
_citation.journal_id_ASTM           ? 
_citation.journal_id_CSD            ? 
_citation.journal_id_ISSN           2633-0679 
_citation.journal_full              ? 
_citation.journal_issue             ? 
_citation.journal_volume            3 
_citation.language                  ? 
_citation.page_first                44 
_citation.page_last                 55 
_citation.title                     
;Identification of fragments binding to SARS-CoV-2 nsp10 reveals ligand-binding sites in conserved interfaces between nsp10 and nsp14/nsp16.
;
_citation.year                      2022 
_citation.database_id_CSD           ? 
_citation.pdbx_database_id_DOI      10.1039/d1cb00135c 
_citation.pdbx_database_id_PubMed   35128408 
_citation.pdbx_database_id_patent   ? 
_citation.unpublished_flag          ? 
# 
loop_
_citation_author.citation_id 
_citation_author.name 
_citation_author.ordinal 
_citation_author.identifier_ORCID 
primary 'Kozielski, F.' 1  ?                   
primary 'Sele, C.'      2  ?                   
primary 'Talibov, V.O.' 3  ?                   
primary 'Lou, J.'       4  ?                   
primary 'Dong, D.'      5  ?                   
primary 'Wang, Q.'      6  ?                   
primary 'Shi, X.'       7  ?                   
primary 'Nyblom, M.'    8  ?                   
primary 'Rogstam, A.'   9  ?                   
primary 'Krojer, T.'    10 ?                   
primary 'Fisher, Z.'    11 0000-0001-8287-0269 
primary 'Knecht, W.'    12 0000-0001-9530-7598 
# 
loop_
_entity.id 
_entity.type 
_entity.src_method 
_entity.pdbx_description 
_entity.formula_weight 
_entity.pdbx_number_of_molecules 
_entity.pdbx_ec 
_entity.pdbx_mutation 
_entity.pdbx_fragment 
_entity.details 
1 polymer     man 'Non-structural protein 10' 13284.236 1   ? ? ? ? 
2 non-polymer syn 'ZINC ION'                  65.409    2   ? ? ? ? 
3 non-polymer syn 'DIMETHYL SULFOXIDE'        78.133    2   ? ? ? ? 
4 non-polymer syn QUINOLIN-2-AMINE            144.173   1   ? ? ? ? 
5 non-polymer syn GLYCEROL                    92.094    1   ? ? ? ? 
6 non-polymer syn 'CHLORIDE ION'              35.453    2   ? ? ? ? 
7 water       nat water                       18.015    156 ? ? ? ? 
# 
_entity_name_com.entity_id   1 
_entity_name_com.name        'nsp10,Growth factor-like peptide,GFL' 
# 
_entity_poly.entity_id                      1 
_entity_poly.type                           'polypeptide(L)' 
_entity_poly.nstd_linkage                   no 
_entity_poly.nstd_monomer                   no 
_entity_poly.pdbx_seq_one_letter_code       
;TMGNSTVLSFCAFAVDAAKAYKDYLASGGQPITNCVKMLCTHTGTGQAITVTPEANMDQESFGGASCCLYCRCHIDHPNP
KGFCDLKGKYVQIPTTCANDPVGFTLKNTVCTVCGMWKGYGCSCD
;
_entity_poly.pdbx_seq_one_letter_code_can   
;TMGNSTVLSFCAFAVDAAKAYKDYLASGGQPITNCVKMLCTHTGTGQAITVTPEANMDQESFGGASCCLYCRCHIDHPNP
KGFCDLKGKYVQIPTTCANDPVGFTLKNTVCTVCGMWKGYGCSCD
;
_entity_poly.pdbx_strand_id                 A 
_entity_poly.pdbx_target_identifier         ? 
# 
loop_
_pdbx_entity_nonpoly.entity_id 
_pdbx_entity_nonpoly.name 
_pdbx_entity_nonpoly.comp_id 
2 'ZINC ION'           ZN  
3 'DIMETHYL SULFOXIDE' DMS 
4 QUINOLIN-2-AMINE     2AQ 
5 GLYCEROL             GOL 
6 'CHLORIDE ION'       CL  
7 water                HOH 
# 
loop_
_entity_poly_seq.entity_id 
_entity_poly_seq.num 
_entity_poly_seq.mon_id 
_entity_poly_seq.hetero 
1 1   THR n 
1 2   MET n 
1 3   GLY n 
1 4   ASN n 
1 5   SER n 
1 6   THR n 
1 7   VAL n 
1 8   LEU n 
1 9   SER n 
1 10  PHE n 
1 11  CYS n 
1 12  ALA n 
1 13  PHE n 
1 14  ALA n 
1 15  VAL n 
1 16  ASP n 
1 17  ALA n 
1 18  ALA n 
1 19  LYS n 
1 20  ALA n 
1 21  TYR n 
1 22  LYS n 
1 23  ASP n 
1 24  TYR n 
1 25  LEU n 
1 26  ALA n 
1 27  SER n 
1 28  GLY n 
1 29  GLY n 
1 30  GLN n 
1 31  PRO n 
1 32  ILE n 
1 33  THR n 
1 34  ASN n 
1 35  CYS n 
1 36  VAL n 
1 37  LYS n 
1 38  MET n 
1 39  LEU n 
1 40  CYS n 
1 41  THR n 
1 42  HIS n 
1 43  THR n 
1 44  GLY n 
1 45  THR n 
1 46  GLY n 
1 47  GLN n 
1 48  ALA n 
1 49  ILE n 
1 50  THR n 
1 51  VAL n 
1 52  THR n 
1 53  PRO n 
1 54  GLU n 
1 55  ALA n 
1 56  ASN n 
1 57  MET n 
1 58  ASP n 
1 59  GLN n 
1 60  GLU n 
1 61  SER n 
1 62  PHE n 
1 63  GLY n 
1 64  GLY n 
1 65  ALA n 
1 66  SER n 
1 67  CYS n 
1 68  CYS n 
1 69  LEU n 
1 70  TYR n 
1 71  CYS n 
1 72  ARG n 
1 73  CYS n 
1 74  HIS n 
1 75  ILE n 
1 76  ASP n 
1 77  HIS n 
1 78  PRO n 
1 79  ASN n 
1 80  PRO n 
1 81  LYS n 
1 82  GLY n 
1 83  PHE n 
1 84  CYS n 
1 85  ASP n 
1 86  LEU n 
1 87  LYS n 
1 88  GLY n 
1 89  LYS n 
1 90  TYR n 
1 91  VAL n 
1 92  GLN n 
1 93  ILE n 
1 94  PRO n 
1 95  THR n 
1 96  THR n 
1 97  CYS n 
1 98  ALA n 
1 99  ASN n 
1 100 ASP n 
1 101 PRO n 
1 102 VAL n 
1 103 GLY n 
1 104 PHE n 
1 105 THR n 
1 106 LEU n 
1 107 LYS n 
1 108 ASN n 
1 109 THR n 
1 110 VAL n 
1 111 CYS n 
1 112 THR n 
1 113 VAL n 
1 114 CYS n 
1 115 GLY n 
1 116 MET n 
1 117 TRP n 
1 118 LYS n 
1 119 GLY n 
1 120 TYR n 
1 121 GLY n 
1 122 CYS n 
1 123 SER n 
1 124 CYS n 
1 125 ASP n 
# 
_entity_src_gen.entity_id                          1 
_entity_src_gen.pdbx_src_id                        1 
_entity_src_gen.pdbx_alt_source_flag               sample 
_entity_src_gen.pdbx_seq_type                      'Biological sequence' 
_entity_src_gen.pdbx_beg_seq_num                   1 
_entity_src_gen.pdbx_end_seq_num                   125 
_entity_src_gen.gene_src_common_name               '2019-nCoV, SARS-CoV-2' 
_entity_src_gen.gene_src_genus                     ? 
_entity_src_gen.pdbx_gene_src_gene                 'rep, 1a-1b' 
_entity_src_gen.gene_src_species                   ? 
_entity_src_gen.gene_src_strain                    ? 
_entity_src_gen.gene_src_tissue                    ? 
_entity_src_gen.gene_src_tissue_fraction           ? 
_entity_src_gen.gene_src_details                   ? 
_entity_src_gen.pdbx_gene_src_fragment             ? 
_entity_src_gen.pdbx_gene_src_scientific_name      'Severe acute respiratory syndrome coronavirus 2' 
_entity_src_gen.pdbx_gene_src_ncbi_taxonomy_id     2697049 
_entity_src_gen.pdbx_gene_src_variant              ? 
_entity_src_gen.pdbx_gene_src_cell_line            ? 
_entity_src_gen.pdbx_gene_src_atcc                 ? 
_entity_src_gen.pdbx_gene_src_organ                ? 
_entity_src_gen.pdbx_gene_src_organelle            ? 
_entity_src_gen.pdbx_gene_src_cell                 ? 
_entity_src_gen.pdbx_gene_src_cellular_location    ? 
_entity_src_gen.host_org_common_name               ? 
_entity_src_gen.pdbx_host_org_scientific_name      'Escherichia coli' 
_entity_src_gen.pdbx_host_org_ncbi_taxonomy_id     562 
_entity_src_gen.host_org_genus                     ? 
_entity_src_gen.pdbx_host_org_gene                 ? 
_entity_src_gen.pdbx_host_org_organ                ? 
_entity_src_gen.host_org_species                   ? 
_entity_src_gen.pdbx_host_org_tissue               ? 
_entity_src_gen.pdbx_host_org_tissue_fraction      ? 
_entity_src_gen.pdbx_host_org_strain               ? 
_entity_src_gen.pdbx_host_org_variant              ? 
_entity_src_gen.pdbx_host_org_cell_line            ? 
_entity_src_gen.pdbx_host_org_atcc                 ? 
_entity_src_gen.pdbx_host_org_culture_collection   ? 
_entity_src_gen.pdbx_host_org_cell                 ? 
_entity_src_gen.pdbx_host_org_organelle            ? 
_entity_src_gen.pdbx_host_org_cellular_location    ? 
_entity_src_gen.pdbx_host_org_vector_type          ? 
_entity_src_gen.pdbx_host_org_vector               ? 
_entity_src_gen.host_org_details                   ? 
_entity_src_gen.expression_system_id               ? 
_entity_src_gen.plasmid_name                       ? 
_entity_src_gen.plasmid_details                    ? 
_entity_src_gen.pdbx_description                   ? 
# 
loop_
_chem_comp.id 
_chem_comp.type 
_chem_comp.mon_nstd_flag 
_chem_comp.name 
_chem_comp.pdbx_synonyms 
_chem_comp.formula 
_chem_comp.formula_weight 
2AQ non-polymer         . QUINOLIN-2-AMINE     2-AMINOQUINOLINE                'C9 H8 N2'       144.173 
ALA 'L-peptide linking' y ALANINE              ?                               'C3 H7 N O2'     89.093  
ARG 'L-peptide linking' y ARGININE             ?                               'C6 H15 N4 O2 1' 175.209 
ASN 'L-peptide linking' y ASPARAGINE           ?                               'C4 H8 N2 O3'    132.118 
ASP 'L-peptide linking' y 'ASPARTIC ACID'      ?                               'C4 H7 N O4'     133.103 
CL  non-polymer         . 'CHLORIDE ION'       ?                               'Cl -1'          35.453  
CYS 'L-peptide linking' y CYSTEINE             ?                               'C3 H7 N O2 S'   121.158 
DMS non-polymer         . 'DIMETHYL SULFOXIDE' ?                               'C2 H6 O S'      78.133  
GLN 'L-peptide linking' y GLUTAMINE            ?                               'C5 H10 N2 O3'   146.144 
GLU 'L-peptide linking' y 'GLUTAMIC ACID'      ?                               'C5 H9 N O4'     147.129 
GLY 'peptide linking'   y GLYCINE              ?                               'C2 H5 N O2'     75.067  
GOL non-polymer         . GLYCEROL             'GLYCERIN; PROPANE-1,2,3-TRIOL' 'C3 H8 O3'       92.094  
HIS 'L-peptide linking' y HISTIDINE            ?                               'C6 H10 N3 O2 1' 156.162 
HOH non-polymer         . WATER                ?                               'H2 O'           18.015  
ILE 'L-peptide linking' y ISOLEUCINE           ?                               'C6 H13 N O2'    131.173 
LEU 'L-peptide linking' y LEUCINE              ?                               'C6 H13 N O2'    131.173 
LYS 'L-peptide linking' y LYSINE               ?                               'C6 H15 N2 O2 1' 147.195 
MET 'L-peptide linking' y METHIONINE           ?                               'C5 H11 N O2 S'  149.211 
PHE 'L-peptide linking' y PHENYLALANINE        ?                               'C9 H11 N O2'    165.189 
PRO 'L-peptide linking' y PROLINE              ?                               'C5 H9 N O2'     115.130 
SER 'L-peptide linking' y SERINE               ?                               'C3 H7 N O3'     105.093 
THR 'L-peptide linking' y THREONINE            ?                               'C4 H9 N O3'     119.119 
TRP 'L-peptide linking' y TRYPTOPHAN           ?                               'C11 H12 N2 O2'  204.225 
TYR 'L-peptide linking' y TYROSINE             ?                               'C9 H11 N O3'    181.189 
VAL 'L-peptide linking' y VALINE               ?                               'C5 H11 N O2'    117.146 
ZN  non-polymer         . 'ZINC ION'           ?                               'Zn 2'           65.409  
# 
loop_
_pdbx_poly_seq_scheme.asym_id 
_pdbx_poly_seq_scheme.entity_id 
_pdbx_poly_seq_scheme.seq_id 
_pdbx_poly_seq_scheme.mon_id 
_pdbx_poly_seq_scheme.ndb_seq_num 
_pdbx_poly_seq_scheme.pdb_seq_num 
_pdbx_poly_seq_scheme.auth_seq_num 
_pdbx_poly_seq_scheme.pdb_mon_id 
_pdbx_poly_seq_scheme.auth_mon_id 
_pdbx_poly_seq_scheme.pdb_strand_id 
_pdbx_poly_seq_scheme.pdb_ins_code 
_pdbx_poly_seq_scheme.hetero 
A 1 1   THR 1   7   7   THR THR A . n 
A 1 2   MET 2   8   8   MET MET A . n 
A 1 3   GLY 3   9   9   GLY GLY A . n 
A 1 4   ASN 4   10  10  ASN ASN A . n 
A 1 5   SER 5   11  11  SER SER A . n 
A 1 6   THR 6   12  12  THR THR A . n 
A 1 7   VAL 7   13  13  VAL VAL A . n 
A 1 8   LEU 8   14  14  LEU LEU A . n 
A 1 9   SER 9   15  15  SER SER A . n 
A 1 10  PHE 10  16  16  PHE PHE A . n 
A 1 11  CYS 11  17  17  CYS CYS A . n 
A 1 12  ALA 12  18  18  ALA ALA A . n 
A 1 13  PHE 13  19  19  PHE PHE A . n 
A 1 14  ALA 14  20  20  ALA ALA A . n 
A 1 15  VAL 15  21  21  VAL VAL A . n 
A 1 16  ASP 16  22  22  ASP ASP A . n 
A 1 17  ALA 17  23  23  ALA ALA A . n 
A 1 18  ALA 18  24  24  ALA ALA A . n 
A 1 19  LYS 19  25  25  LYS LYS A . n 
A 1 20  ALA 20  26  26  ALA ALA A . n 
A 1 21  TYR 21  27  27  TYR TYR A . n 
A 1 22  LYS 22  28  28  LYS LYS A . n 
A 1 23  ASP 23  29  29  ASP ASP A . n 
A 1 24  TYR 24  30  30  TYR TYR A . n 
A 1 25  LEU 25  31  31  LEU LEU A . n 
A 1 26  ALA 26  32  32  ALA ALA A . n 
A 1 27  SER 27  33  33  SER SER A . n 
A 1 28  GLY 28  34  34  GLY GLY A . n 
A 1 29  GLY 29  35  35  GLY GLY A . n 
A 1 30  GLN 30  36  36  GLN GLN A . n 
A 1 31  PRO 31  37  37  PRO PRO A . n 
A 1 32  ILE 32  38  38  ILE ILE A . n 
A 1 33  THR 33  39  39  THR THR A . n 
A 1 34  ASN 34  40  40  ASN ASN A . n 
A 1 35  CYS 35  41  41  CYS CYS A . n 
A 1 36  VAL 36  42  42  VAL VAL A . n 
A 1 37  LYS 37  43  43  LYS LYS A . n 
A 1 38  MET 38  44  44  MET MET A . n 
A 1 39  LEU 39  45  45  LEU LEU A . n 
A 1 40  CYS 40  46  46  CYS CYS A . n 
A 1 41  THR 41  47  47  THR THR A . n 
A 1 42  HIS 42  48  48  HIS HIS A . n 
A 1 43  THR 43  49  49  THR THR A . n 
A 1 44  GLY 44  50  50  GLY GLY A . n 
A 1 45  THR 45  51  51  THR THR A . n 
A 1 46  GLY 46  52  52  GLY GLY A . n 
A 1 47  GLN 47  53  53  GLN GLN A . n 
A 1 48  ALA 48  54  54  ALA ALA A . n 
A 1 49  ILE 49  55  55  ILE ILE A . n 
A 1 50  THR 50  56  56  THR THR A . n 
A 1 51  VAL 51  57  57  VAL VAL A . n 
A 1 52  THR 52  58  58  THR THR A . n 
A 1 53  PRO 53  59  59  PRO PRO A . n 
A 1 54  GLU 54  60  60  GLU GLU A . n 
A 1 55  ALA 55  61  61  ALA ALA A . n 
A 1 56  ASN 56  62  62  ASN ASN A . n 
A 1 57  MET 57  63  63  MET MET A . n 
A 1 58  ASP 58  64  64  ASP ASP A . n 
A 1 59  GLN 59  65  65  GLN GLN A . n 
A 1 60  GLU 60  66  66  GLU GLU A . n 
A 1 61  SER 61  67  67  SER SER A . n 
A 1 62  PHE 62  68  68  PHE PHE A . n 
A 1 63  GLY 63  69  69  GLY GLY A . n 
A 1 64  GLY 64  70  70  GLY GLY A . n 
A 1 65  ALA 65  71  71  ALA ALA A . n 
A 1 66  SER 66  72  72  SER SER A . n 
A 1 67  CYS 67  73  73  CYS CYS A . n 
A 1 68  CYS 68  74  74  CYS CYS A . n 
A 1 69  LEU 69  75  75  LEU LEU A . n 
A 1 70  TYR 70  76  76  TYR TYR A . n 
A 1 71  CYS 71  77  77  CYS CYS A . n 
A 1 72  ARG 72  78  78  ARG ARG A . n 
A 1 73  CYS 73  79  79  CYS CYS A . n 
A 1 74  HIS 74  80  80  HIS HIS A . n 
A 1 75  ILE 75  81  81  ILE ILE A . n 
A 1 76  ASP 76  82  82  ASP ASP A . n 
A 1 77  HIS 77  83  83  HIS HIS A . n 
A 1 78  PRO 78  84  84  PRO PRO A . n 
A 1 79  ASN 79  85  85  ASN ASN A . n 
A 1 80  PRO 80  86  86  PRO PRO A . n 
A 1 81  LYS 81  87  87  LYS LYS A . n 
A 1 82  GLY 82  88  88  GLY GLY A . n 
A 1 83  PHE 83  89  89  PHE PHE A . n 
A 1 84  CYS 84  90  90  CYS CYS A . n 
A 1 85  ASP 85  91  91  ASP ASP A . n 
A 1 86  LEU 86  92  92  LEU LEU A . n 
A 1 87  LYS 87  93  93  LYS LYS A . n 
A 1 88  GLY 88  94  94  GLY GLY A . n 
A 1 89  LYS 89  95  95  LYS LYS A . n 
A 1 90  TYR 90  96  96  TYR TYR A . n 
A 1 91  VAL 91  97  97  VAL VAL A . n 
A 1 92  GLN 92  98  98  GLN GLN A . n 
A 1 93  ILE 93  99  99  ILE ILE A . n 
A 1 94  PRO 94  100 100 PRO PRO A . n 
A 1 95  THR 95  101 101 THR THR A . n 
A 1 96  THR 96  102 102 THR THR A . n 
A 1 97  CYS 97  103 103 CYS CYS A . n 
A 1 98  ALA 98  104 104 ALA ALA A . n 
A 1 99  ASN 99  105 105 ASN ASN A . n 
A 1 100 ASP 100 106 106 ASP ASP A . n 
A 1 101 PRO 101 107 107 PRO PRO A . n 
A 1 102 VAL 102 108 108 VAL VAL A . n 
A 1 103 GLY 103 109 109 GLY GLY A . n 
A 1 104 PHE 104 110 110 PHE PHE A . n 
A 1 105 THR 105 111 111 THR THR A . n 
A 1 106 LEU 106 112 112 LEU LEU A . n 
A 1 107 LYS 107 113 113 LYS LYS A . n 
A 1 108 ASN 108 114 114 ASN ASN A . n 
A 1 109 THR 109 115 115 THR THR A . n 
A 1 110 VAL 110 116 116 VAL VAL A . n 
A 1 111 CYS 111 117 117 CYS CYS A . n 
A 1 112 THR 112 118 118 THR THR A . n 
A 1 113 VAL 113 119 119 VAL VAL A . n 
A 1 114 CYS 114 120 120 CYS CYS A . n 
A 1 115 GLY 115 121 121 GLY GLY A . n 
A 1 116 MET 116 122 122 MET MET A . n 
A 1 117 TRP 117 123 123 TRP TRP A . n 
A 1 118 LYS 118 124 124 LYS LYS A . n 
A 1 119 GLY 119 125 125 GLY GLY A . n 
A 1 120 TYR 120 126 126 TYR TYR A . n 
A 1 121 GLY 121 127 127 GLY GLY A . n 
A 1 122 CYS 122 128 128 CYS CYS A . n 
A 1 123 SER 123 129 129 SER SER A . n 
A 1 124 CYS 124 130 130 CYS CYS A . n 
A 1 125 ASP 125 131 ?   ?   ?   A . n 
# 
loop_
_pdbx_nonpoly_scheme.asym_id 
_pdbx_nonpoly_scheme.entity_id 
_pdbx_nonpoly_scheme.mon_id 
_pdbx_nonpoly_scheme.ndb_seq_num 
_pdbx_nonpoly_scheme.pdb_seq_num 
_pdbx_nonpoly_scheme.auth_seq_num 
_pdbx_nonpoly_scheme.pdb_mon_id 
_pdbx_nonpoly_scheme.auth_mon_id 
_pdbx_nonpoly_scheme.pdb_strand_id 
_pdbx_nonpoly_scheme.pdb_ins_code 
B 2 ZN  1   201 201 ZN  ZN  A . 
C 2 ZN  1   202 202 ZN  ZN  A . 
D 3 DMS 1   203 203 DMS DMS A . 
E 4 2AQ 1   204 205 2AQ 2AQ A . 
F 3 DMS 1   205 207 DMS DMS A . 
G 5 GOL 1   206 208 GOL GOL A . 
H 6 CL  1   207 1   CL  CL  A . 
I 6 CL  1   208 2   CL  CL  A . 
J 7 HOH 1   301 165 HOH HOH A . 
J 7 HOH 2   302 56  HOH HOH A . 
J 7 HOH 3   303 53  HOH HOH A . 
J 7 HOH 4   304 166 HOH HOH A . 
J 7 HOH 5   305 43  HOH HOH A . 
J 7 HOH 6   306 20  HOH HOH A . 
J 7 HOH 7   307 64  HOH HOH A . 
J 7 HOH 8   308 139 HOH HOH A . 
J 7 HOH 9   309 121 HOH HOH A . 
J 7 HOH 10  310 123 HOH HOH A . 
J 7 HOH 11  311 17  HOH HOH A . 
J 7 HOH 12  312 15  HOH HOH A . 
J 7 HOH 13  313 65  HOH HOH A . 
J 7 HOH 14  314 160 HOH HOH A . 
J 7 HOH 15  315 28  HOH HOH A . 
J 7 HOH 16  316 50  HOH HOH A . 
J 7 HOH 17  317 97  HOH HOH A . 
J 7 HOH 18  318 40  HOH HOH A . 
J 7 HOH 19  319 29  HOH HOH A . 
J 7 HOH 20  320 30  HOH HOH A . 
J 7 HOH 21  321 62  HOH HOH A . 
J 7 HOH 22  322 114 HOH HOH A . 
J 7 HOH 23  323 61  HOH HOH A . 
J 7 HOH 24  324 135 HOH HOH A . 
J 7 HOH 25  325 106 HOH HOH A . 
J 7 HOH 26  326 33  HOH HOH A . 
J 7 HOH 27  327 81  HOH HOH A . 
J 7 HOH 28  328 96  HOH HOH A . 
J 7 HOH 29  329 58  HOH HOH A . 
J 7 HOH 30  330 138 HOH HOH A . 
J 7 HOH 31  331 70  HOH HOH A . 
J 7 HOH 32  332 126 HOH HOH A . 
J 7 HOH 33  333 92  HOH HOH A . 
J 7 HOH 34  334 21  HOH HOH A . 
J 7 HOH 35  335 22  HOH HOH A . 
J 7 HOH 36  336 11  HOH HOH A . 
J 7 HOH 37  337 63  HOH HOH A . 
J 7 HOH 38  338 7   HOH HOH A . 
J 7 HOH 39  339 35  HOH HOH A . 
J 7 HOH 40  340 60  HOH HOH A . 
J 7 HOH 41  341 19  HOH HOH A . 
J 7 HOH 42  342 10  HOH HOH A . 
J 7 HOH 43  343 38  HOH HOH A . 
J 7 HOH 44  344 9   HOH HOH A . 
J 7 HOH 45  345 158 HOH HOH A . 
J 7 HOH 46  346 57  HOH HOH A . 
J 7 HOH 47  347 27  HOH HOH A . 
J 7 HOH 48  348 26  HOH HOH A . 
J 7 HOH 49  349 16  HOH HOH A . 
J 7 HOH 50  350 67  HOH HOH A . 
J 7 HOH 51  351 112 HOH HOH A . 
J 7 HOH 52  352 25  HOH HOH A . 
J 7 HOH 53  353 75  HOH HOH A . 
J 7 HOH 54  354 5   HOH HOH A . 
J 7 HOH 55  355 4   HOH HOH A . 
J 7 HOH 56  356 144 HOH HOH A . 
J 7 HOH 57  357 95  HOH HOH A . 
J 7 HOH 58  358 127 HOH HOH A . 
J 7 HOH 59  359 59  HOH HOH A . 
J 7 HOH 60  360 86  HOH HOH A . 
J 7 HOH 61  361 45  HOH HOH A . 
J 7 HOH 62  362 32  HOH HOH A . 
J 7 HOH 63  363 134 HOH HOH A . 
J 7 HOH 64  364 164 HOH HOH A . 
J 7 HOH 65  365 51  HOH HOH A . 
J 7 HOH 66  366 12  HOH HOH A . 
J 7 HOH 67  367 52  HOH HOH A . 
J 7 HOH 68  368 154 HOH HOH A . 
J 7 HOH 69  369 76  HOH HOH A . 
J 7 HOH 70  370 23  HOH HOH A . 
J 7 HOH 71  371 46  HOH HOH A . 
J 7 HOH 72  372 8   HOH HOH A . 
J 7 HOH 73  373 87  HOH HOH A . 
J 7 HOH 74  374 118 HOH HOH A . 
J 7 HOH 75  375 128 HOH HOH A . 
J 7 HOH 76  376 103 HOH HOH A . 
J 7 HOH 77  377 152 HOH HOH A . 
J 7 HOH 78  378 94  HOH HOH A . 
J 7 HOH 79  379 74  HOH HOH A . 
J 7 HOH 80  380 36  HOH HOH A . 
J 7 HOH 81  381 47  HOH HOH A . 
J 7 HOH 82  382 66  HOH HOH A . 
J 7 HOH 83  383 141 HOH HOH A . 
J 7 HOH 84  384 68  HOH HOH A . 
J 7 HOH 85  385 55  HOH HOH A . 
J 7 HOH 86  386 42  HOH HOH A . 
J 7 HOH 87  387 99  HOH HOH A . 
J 7 HOH 88  388 14  HOH HOH A . 
J 7 HOH 89  389 162 HOH HOH A . 
J 7 HOH 90  390 41  HOH HOH A . 
J 7 HOH 91  391 34  HOH HOH A . 
J 7 HOH 92  392 89  HOH HOH A . 
J 7 HOH 93  393 142 HOH HOH A . 
J 7 HOH 94  394 88  HOH HOH A . 
J 7 HOH 95  395 148 HOH HOH A . 
J 7 HOH 96  396 93  HOH HOH A . 
J 7 HOH 97  397 146 HOH HOH A . 
J 7 HOH 98  398 13  HOH HOH A . 
J 7 HOH 99  399 44  HOH HOH A . 
J 7 HOH 100 400 110 HOH HOH A . 
J 7 HOH 101 401 107 HOH HOH A . 
J 7 HOH 102 402 48  HOH HOH A . 
J 7 HOH 103 403 18  HOH HOH A . 
J 7 HOH 104 404 85  HOH HOH A . 
J 7 HOH 105 405 155 HOH HOH A . 
J 7 HOH 106 406 3   HOH HOH A . 
J 7 HOH 107 407 90  HOH HOH A . 
J 7 HOH 108 408 2   HOH HOH A . 
J 7 HOH 109 409 129 HOH HOH A . 
J 7 HOH 110 410 1   HOH HOH A . 
J 7 HOH 111 411 24  HOH HOH A . 
J 7 HOH 112 412 147 HOH HOH A . 
J 7 HOH 113 413 73  HOH HOH A . 
J 7 HOH 114 414 101 HOH HOH A . 
J 7 HOH 115 415 117 HOH HOH A . 
J 7 HOH 116 416 120 HOH HOH A . 
J 7 HOH 117 417 82  HOH HOH A . 
J 7 HOH 118 418 116 HOH HOH A . 
J 7 HOH 119 419 71  HOH HOH A . 
J 7 HOH 120 420 130 HOH HOH A . 
J 7 HOH 121 421 31  HOH HOH A . 
J 7 HOH 122 422 163 HOH HOH A . 
J 7 HOH 123 423 115 HOH HOH A . 
J 7 HOH 124 424 104 HOH HOH A . 
J 7 HOH 125 425 6   HOH HOH A . 
J 7 HOH 126 426 80  HOH HOH A . 
J 7 HOH 127 427 105 HOH HOH A . 
J 7 HOH 128 428 39  HOH HOH A . 
J 7 HOH 129 429 108 HOH HOH A . 
J 7 HOH 130 430 137 HOH HOH A . 
J 7 HOH 131 431 125 HOH HOH A . 
J 7 HOH 132 432 69  HOH HOH A . 
J 7 HOH 133 433 54  HOH HOH A . 
J 7 HOH 134 434 77  HOH HOH A . 
J 7 HOH 135 435 84  HOH HOH A . 
J 7 HOH 136 436 49  HOH HOH A . 
J 7 HOH 137 437 98  HOH HOH A . 
J 7 HOH 138 438 156 HOH HOH A . 
J 7 HOH 139 439 78  HOH HOH A . 
J 7 HOH 140 440 83  HOH HOH A . 
J 7 HOH 141 441 124 HOH HOH A . 
J 7 HOH 142 442 37  HOH HOH A . 
J 7 HOH 143 443 132 HOH HOH A . 
J 7 HOH 144 444 150 HOH HOH A . 
J 7 HOH 145 445 100 HOH HOH A . 
J 7 HOH 146 446 122 HOH HOH A . 
J 7 HOH 147 447 72  HOH HOH A . 
J 7 HOH 148 448 133 HOH HOH A . 
J 7 HOH 149 449 143 HOH HOH A . 
J 7 HOH 150 450 79  HOH HOH A . 
J 7 HOH 151 451 136 HOH HOH A . 
J 7 HOH 152 452 102 HOH HOH A . 
J 7 HOH 153 453 109 HOH HOH A . 
J 7 HOH 154 454 131 HOH HOH A . 
J 7 HOH 155 455 119 HOH HOH A . 
J 7 HOH 156 456 111 HOH HOH A . 
# 
loop_
_software.citation_id 
_software.classification 
_software.compiler_name 
_software.compiler_version 
_software.contact_author 
_software.contact_author_email 
_software.date 
_software.description 
_software.dependencies 
_software.hardware 
_software.language 
_software.location 
_software.mods 
_software.name 
_software.os 
_software.os_version 
_software.type 
_software.version 
_software.pdbx_ordinal 
? 'data scaling'    ? ? ? ? ? ? ? ? ? ? ? Aimless     ? ? ? 0.7.4    1 
? refinement        ? ? ? ? ? ? ? ? ? ? ? REFMAC      ? ? ? 5.8.0267 2 
? 'data extraction' ? ? ? ? ? ? ? ? ? ? ? PDB_EXTRACT ? ? ? 3.27     3 
? 'data reduction'  ? ? ? ? ? ? ? ? ? ? ? XDS         ? ? ? .        4 
? phasing           ? ? ? ? ? ? ? ? ? ? ? PHASER      ? ? ? .        5 
# 
_cell.angle_alpha                  90.000 
_cell.angle_alpha_esd              ? 
_cell.angle_beta                   90.000 
_cell.angle_beta_esd               ? 
_cell.angle_gamma                  90.000 
_cell.angle_gamma_esd              ? 
_cell.entry_id                     7ORU 
_cell.details                      ? 
_cell.formula_units_Z              ? 
_cell.length_a                     106.775 
_cell.length_a_esd                 ? 
_cell.length_b                     106.775 
_cell.length_b_esd                 ? 
_cell.length_c                     106.775 
_cell.length_c_esd                 ? 
_cell.volume                       ? 
_cell.volume_esd                   ? 
_cell.Z_PDB                        24 
_cell.reciprocal_angle_alpha       ? 
_cell.reciprocal_angle_beta        ? 
_cell.reciprocal_angle_gamma       ? 
_cell.reciprocal_angle_alpha_esd   ? 
_cell.reciprocal_angle_beta_esd    ? 
_cell.reciprocal_angle_gamma_esd   ? 
_cell.reciprocal_length_a          ? 
_cell.reciprocal_length_b          ? 
_cell.reciprocal_length_c          ? 
_cell.reciprocal_length_a_esd      ? 
_cell.reciprocal_length_b_esd      ? 
_cell.reciprocal_length_c_esd      ? 
_cell.pdbx_unique_axis             ? 
# 
_symmetry.entry_id                         7ORU 
_symmetry.cell_setting                     ? 
_symmetry.Int_Tables_number                199 
_symmetry.space_group_name_Hall            ? 
_symmetry.space_group_name_H-M             'I 21 3' 
_symmetry.pdbx_full_space_group_name_H-M   ? 
# 
_exptl.absorpt_coefficient_mu     ? 
_exptl.absorpt_correction_T_max   ? 
_exptl.absorpt_correction_T_min   ? 
_exptl.absorpt_correction_type    ? 
_exptl.absorpt_process_details    ? 
_exptl.entry_id                   7ORU 
_exptl.crystals_number            1 
_exptl.details                    ? 
_exptl.method                     'X-RAY DIFFRACTION' 
_exptl.method_details             ? 
# 
_exptl_crystal.colour                      ? 
_exptl_crystal.density_diffrn              ? 
_exptl_crystal.density_Matthews            3.82 
_exptl_crystal.density_method              ? 
_exptl_crystal.density_percent_sol         67.79 
_exptl_crystal.description                 ? 
_exptl_crystal.F_000                       ? 
_exptl_crystal.id                          1 
_exptl_crystal.preparation                 ? 
_exptl_crystal.size_max                    ? 
_exptl_crystal.size_mid                    ? 
_exptl_crystal.size_min                    ? 
_exptl_crystal.size_rad                    ? 
_exptl_crystal.colour_lustre               ? 
_exptl_crystal.colour_modifier             ? 
_exptl_crystal.colour_primary              ? 
_exptl_crystal.density_meas                ? 
_exptl_crystal.density_meas_esd            ? 
_exptl_crystal.density_meas_gt             ? 
_exptl_crystal.density_meas_lt             ? 
_exptl_crystal.density_meas_temp           ? 
_exptl_crystal.density_meas_temp_esd       ? 
_exptl_crystal.density_meas_temp_gt        ? 
_exptl_crystal.density_meas_temp_lt        ? 
_exptl_crystal.pdbx_crystal_image_url      ? 
_exptl_crystal.pdbx_crystal_image_format   ? 
_exptl_crystal.pdbx_mosaicity              ? 
_exptl_crystal.pdbx_mosaicity_esd          ? 
# 
_exptl_crystal_grow.apparatus       ? 
_exptl_crystal_grow.atmosphere      ? 
_exptl_crystal_grow.crystal_id      1 
_exptl_crystal_grow.details         ? 
_exptl_crystal_grow.method          'VAPOR DIFFUSION, SITTING DROP' 
_exptl_crystal_grow.method_ref      ? 
_exptl_crystal_grow.pH              6.7 
_exptl_crystal_grow.pressure        ? 
_exptl_crystal_grow.pressure_esd    ? 
_exptl_crystal_grow.seeding         ? 
_exptl_crystal_grow.seeding_ref     ? 
_exptl_crystal_grow.temp            293 
_exptl_crystal_grow.temp_details    ? 
_exptl_crystal_grow.temp_esd        ? 
_exptl_crystal_grow.time            ? 
_exptl_crystal_grow.pdbx_details    
;Protein - 63 mg/mL in 50 mM Tris/HCl pH 8.0, 150 mM NaCl; precipitant (reservoir) - 0.1 M Bis-Tris/HCl pH 6.7, 2.4 M NaCl; 1:1, 1:2, 2:1 protein-to-precipitant ratios, 300 nL total drop volume. Soaking: reservoir solution, supplemented to 50 mM ligand, 5% (v/v) DMSO, 15% (v/v) glycerol; 2 h, 293K.
;
_exptl_crystal_grow.pdbx_pH_range   ? 
# 
_diffrn.ambient_environment              ? 
_diffrn.ambient_temp                     100 
_diffrn.ambient_temp_details             ? 
_diffrn.ambient_temp_esd                 ? 
_diffrn.crystal_id                       1 
_diffrn.crystal_support                  ? 
_diffrn.crystal_treatment                ? 
_diffrn.details                          ? 
_diffrn.id                               1 
_diffrn.ambient_pressure                 ? 
_diffrn.ambient_pressure_esd             ? 
_diffrn.ambient_pressure_gt              ? 
_diffrn.ambient_pressure_lt              ? 
_diffrn.ambient_temp_gt                  ? 
_diffrn.ambient_temp_lt                  ? 
_diffrn.pdbx_serial_crystal_experiment   N 
# 
_diffrn_detector.details                      ? 
_diffrn_detector.detector                     PIXEL 
_diffrn_detector.diffrn_id                    1 
_diffrn_detector.type                         'DECTRIS EIGER X 16M' 
_diffrn_detector.area_resol_mean              ? 
_diffrn_detector.dtime                        ? 
_diffrn_detector.pdbx_frames_total            ? 
_diffrn_detector.pdbx_collection_time_total   ? 
_diffrn_detector.pdbx_collection_date         2020-11-06 
_diffrn_detector.pdbx_frequency               ? 
# 
_diffrn_radiation.collimation                      ? 
_diffrn_radiation.diffrn_id                        1 
_diffrn_radiation.filter_edge                      ? 
_diffrn_radiation.inhomogeneity                    ? 
_diffrn_radiation.monochromator                    ? 
_diffrn_radiation.polarisn_norm                    ? 
_diffrn_radiation.polarisn_ratio                   ? 
_diffrn_radiation.probe                            ? 
_diffrn_radiation.type                             ? 
_diffrn_radiation.xray_symbol                      ? 
_diffrn_radiation.wavelength_id                    1 
_diffrn_radiation.pdbx_monochromatic_or_laue_m_l   M 
_diffrn_radiation.pdbx_wavelength_list             ? 
_diffrn_radiation.pdbx_wavelength                  ? 
_diffrn_radiation.pdbx_diffrn_protocol             'SINGLE WAVELENGTH' 
_diffrn_radiation.pdbx_analyzer                    ? 
_diffrn_radiation.pdbx_scattering_type             x-ray 
# 
_diffrn_radiation_wavelength.id           1 
_diffrn_radiation_wavelength.wavelength   0.979 
_diffrn_radiation_wavelength.wt           1.0 
# 
_diffrn_source.current                     ? 
_diffrn_source.details                     ? 
_diffrn_source.diffrn_id                   1 
_diffrn_source.power                       ? 
_diffrn_source.size                        ? 
_diffrn_source.source                      SYNCHROTRON 
_diffrn_source.target                      ? 
_diffrn_source.type                        'MAX IV BEAMLINE BioMAX' 
_diffrn_source.voltage                     ? 
_diffrn_source.take-off_angle              ? 
_diffrn_source.pdbx_wavelength_list        0.979 
_diffrn_source.pdbx_wavelength             ? 
_diffrn_source.pdbx_synchrotron_beamline   BioMAX 
_diffrn_source.pdbx_synchrotron_site       'MAX IV' 
# 
_reflns.B_iso_Wilson_estimate                          ? 
_reflns.entry_id                                       7ORU 
_reflns.data_reduction_details                         ? 
_reflns.data_reduction_method                          ? 
_reflns.d_resolution_high                              1.670 
_reflns.d_resolution_low                               37.8 
_reflns.details                                        ? 
_reflns.limit_h_max                                    ? 
_reflns.limit_h_min                                    ? 
_reflns.limit_k_max                                    ? 
_reflns.limit_k_min                                    ? 
_reflns.limit_l_max                                    ? 
_reflns.limit_l_min                                    ? 
_reflns.number_all                                     ? 
_reflns.number_obs                                     23619 
_reflns.observed_criterion                             ? 
_reflns.observed_criterion_F_max                       ? 
_reflns.observed_criterion_F_min                       ? 
_reflns.observed_criterion_I_max                       ? 
_reflns.observed_criterion_I_min                       ? 
_reflns.observed_criterion_sigma_F                     ? 
_reflns.observed_criterion_sigma_I                     ? 
_reflns.percent_possible_obs                           100.000 
_reflns.R_free_details                                 ? 
_reflns.Rmerge_F_all                                   ? 
_reflns.Rmerge_F_obs                                   ? 
_reflns.Friedel_coverage                               ? 
_reflns.number_gt                                      ? 
_reflns.threshold_expression                           ? 
_reflns.pdbx_redundancy                                28.600 
_reflns.pdbx_Rmerge_I_obs                              0.071 
_reflns.pdbx_Rmerge_I_all                              ? 
_reflns.pdbx_Rsym_value                                ? 
_reflns.pdbx_netI_over_av_sigmaI                       ? 
_reflns.pdbx_netI_over_sigmaI                          27.300 
_reflns.pdbx_res_netI_over_av_sigmaI_2                 ? 
_reflns.pdbx_res_netI_over_sigmaI_2                    ? 
_reflns.pdbx_chi_squared                               ? 
_reflns.pdbx_scaling_rejects                           ? 
_reflns.pdbx_d_res_high_opt                            ? 
_reflns.pdbx_d_res_low_opt                             ? 
_reflns.pdbx_d_res_opt_method                          ? 
_reflns.phase_calculation_details                      ? 
_reflns.pdbx_Rrim_I_all                                0.072 
_reflns.pdbx_Rpim_I_all                                0.012 
_reflns.pdbx_d_opt                                     ? 
_reflns.pdbx_number_measured_all                       ? 
_reflns.pdbx_diffrn_id                                 1 
_reflns.pdbx_ordinal                                   1 
_reflns.pdbx_CC_half                                   1.000 
_reflns.pdbx_CC_star                                   ? 
_reflns.pdbx_R_split                                   ? 
_reflns.pdbx_aniso_diffraction_limit_axis_1_ortho[1]   ? 
_reflns.pdbx_aniso_diffraction_limit_axis_1_ortho[2]   ? 
_reflns.pdbx_aniso_diffraction_limit_axis_1_ortho[3]   ? 
_reflns.pdbx_aniso_diffraction_limit_axis_2_ortho[1]   ? 
_reflns.pdbx_aniso_diffraction_limit_axis_2_ortho[2]   ? 
_reflns.pdbx_aniso_diffraction_limit_axis_2_ortho[3]   ? 
_reflns.pdbx_aniso_diffraction_limit_axis_3_ortho[1]   ? 
_reflns.pdbx_aniso_diffraction_limit_axis_3_ortho[2]   ? 
_reflns.pdbx_aniso_diffraction_limit_axis_3_ortho[3]   ? 
_reflns.pdbx_aniso_diffraction_limit_1                 ? 
_reflns.pdbx_aniso_diffraction_limit_2                 ? 
_reflns.pdbx_aniso_diffraction_limit_3                 ? 
_reflns.pdbx_aniso_B_tensor_eigenvector_1_ortho[1]     ? 
_reflns.pdbx_aniso_B_tensor_eigenvector_1_ortho[2]     ? 
_reflns.pdbx_aniso_B_tensor_eigenvector_1_ortho[3]     ? 
_reflns.pdbx_aniso_B_tensor_eigenvector_2_ortho[1]     ? 
_reflns.pdbx_aniso_B_tensor_eigenvector_2_ortho[2]     ? 
_reflns.pdbx_aniso_B_tensor_eigenvector_2_ortho[3]     ? 
_reflns.pdbx_aniso_B_tensor_eigenvector_3_ortho[1]     ? 
_reflns.pdbx_aniso_B_tensor_eigenvector_3_ortho[2]     ? 
_reflns.pdbx_aniso_B_tensor_eigenvector_3_ortho[3]     ? 
_reflns.pdbx_aniso_B_tensor_eigenvalue_1               ? 
_reflns.pdbx_aniso_B_tensor_eigenvalue_2               ? 
_reflns.pdbx_aniso_B_tensor_eigenvalue_3               ? 
_reflns.pdbx_orthogonalization_convention              ? 
_reflns.pdbx_percent_possible_ellipsoidal              ? 
_reflns.pdbx_percent_possible_spherical                ? 
_reflns.pdbx_percent_possible_ellipsoidal_anomalous    ? 
_reflns.pdbx_percent_possible_spherical_anomalous      ? 
_reflns.pdbx_redundancy_anomalous                      ? 
_reflns.pdbx_CC_half_anomalous                         ? 
_reflns.pdbx_absDiff_over_sigma_anomalous              ? 
_reflns.pdbx_percent_possible_anomalous                ? 
_reflns.pdbx_observed_signal_threshold                 ? 
_reflns.pdbx_signal_type                               ? 
_reflns.pdbx_signal_details                            ? 
_reflns.pdbx_signal_software_id                        ? 
# 
loop_
_reflns_shell.d_res_high 
_reflns_shell.d_res_low 
_reflns_shell.meanI_over_sigI_all 
_reflns_shell.meanI_over_sigI_obs 
_reflns_shell.number_measured_all 
_reflns_shell.number_measured_obs 
_reflns_shell.number_possible 
_reflns_shell.number_unique_all 
_reflns_shell.number_unique_obs 
_reflns_shell.percent_possible_all 
_reflns_shell.percent_possible_obs 
_reflns_shell.Rmerge_F_all 
_reflns_shell.Rmerge_F_obs 
_reflns_shell.Rmerge_I_all 
_reflns_shell.Rmerge_I_obs 
_reflns_shell.meanI_over_sigI_gt 
_reflns_shell.meanI_over_uI_all 
_reflns_shell.meanI_over_uI_gt 
_reflns_shell.number_measured_gt 
_reflns_shell.number_unique_gt 
_reflns_shell.percent_possible_gt 
_reflns_shell.Rmerge_F_gt 
_reflns_shell.Rmerge_I_gt 
_reflns_shell.pdbx_redundancy 
_reflns_shell.pdbx_Rsym_value 
_reflns_shell.pdbx_chi_squared 
_reflns_shell.pdbx_netI_over_sigmaI_all 
_reflns_shell.pdbx_netI_over_sigmaI_obs 
_reflns_shell.pdbx_Rrim_I_all 
_reflns_shell.pdbx_Rpim_I_all 
_reflns_shell.pdbx_rejects 
_reflns_shell.pdbx_ordinal 
_reflns_shell.pdbx_diffrn_id 
_reflns_shell.pdbx_CC_half 
_reflns_shell.pdbx_CC_star 
_reflns_shell.pdbx_R_split 
_reflns_shell.pdbx_percent_possible_ellipsoidal 
_reflns_shell.pdbx_percent_possible_spherical 
_reflns_shell.pdbx_percent_possible_ellipsoidal_anomalous 
_reflns_shell.pdbx_percent_possible_spherical_anomalous 
_reflns_shell.pdbx_redundancy_anomalous 
_reflns_shell.pdbx_CC_half_anomalous 
_reflns_shell.pdbx_absDiff_over_sigma_anomalous 
_reflns_shell.pdbx_percent_possible_anomalous 
1.670 1.700  ? ? 12343 ? ? ? 1205 99.700 ? ? ? ? 1.570 ? ? ? ? ? ? ? ? 10.200 ? ? ? 1.300  1.653 0.503 ? 1 1 0.506 ? ? ? ? ? ? ? ? 
? ? 
9.000 37.750 ? ? 5070  ? ? ? 174  98.700 ? ? ? ? 0.043 ? ? ? ? ? ? ? ? 29.100 ? ? ? 81.100 0.043 0.008 ? 2 1 0.998 ? ? ? ? ? ? ? ? 
? ? 
# 
_refine.aniso_B[1][1]                            0.0000 
_refine.aniso_B[1][2]                            0.0000 
_refine.aniso_B[1][3]                            0.0000 
_refine.aniso_B[2][2]                            0.0000 
_refine.aniso_B[2][3]                            0.0000 
_refine.aniso_B[3][3]                            0.0000 
_refine.B_iso_max                                91.480 
_refine.B_iso_mean                               32.7240 
_refine.B_iso_min                                23.310 
_refine.correlation_coeff_Fo_to_Fc               0.9750 
_refine.correlation_coeff_Fo_to_Fc_free          0.9720 
_refine.details                                  
'HYDROGENS HAVE BEEN ADDED IN THE RIDING POSITIONS U VALUES      : REFINED INDIVIDUALLY' 
_refine.diff_density_max                         ? 
_refine.diff_density_max_esd                     ? 
_refine.diff_density_min                         ? 
_refine.diff_density_min_esd                     ? 
_refine.diff_density_rms                         ? 
_refine.diff_density_rms_esd                     ? 
_refine.entry_id                                 7ORU 
_refine.pdbx_refine_id                           'X-RAY DIFFRACTION' 
_refine.ls_abs_structure_details                 ? 
_refine.ls_abs_structure_Flack                   ? 
_refine.ls_abs_structure_Flack_esd               ? 
_refine.ls_abs_structure_Rogers                  ? 
_refine.ls_abs_structure_Rogers_esd              ? 
_refine.ls_d_res_high                            1.6700 
_refine.ls_d_res_low                             37.78 
_refine.ls_extinction_coef                       ? 
_refine.ls_extinction_coef_esd                   ? 
_refine.ls_extinction_expression                 ? 
_refine.ls_extinction_method                     ? 
_refine.ls_goodness_of_fit_all                   ? 
_refine.ls_goodness_of_fit_all_esd               ? 
_refine.ls_goodness_of_fit_obs                   ? 
_refine.ls_goodness_of_fit_obs_esd               ? 
_refine.ls_hydrogen_treatment                    ? 
_refine.ls_matrix_type                           ? 
_refine.ls_number_constraints                    ? 
_refine.ls_number_parameters                     ? 
_refine.ls_number_reflns_all                     ? 
_refine.ls_number_reflns_obs                     22432 
_refine.ls_number_reflns_R_free                  1184 
_refine.ls_number_reflns_R_work                  ? 
_refine.ls_number_restraints                     ? 
_refine.ls_percent_reflns_obs                    99.9700 
_refine.ls_percent_reflns_R_free                 5.0000 
_refine.ls_R_factor_all                          ? 
_refine.ls_R_factor_obs                          0.1611 
_refine.ls_R_factor_R_free                       0.1717 
_refine.ls_R_factor_R_free_error                 ? 
_refine.ls_R_factor_R_free_error_details         ? 
_refine.ls_R_factor_R_work                       0.1605 
_refine.ls_R_Fsqd_factor_obs                     ? 
_refine.ls_R_I_factor_obs                        ? 
_refine.ls_redundancy_reflns_all                 ? 
_refine.ls_redundancy_reflns_obs                 ? 
_refine.ls_restrained_S_all                      ? 
_refine.ls_restrained_S_obs                      ? 
_refine.ls_shift_over_esd_max                    ? 
_refine.ls_shift_over_esd_mean                   ? 
_refine.ls_structure_factor_coef                 ? 
_refine.ls_weighting_details                     ? 
_refine.ls_weighting_scheme                      ? 
_refine.ls_wR_factor_all                         ? 
_refine.ls_wR_factor_obs                         ? 
_refine.ls_wR_factor_R_free                      ? 
_refine.ls_wR_factor_R_work                      ? 
_refine.occupancy_max                            ? 
_refine.occupancy_min                            ? 
_refine.solvent_model_details                    MASK 
_refine.solvent_model_param_bsol                 ? 
_refine.solvent_model_param_ksol                 ? 
_refine.pdbx_R_complete                          ? 
_refine.ls_R_factor_gt                           ? 
_refine.ls_goodness_of_fit_gt                    ? 
_refine.ls_goodness_of_fit_ref                   ? 
_refine.ls_shift_over_su_max                     ? 
_refine.ls_shift_over_su_max_lt                  ? 
_refine.ls_shift_over_su_mean                    ? 
_refine.ls_shift_over_su_mean_lt                 ? 
_refine.pdbx_ls_sigma_I                          ? 
_refine.pdbx_ls_sigma_F                          0.000 
_refine.pdbx_ls_sigma_Fsqd                       ? 
_refine.pdbx_data_cutoff_high_absF               ? 
_refine.pdbx_data_cutoff_high_rms_absF           ? 
_refine.pdbx_data_cutoff_low_absF                ? 
_refine.pdbx_isotropic_thermal_model             ? 
_refine.pdbx_ls_cross_valid_method               THROUGHOUT 
_refine.pdbx_method_to_determine_struct          'MOLECULAR REPLACEMENT' 
_refine.pdbx_starting_model                      6ZPE 
_refine.pdbx_stereochemistry_target_values       'MAXIMUM LIKELIHOOD' 
_refine.pdbx_R_Free_selection_details            RANDOM 
_refine.pdbx_stereochem_target_val_spec_case     ? 
_refine.pdbx_overall_ESU_R                       0.0670 
_refine.pdbx_overall_ESU_R_Free                  0.0650 
_refine.pdbx_solvent_vdw_probe_radii             1.2000 
_refine.pdbx_solvent_ion_probe_radii             0.8000 
_refine.pdbx_solvent_shrinkage_radii             0.8000 
_refine.pdbx_real_space_R                        ? 
_refine.pdbx_density_correlation                 ? 
_refine.pdbx_pd_number_of_powder_patterns        ? 
_refine.pdbx_pd_number_of_points                 ? 
_refine.pdbx_pd_meas_number_of_points            ? 
_refine.pdbx_pd_proc_ls_prof_R_factor            ? 
_refine.pdbx_pd_proc_ls_prof_wR_factor           ? 
_refine.pdbx_pd_Marquardt_correlation_coeff      ? 
_refine.pdbx_pd_Fsqrd_R_factor                   ? 
_refine.pdbx_pd_ls_matrix_band_width             ? 
_refine.pdbx_overall_phase_error                 ? 
_refine.pdbx_overall_SU_R_free_Cruickshank_DPI   ? 
_refine.pdbx_overall_SU_R_free_Blow_DPI          ? 
_refine.pdbx_overall_SU_R_Blow_DPI               ? 
_refine.pdbx_TLS_residual_ADP_flag               ? 
_refine.pdbx_diffrn_id                           1 
_refine.overall_SU_B                             1.3950 
_refine.overall_SU_ML                            0.0450 
_refine.overall_SU_R_Cruickshank_DPI             ? 
_refine.overall_SU_R_free                        ? 
_refine.overall_FOM_free_R_set                   ? 
_refine.overall_FOM_work_R_set                   ? 
_refine.pdbx_average_fsc_overall                 ? 
_refine.pdbx_average_fsc_work                    ? 
_refine.pdbx_average_fsc_free                    ? 
# 
_refine_hist.pdbx_refine_id                   'X-RAY DIFFRACTION' 
_refine_hist.cycle_id                         final 
_refine_hist.details                          ? 
_refine_hist.d_res_high                       1.6700 
_refine_hist.d_res_low                        37.78 
_refine_hist.number_atoms_solvent             156 
_refine_hist.number_atoms_total               1094 
_refine_hist.number_reflns_all                ? 
_refine_hist.number_reflns_obs                ? 
_refine_hist.number_reflns_R_free             ? 
_refine_hist.number_reflns_R_work             ? 
_refine_hist.R_factor_all                     ? 
_refine_hist.R_factor_obs                     ? 
_refine_hist.R_factor_R_free                  ? 
_refine_hist.R_factor_R_work                  ? 
_refine_hist.pdbx_number_residues_total       124 
_refine_hist.pdbx_B_iso_mean_ligand           41.47 
_refine_hist.pdbx_B_iso_mean_solvent          45.23 
_refine_hist.pdbx_number_atoms_protein        909 
_refine_hist.pdbx_number_atoms_nucleic_acid   0 
_refine_hist.pdbx_number_atoms_ligand         29 
_refine_hist.pdbx_number_atoms_lipid          ? 
_refine_hist.pdbx_number_atoms_carb           ? 
_refine_hist.pdbx_pseudo_atom_details         ? 
# 
loop_
_refine_ls_restr.pdbx_refine_id 
_refine_ls_restr.criterion 
_refine_ls_restr.dev_ideal 
_refine_ls_restr.dev_ideal_target 
_refine_ls_restr.number 
_refine_ls_restr.rejects 
_refine_ls_restr.type 
_refine_ls_restr.weight 
_refine_ls_restr.pdbx_restraint_function 
'X-RAY DIFFRACTION' ? 0.006  0.013  957  ? r_bond_refined_d       ? ? 
'X-RAY DIFFRACTION' ? 0.001  0.017  873  ? r_bond_other_d         ? ? 
'X-RAY DIFFRACTION' ? 1.379  1.646  1296 ? r_angle_refined_deg    ? ? 
'X-RAY DIFFRACTION' ? 1.396  1.579  2021 ? r_angle_other_deg      ? ? 
'X-RAY DIFFRACTION' ? 6.155  5.000  125  ? r_dihedral_angle_1_deg ? ? 
'X-RAY DIFFRACTION' ? 31.681 24.706 34   ? r_dihedral_angle_2_deg ? ? 
'X-RAY DIFFRACTION' ? 10.195 15.000 146  ? r_dihedral_angle_3_deg ? ? 
'X-RAY DIFFRACTION' ? 1.878  15.000 1    ? r_dihedral_angle_4_deg ? ? 
'X-RAY DIFFRACTION' ? 0.065  0.200  129  ? r_chiral_restr         ? ? 
'X-RAY DIFFRACTION' ? 0.006  0.020  1087 ? r_gen_planes_refined   ? ? 
'X-RAY DIFFRACTION' ? 0.001  0.020  208  ? r_gen_planes_other     ? ? 
# 
_refine_ls_shell.pdbx_refine_id                   'X-RAY DIFFRACTION' 
_refine_ls_shell.d_res_high                       1.6700 
_refine_ls_shell.d_res_low                        1.7140 
_refine_ls_shell.number_reflns_all                1738 
_refine_ls_shell.number_reflns_obs                ? 
_refine_ls_shell.number_reflns_R_free             103 
_refine_ls_shell.number_reflns_R_work             1635 
_refine_ls_shell.percent_reflns_obs               99.7100 
_refine_ls_shell.percent_reflns_R_free            ? 
_refine_ls_shell.R_factor_all                     ? 
_refine_ls_shell.R_factor_obs                     ? 
_refine_ls_shell.R_factor_R_free                  0.2890 
_refine_ls_shell.R_factor_R_free_error            0.0000 
_refine_ls_shell.R_factor_R_work                  0.2800 
_refine_ls_shell.redundancy_reflns_all            ? 
_refine_ls_shell.redundancy_reflns_obs            ? 
_refine_ls_shell.wR_factor_all                    ? 
_refine_ls_shell.wR_factor_obs                    ? 
_refine_ls_shell.wR_factor_R_free                 ? 
_refine_ls_shell.wR_factor_R_work                 ? 
_refine_ls_shell.pdbx_R_complete                  ? 
_refine_ls_shell.pdbx_total_number_of_bins_used   20 
_refine_ls_shell.pdbx_phase_error                 ? 
_refine_ls_shell.pdbx_fsc_work                    ? 
_refine_ls_shell.pdbx_fsc_free                    ? 
# 
_struct.entry_id                     7ORU 
_struct.title                        'Non-structural protein 10 (nsp10) from SARS CoV-2 in complex with fragment VT00221' 
_struct.pdbx_model_details           ? 
_struct.pdbx_formula_weight          ? 
_struct.pdbx_formula_weight_method   ? 
_struct.pdbx_model_type_details      ? 
_struct.pdbx_CASP_flag               N 
# 
_struct_keywords.entry_id        7ORU 
_struct_keywords.text            'Fragment, complex, small molecule, VIRAL PROTEIN' 
_struct_keywords.pdbx_keywords   'VIRAL PROTEIN' 
# 
loop_
_struct_asym.id 
_struct_asym.pdbx_blank_PDB_chainid_flag 
_struct_asym.pdbx_modified 
_struct_asym.entity_id 
_struct_asym.details 
A N N 1 ? 
B N N 2 ? 
C N N 2 ? 
D N N 3 ? 
E N N 4 ? 
F N N 3 ? 
G N N 5 ? 
H N N 6 ? 
I N N 6 ? 
J N N 7 ? 
# 
_struct_ref.id                         1 
_struct_ref.db_name                    UNP 
_struct_ref.db_code                    R1AB_SARS2 
_struct_ref.pdbx_db_accession          P0DTD1 
_struct_ref.pdbx_db_isoform            ? 
_struct_ref.entity_id                  1 
_struct_ref.pdbx_seq_one_letter_code   
;NSTVLSFCAFAVDAAKAYKDYLASGGQPITNCVKMLCTHTGTGQAITVTPEANMDQESFGGASCCLYCRCHIDHPNPKGF
CDLKGKYVQIPTTCANDPVGFTLKNTVCTVCGMWKGYGCSCD
;
_struct_ref.pdbx_align_begin           4263 
# 
_struct_ref_seq.align_id                      1 
_struct_ref_seq.ref_id                        1 
_struct_ref_seq.pdbx_PDB_id_code              7ORU 
_struct_ref_seq.pdbx_strand_id                A 
_struct_ref_seq.seq_align_beg                 4 
_struct_ref_seq.pdbx_seq_align_beg_ins_code   ? 
_struct_ref_seq.seq_align_end                 125 
_struct_ref_seq.pdbx_seq_align_end_ins_code   ? 
_struct_ref_seq.pdbx_db_accession             P0DTD1 
_struct_ref_seq.db_align_beg                  4263 
_struct_ref_seq.pdbx_db_align_beg_ins_code    ? 
_struct_ref_seq.db_align_end                  4384 
_struct_ref_seq.pdbx_db_align_end_ins_code    ? 
_struct_ref_seq.pdbx_auth_seq_align_beg       10 
_struct_ref_seq.pdbx_auth_seq_align_end       131 
# 
loop_
_struct_ref_seq_dif.align_id 
_struct_ref_seq_dif.pdbx_pdb_id_code 
_struct_ref_seq_dif.mon_id 
_struct_ref_seq_dif.pdbx_pdb_strand_id 
_struct_ref_seq_dif.seq_num 
_struct_ref_seq_dif.pdbx_pdb_ins_code 
_struct_ref_seq_dif.pdbx_seq_db_name 
_struct_ref_seq_dif.pdbx_seq_db_accession_code 
_struct_ref_seq_dif.db_mon_id 
_struct_ref_seq_dif.pdbx_seq_db_seq_num 
_struct_ref_seq_dif.details 
_struct_ref_seq_dif.pdbx_auth_seq_num 
_struct_ref_seq_dif.pdbx_ordinal 
1 7ORU THR A 1 ? UNP P0DTD1 ? ? 'expression tag' 7 1 
1 7ORU MET A 2 ? UNP P0DTD1 ? ? 'expression tag' 8 2 
1 7ORU GLY A 3 ? UNP P0DTD1 ? ? 'expression tag' 9 3 
# 
_pdbx_struct_assembly.id                   1 
_pdbx_struct_assembly.details              author_and_software_defined_assembly 
_pdbx_struct_assembly.method_details       PISA 
_pdbx_struct_assembly.oligomeric_details   monomeric 
_pdbx_struct_assembly.oligomeric_count     1 
# 
loop_
_pdbx_struct_assembly_prop.biol_id 
_pdbx_struct_assembly_prop.type 
_pdbx_struct_assembly_prop.value 
_pdbx_struct_assembly_prop.details 
1 'ABSA (A^2)' 960  ? 
1 MORE         -13  ? 
1 'SSA (A^2)'  7340 ? 
# 
_pdbx_struct_assembly_gen.assembly_id       1 
_pdbx_struct_assembly_gen.oper_expression   1 
_pdbx_struct_assembly_gen.asym_id_list      A,B,C,D,E,F,G,H,I,J 
# 
loop_
_pdbx_struct_assembly_auth_evidence.id 
_pdbx_struct_assembly_auth_evidence.assembly_id 
_pdbx_struct_assembly_auth_evidence.experimental_support 
_pdbx_struct_assembly_auth_evidence.details 
1 1 'gel filtration'             'mix of monomer and dimer'                
2 1 'equilibrium centrifugation' 'mix of monomer and dimer. Monomer >75%.' 
# 
_pdbx_struct_oper_list.id                   1 
_pdbx_struct_oper_list.type                 'identity operation' 
_pdbx_struct_oper_list.name                 1_555 
_pdbx_struct_oper_list.symmetry_operation   x,y,z 
_pdbx_struct_oper_list.matrix[1][1]         1.0000000000 
_pdbx_struct_oper_list.matrix[1][2]         0.0000000000 
_pdbx_struct_oper_list.matrix[1][3]         0.0000000000 
_pdbx_struct_oper_list.vector[1]            0.0000000000 
_pdbx_struct_oper_list.matrix[2][1]         0.0000000000 
_pdbx_struct_oper_list.matrix[2][2]         1.0000000000 
_pdbx_struct_oper_list.matrix[2][3]         0.0000000000 
_pdbx_struct_oper_list.vector[2]            0.0000000000 
_pdbx_struct_oper_list.matrix[3][1]         0.0000000000 
_pdbx_struct_oper_list.matrix[3][2]         0.0000000000 
_pdbx_struct_oper_list.matrix[3][3]         1.0000000000 
_pdbx_struct_oper_list.vector[3]            0.0000000000 
# 
loop_
_struct_conf.conf_type_id 
_struct_conf.id 
_struct_conf.pdbx_PDB_helix_id 
_struct_conf.beg_label_comp_id 
_struct_conf.beg_label_asym_id 
_struct_conf.beg_label_seq_id 
_struct_conf.pdbx_beg_PDB_ins_code 
_struct_conf.end_label_comp_id 
_struct_conf.end_label_asym_id 
_struct_conf.end_label_seq_id 
_struct_conf.pdbx_end_PDB_ins_code 
_struct_conf.beg_auth_comp_id 
_struct_conf.beg_auth_asym_id 
_struct_conf.beg_auth_seq_id 
_struct_conf.end_auth_comp_id 
_struct_conf.end_auth_asym_id 
_struct_conf.end_auth_seq_id 
_struct_conf.pdbx_PDB_helix_class 
_struct_conf.details 
_struct_conf.pdbx_PDB_helix_length 
HELX_P HELX_P1 AA1 GLY A 3   ? ALA A 14  ? GLY A 9   ALA A 20  1 ? 12 
HELX_P HELX_P2 AA2 ASP A 16  ? SER A 27  ? ASP A 22  SER A 33  1 ? 12 
HELX_P HELX_P3 AA3 ALA A 65  ? CYS A 67  ? ALA A 71  CYS A 73  5 ? 3  
HELX_P HELX_P4 AA4 CYS A 68  ? CYS A 73  ? CYS A 74  CYS A 79  1 ? 6  
HELX_P HELX_P5 AA5 THR A 96  ? ALA A 98  ? THR A 102 ALA A 104 5 ? 3  
HELX_P HELX_P6 AA6 ASP A 100 ? ASN A 108 ? ASP A 106 ASN A 114 1 ? 9  
# 
_struct_conf_type.id          HELX_P 
_struct_conf_type.criteria    ? 
_struct_conf_type.reference   ? 
# 
loop_
_struct_conn.id 
_struct_conn.conn_type_id 
_struct_conn.pdbx_leaving_atom_flag 
_struct_conn.pdbx_PDB_id 
_struct_conn.ptnr1_label_asym_id 
_struct_conn.ptnr1_label_comp_id 
_struct_conn.ptnr1_label_seq_id 
_struct_conn.ptnr1_label_atom_id 
_struct_conn.pdbx_ptnr1_label_alt_id 
_struct_conn.pdbx_ptnr1_PDB_ins_code 
_struct_conn.pdbx_ptnr1_standard_comp_id 
_struct_conn.ptnr1_symmetry 
_struct_conn.ptnr2_label_asym_id 
_struct_conn.ptnr2_label_comp_id 
_struct_conn.ptnr2_label_seq_id 
_struct_conn.ptnr2_label_atom_id 
_struct_conn.pdbx_ptnr2_label_alt_id 
_struct_conn.pdbx_ptnr2_PDB_ins_code 
_struct_conn.ptnr1_auth_asym_id 
_struct_conn.ptnr1_auth_comp_id 
_struct_conn.ptnr1_auth_seq_id 
_struct_conn.ptnr2_auth_asym_id 
_struct_conn.ptnr2_auth_comp_id 
_struct_conn.ptnr2_auth_seq_id 
_struct_conn.ptnr2_symmetry 
_struct_conn.pdbx_ptnr3_label_atom_id 
_struct_conn.pdbx_ptnr3_label_seq_id 
_struct_conn.pdbx_ptnr3_label_comp_id 
_struct_conn.pdbx_ptnr3_label_asym_id 
_struct_conn.pdbx_ptnr3_label_alt_id 
_struct_conn.pdbx_ptnr3_PDB_ins_code 
_struct_conn.details 
_struct_conn.pdbx_dist_value 
_struct_conn.pdbx_value_order 
_struct_conn.pdbx_role 
metalc1 metalc ? ? A CYS 68  SG  ? ? ? 1_555 B ZN . ZN ? ? A CYS 74  A ZN 201 1_555 ? ? ? ? ? ? ? 2.327 ? ? 
metalc2 metalc ? ? A CYS 71  SG  ? ? ? 1_555 B ZN . ZN ? ? A CYS 77  A ZN 201 1_555 ? ? ? ? ? ? ? 2.259 ? ? 
metalc3 metalc ? ? A HIS 77  NE2 ? ? ? 1_555 B ZN . ZN ? ? A HIS 83  A ZN 201 1_555 ? ? ? ? ? ? ? 2.101 ? ? 
metalc4 metalc ? ? A CYS 84  SG  ? ? ? 1_555 B ZN . ZN ? ? A CYS 90  A ZN 201 1_555 ? ? ? ? ? ? ? 2.332 ? ? 
metalc5 metalc ? ? A CYS 111 SG  ? ? ? 1_555 C ZN . ZN ? ? A CYS 117 A ZN 202 1_555 ? ? ? ? ? ? ? 2.190 ? ? 
metalc6 metalc ? ? A CYS 114 SG  ? ? ? 1_555 C ZN . ZN ? ? A CYS 120 A ZN 202 1_555 ? ? ? ? ? ? ? 2.359 ? ? 
metalc7 metalc ? ? A CYS 122 SG  ? ? ? 1_555 C ZN . ZN ? ? A CYS 128 A ZN 202 1_555 ? ? ? ? ? ? ? 2.232 ? ? 
metalc8 metalc ? ? A CYS 124 SG  ? ? ? 1_555 C ZN . ZN ? ? A CYS 130 A ZN 202 1_555 ? ? ? ? ? ? ? 2.428 ? ? 
# 
_struct_conn_type.id          metalc 
_struct_conn_type.criteria    ? 
_struct_conn_type.reference   ? 
# 
loop_
_pdbx_struct_conn_angle.id 
_pdbx_struct_conn_angle.ptnr1_label_atom_id 
_pdbx_struct_conn_angle.ptnr1_label_alt_id 
_pdbx_struct_conn_angle.ptnr1_label_asym_id 
_pdbx_struct_conn_angle.ptnr1_label_comp_id 
_pdbx_struct_conn_angle.ptnr1_label_seq_id 
_pdbx_struct_conn_angle.ptnr1_auth_atom_id 
_pdbx_struct_conn_angle.ptnr1_auth_asym_id 
_pdbx_struct_conn_angle.ptnr1_auth_comp_id 
_pdbx_struct_conn_angle.ptnr1_auth_seq_id 
_pdbx_struct_conn_angle.ptnr1_PDB_ins_code 
_pdbx_struct_conn_angle.ptnr1_symmetry 
_pdbx_struct_conn_angle.ptnr2_label_atom_id 
_pdbx_struct_conn_angle.ptnr2_label_alt_id 
_pdbx_struct_conn_angle.ptnr2_label_asym_id 
_pdbx_struct_conn_angle.ptnr2_label_comp_id 
_pdbx_struct_conn_angle.ptnr2_label_seq_id 
_pdbx_struct_conn_angle.ptnr2_auth_atom_id 
_pdbx_struct_conn_angle.ptnr2_auth_asym_id 
_pdbx_struct_conn_angle.ptnr2_auth_comp_id 
_pdbx_struct_conn_angle.ptnr2_auth_seq_id 
_pdbx_struct_conn_angle.ptnr2_PDB_ins_code 
_pdbx_struct_conn_angle.ptnr2_symmetry 
_pdbx_struct_conn_angle.ptnr3_label_atom_id 
_pdbx_struct_conn_angle.ptnr3_label_alt_id 
_pdbx_struct_conn_angle.ptnr3_label_asym_id 
_pdbx_struct_conn_angle.ptnr3_label_comp_id 
_pdbx_struct_conn_angle.ptnr3_label_seq_id 
_pdbx_struct_conn_angle.ptnr3_auth_atom_id 
_pdbx_struct_conn_angle.ptnr3_auth_asym_id 
_pdbx_struct_conn_angle.ptnr3_auth_comp_id 
_pdbx_struct_conn_angle.ptnr3_auth_seq_id 
_pdbx_struct_conn_angle.ptnr3_PDB_ins_code 
_pdbx_struct_conn_angle.ptnr3_symmetry 
_pdbx_struct_conn_angle.value 
_pdbx_struct_conn_angle.value_esd 
1  SG  ? A CYS 68  ? A CYS 74  ? 1_555 ZN ? B ZN . ? A ZN 201 ? 1_555 SG  ? A CYS 71  ? A CYS 77  ? 1_555 114.1 ? 
2  SG  ? A CYS 68  ? A CYS 74  ? 1_555 ZN ? B ZN . ? A ZN 201 ? 1_555 NE2 ? A HIS 77  ? A HIS 83  ? 1_555 105.8 ? 
3  SG  ? A CYS 71  ? A CYS 77  ? 1_555 ZN ? B ZN . ? A ZN 201 ? 1_555 NE2 ? A HIS 77  ? A HIS 83  ? 1_555 108.4 ? 
4  SG  ? A CYS 68  ? A CYS 74  ? 1_555 ZN ? B ZN . ? A ZN 201 ? 1_555 SG  ? A CYS 84  ? A CYS 90  ? 1_555 114.4 ? 
5  SG  ? A CYS 71  ? A CYS 77  ? 1_555 ZN ? B ZN . ? A ZN 201 ? 1_555 SG  ? A CYS 84  ? A CYS 90  ? 1_555 113.1 ? 
6  NE2 ? A HIS 77  ? A HIS 83  ? 1_555 ZN ? B ZN . ? A ZN 201 ? 1_555 SG  ? A CYS 84  ? A CYS 90  ? 1_555 99.5  ? 
7  SG  ? A CYS 111 ? A CYS 117 ? 1_555 ZN ? C ZN . ? A ZN 202 ? 1_555 SG  ? A CYS 114 ? A CYS 120 ? 1_555 106.1 ? 
8  SG  ? A CYS 111 ? A CYS 117 ? 1_555 ZN ? C ZN . ? A ZN 202 ? 1_555 SG  ? A CYS 122 ? A CYS 128 ? 1_555 109.7 ? 
9  SG  ? A CYS 114 ? A CYS 120 ? 1_555 ZN ? C ZN . ? A ZN 202 ? 1_555 SG  ? A CYS 122 ? A CYS 128 ? 1_555 113.7 ? 
10 SG  ? A CYS 111 ? A CYS 117 ? 1_555 ZN ? C ZN . ? A ZN 202 ? 1_555 SG  ? A CYS 124 ? A CYS 130 ? 1_555 99.1  ? 
11 SG  ? A CYS 114 ? A CYS 120 ? 1_555 ZN ? C ZN . ? A ZN 202 ? 1_555 SG  ? A CYS 124 ? A CYS 130 ? 1_555 115.3 ? 
12 SG  ? A CYS 122 ? A CYS 128 ? 1_555 ZN ? C ZN . ? A ZN 202 ? 1_555 SG  ? A CYS 124 ? A CYS 130 ? 1_555 111.7 ? 
# 
_struct_sheet.id               AA1 
_struct_sheet.type             ? 
_struct_sheet.number_strands   3 
_struct_sheet.details          ? 
# 
loop_
_struct_sheet_order.sheet_id 
_struct_sheet_order.range_id_1 
_struct_sheet_order.range_id_2 
_struct_sheet_order.offset 
_struct_sheet_order.sense 
AA1 1 2 ? anti-parallel 
AA1 2 3 ? anti-parallel 
# 
loop_
_struct_sheet_range.sheet_id 
_struct_sheet_range.id 
_struct_sheet_range.beg_label_comp_id 
_struct_sheet_range.beg_label_asym_id 
_struct_sheet_range.beg_label_seq_id 
_struct_sheet_range.pdbx_beg_PDB_ins_code 
_struct_sheet_range.end_label_comp_id 
_struct_sheet_range.end_label_asym_id 
_struct_sheet_range.end_label_seq_id 
_struct_sheet_range.pdbx_end_PDB_ins_code 
_struct_sheet_range.beg_auth_comp_id 
_struct_sheet_range.beg_auth_asym_id 
_struct_sheet_range.beg_auth_seq_id 
_struct_sheet_range.end_auth_comp_id 
_struct_sheet_range.end_auth_asym_id 
_struct_sheet_range.end_auth_seq_id 
AA1 1 ILE A 49 ? THR A 50 ? ILE A 55 THR A 56  
AA1 2 TYR A 90 ? PRO A 94 ? TYR A 96 PRO A 100 
AA1 3 GLN A 59 ? GLY A 63 ? GLN A 65 GLY A 69  
# 
loop_
_pdbx_struct_sheet_hbond.sheet_id 
_pdbx_struct_sheet_hbond.range_id_1 
_pdbx_struct_sheet_hbond.range_id_2 
_pdbx_struct_sheet_hbond.range_1_label_atom_id 
_pdbx_struct_sheet_hbond.range_1_label_comp_id 
_pdbx_struct_sheet_hbond.range_1_label_asym_id 
_pdbx_struct_sheet_hbond.range_1_label_seq_id 
_pdbx_struct_sheet_hbond.range_1_PDB_ins_code 
_pdbx_struct_sheet_hbond.range_1_auth_atom_id 
_pdbx_struct_sheet_hbond.range_1_auth_comp_id 
_pdbx_struct_sheet_hbond.range_1_auth_asym_id 
_pdbx_struct_sheet_hbond.range_1_auth_seq_id 
_pdbx_struct_sheet_hbond.range_2_label_atom_id 
_pdbx_struct_sheet_hbond.range_2_label_comp_id 
_pdbx_struct_sheet_hbond.range_2_label_asym_id 
_pdbx_struct_sheet_hbond.range_2_label_seq_id 
_pdbx_struct_sheet_hbond.range_2_PDB_ins_code 
_pdbx_struct_sheet_hbond.range_2_auth_atom_id 
_pdbx_struct_sheet_hbond.range_2_auth_comp_id 
_pdbx_struct_sheet_hbond.range_2_auth_asym_id 
_pdbx_struct_sheet_hbond.range_2_auth_seq_id 
AA1 1 2 N THR A 50 ? N THR A 56 O TYR A 90 ? O TYR A 96 
AA1 2 3 O ILE A 93 ? O ILE A 99 N GLU A 60 ? N GLU A 66 
# 
_pdbx_validate_symm_contact.id                1 
_pdbx_validate_symm_contact.PDB_model_num     1 
_pdbx_validate_symm_contact.auth_atom_id_1    OD1 
_pdbx_validate_symm_contact.auth_asym_id_1    A 
_pdbx_validate_symm_contact.auth_comp_id_1    ASN 
_pdbx_validate_symm_contact.auth_seq_id_1     40 
_pdbx_validate_symm_contact.PDB_ins_code_1    ? 
_pdbx_validate_symm_contact.label_alt_id_1    ? 
_pdbx_validate_symm_contact.site_symmetry_1   1_555 
_pdbx_validate_symm_contact.auth_atom_id_2    OD1 
_pdbx_validate_symm_contact.auth_asym_id_2    A 
_pdbx_validate_symm_contact.auth_comp_id_2    ASN 
_pdbx_validate_symm_contact.auth_seq_id_2     40 
_pdbx_validate_symm_contact.PDB_ins_code_2    ? 
_pdbx_validate_symm_contact.label_alt_id_2    ? 
_pdbx_validate_symm_contact.site_symmetry_2   16_575 
_pdbx_validate_symm_contact.dist              1.93 
# 
_pdbx_validate_torsion.id              1 
_pdbx_validate_torsion.PDB_model_num   1 
_pdbx_validate_torsion.auth_comp_id    TYR 
_pdbx_validate_torsion.auth_asym_id    A 
_pdbx_validate_torsion.auth_seq_id     126 
_pdbx_validate_torsion.PDB_ins_code    ? 
_pdbx_validate_torsion.label_alt_id    ? 
_pdbx_validate_torsion.phi             -128.71 
_pdbx_validate_torsion.psi             -103.68 
# 
loop_
_pdbx_struct_special_symmetry.id 
_pdbx_struct_special_symmetry.PDB_model_num 
_pdbx_struct_special_symmetry.auth_asym_id 
_pdbx_struct_special_symmetry.auth_comp_id 
_pdbx_struct_special_symmetry.auth_seq_id 
_pdbx_struct_special_symmetry.PDB_ins_code 
_pdbx_struct_special_symmetry.label_asym_id 
_pdbx_struct_special_symmetry.label_comp_id 
_pdbx_struct_special_symmetry.label_seq_id 
1 1 A DMS 205 ? F DMS . 
2 1 A HOH 324 ? J HOH . 
3 1 A HOH 456 ? J HOH . 
# 
_pdbx_entry_details.entry_id                 7ORU 
_pdbx_entry_details.has_ligand_of_interest   Y 
_pdbx_entry_details.compound_details         ? 
_pdbx_entry_details.source_details           ? 
_pdbx_entry_details.nonpolymer_details       ? 
_pdbx_entry_details.sequence_details         ? 
# 
_pdbx_distant_solvent_atoms.id                                1 
_pdbx_distant_solvent_atoms.PDB_model_num                     1 
_pdbx_distant_solvent_atoms.auth_atom_id                      O 
_pdbx_distant_solvent_atoms.label_alt_id                      ? 
_pdbx_distant_solvent_atoms.auth_asym_id                      A 
_pdbx_distant_solvent_atoms.auth_comp_id                      HOH 
_pdbx_distant_solvent_atoms.auth_seq_id                       456 
_pdbx_distant_solvent_atoms.PDB_ins_code                      ? 
_pdbx_distant_solvent_atoms.neighbor_macromolecule_distance   6.37 
_pdbx_distant_solvent_atoms.neighbor_ligand_distance          . 
# 
_pdbx_unobs_or_zero_occ_residues.id               1 
_pdbx_unobs_or_zero_occ_residues.PDB_model_num    1 
_pdbx_unobs_or_zero_occ_residues.polymer_flag     Y 
_pdbx_unobs_or_zero_occ_residues.occupancy_flag   1 
_pdbx_unobs_or_zero_occ_residues.auth_asym_id     A 
_pdbx_unobs_or_zero_occ_residues.auth_comp_id     ASP 
_pdbx_unobs_or_zero_occ_residues.auth_seq_id      131 
_pdbx_unobs_or_zero_occ_residues.PDB_ins_code     ? 
_pdbx_unobs_or_zero_occ_residues.label_asym_id    A 
_pdbx_unobs_or_zero_occ_residues.label_comp_id    ASP 
_pdbx_unobs_or_zero_occ_residues.label_seq_id     125 
# 
loop_
_chem_comp_atom.comp_id 
_chem_comp_atom.atom_id 
_chem_comp_atom.type_symbol 
_chem_comp_atom.pdbx_aromatic_flag 
_chem_comp_atom.pdbx_stereo_config 
_chem_comp_atom.pdbx_ordinal 
2AQ N1   N  N N 1   
2AQ C2   C  Y N 2   
2AQ C3   C  Y N 3   
2AQ C4   C  Y N 4   
2AQ C5   C  Y N 5   
2AQ C6   C  Y N 6   
2AQ C7   C  Y N 7   
2AQ C8   C  Y N 8   
2AQ C9   C  Y N 9   
2AQ C10  C  Y N 10  
2AQ N11  N  Y N 11  
2AQ HN11 H  N N 12  
2AQ HN12 H  N N 13  
2AQ H3   H  N N 14  
2AQ H4   H  N N 15  
2AQ H6   H  N N 16  
2AQ H7   H  N N 17  
2AQ H8   H  N N 18  
2AQ H9   H  N N 19  
ALA N    N  N N 20  
ALA CA   C  N S 21  
ALA C    C  N N 22  
ALA O    O  N N 23  
ALA CB   C  N N 24  
ALA OXT  O  N N 25  
ALA H    H  N N 26  
ALA H2   H  N N 27  
ALA HA   H  N N 28  
ALA HB1  H  N N 29  
ALA HB2  H  N N 30  
ALA HB3  H  N N 31  
ALA HXT  H  N N 32  
ARG N    N  N N 33  
ARG CA   C  N S 34  
ARG C    C  N N 35  
ARG O    O  N N 36  
ARG CB   C  N N 37  
ARG CG   C  N N 38  
ARG CD   C  N N 39  
ARG NE   N  N N 40  
ARG CZ   C  N N 41  
ARG NH1  N  N N 42  
ARG NH2  N  N N 43  
ARG OXT  O  N N 44  
ARG H    H  N N 45  
ARG H2   H  N N 46  
ARG HA   H  N N 47  
ARG HB2  H  N N 48  
ARG HB3  H  N N 49  
ARG HG2  H  N N 50  
ARG HG3  H  N N 51  
ARG HD2  H  N N 52  
ARG HD3  H  N N 53  
ARG HE   H  N N 54  
ARG HH11 H  N N 55  
ARG HH12 H  N N 56  
ARG HH21 H  N N 57  
ARG HH22 H  N N 58  
ARG HXT  H  N N 59  
ASN N    N  N N 60  
ASN CA   C  N S 61  
ASN C    C  N N 62  
ASN O    O  N N 63  
ASN CB   C  N N 64  
ASN CG   C  N N 65  
ASN OD1  O  N N 66  
ASN ND2  N  N N 67  
ASN OXT  O  N N 68  
ASN H    H  N N 69  
ASN H2   H  N N 70  
ASN HA   H  N N 71  
ASN HB2  H  N N 72  
ASN HB3  H  N N 73  
ASN HD21 H  N N 74  
ASN HD22 H  N N 75  
ASN HXT  H  N N 76  
ASP N    N  N N 77  
ASP CA   C  N S 78  
ASP C    C  N N 79  
ASP O    O  N N 80  
ASP CB   C  N N 81  
ASP CG   C  N N 82  
ASP OD1  O  N N 83  
ASP OD2  O  N N 84  
ASP OXT  O  N N 85  
ASP H    H  N N 86  
ASP H2   H  N N 87  
ASP HA   H  N N 88  
ASP HB2  H  N N 89  
ASP HB3  H  N N 90  
ASP HD2  H  N N 91  
ASP HXT  H  N N 92  
CL  CL   CL N N 93  
CYS N    N  N N 94  
CYS CA   C  N R 95  
CYS C    C  N N 96  
CYS O    O  N N 97  
CYS CB   C  N N 98  
CYS SG   S  N N 99  
CYS OXT  O  N N 100 
CYS H    H  N N 101 
CYS H2   H  N N 102 
CYS HA   H  N N 103 
CYS HB2  H  N N 104 
CYS HB3  H  N N 105 
CYS HG   H  N N 106 
CYS HXT  H  N N 107 
DMS S    S  N N 108 
DMS O    O  N N 109 
DMS C1   C  N N 110 
DMS C2   C  N N 111 
DMS H11  H  N N 112 
DMS H12  H  N N 113 
DMS H13  H  N N 114 
DMS H21  H  N N 115 
DMS H22  H  N N 116 
DMS H23  H  N N 117 
GLN N    N  N N 118 
GLN CA   C  N S 119 
GLN C    C  N N 120 
GLN O    O  N N 121 
GLN CB   C  N N 122 
GLN CG   C  N N 123 
GLN CD   C  N N 124 
GLN OE1  O  N N 125 
GLN NE2  N  N N 126 
GLN OXT  O  N N 127 
GLN H    H  N N 128 
GLN H2   H  N N 129 
GLN HA   H  N N 130 
GLN HB2  H  N N 131 
GLN HB3  H  N N 132 
GLN HG2  H  N N 133 
GLN HG3  H  N N 134 
GLN HE21 H  N N 135 
GLN HE22 H  N N 136 
GLN HXT  H  N N 137 
GLU N    N  N N 138 
GLU CA   C  N S 139 
GLU C    C  N N 140 
GLU O    O  N N 141 
GLU CB   C  N N 142 
GLU CG   C  N N 143 
GLU CD   C  N N 144 
GLU OE1  O  N N 145 
GLU OE2  O  N N 146 
GLU OXT  O  N N 147 
GLU H    H  N N 148 
GLU H2   H  N N 149 
GLU HA   H  N N 150 
GLU HB2  H  N N 151 
GLU HB3  H  N N 152 
GLU HG2  H  N N 153 
GLU HG3  H  N N 154 
GLU HE2  H  N N 155 
GLU HXT  H  N N 156 
GLY N    N  N N 157 
GLY CA   C  N N 158 
GLY C    C  N N 159 
GLY O    O  N N 160 
GLY OXT  O  N N 161 
GLY H    H  N N 162 
GLY H2   H  N N 163 
GLY HA2  H  N N 164 
GLY HA3  H  N N 165 
GLY HXT  H  N N 166 
GOL C1   C  N N 167 
GOL O1   O  N N 168 
GOL C2   C  N N 169 
GOL O2   O  N N 170 
GOL C3   C  N N 171 
GOL O3   O  N N 172 
GOL H11  H  N N 173 
GOL H12  H  N N 174 
GOL HO1  H  N N 175 
GOL H2   H  N N 176 
GOL HO2  H  N N 177 
GOL H31  H  N N 178 
GOL H32  H  N N 179 
GOL HO3  H  N N 180 
HIS N    N  N N 181 
HIS CA   C  N S 182 
HIS C    C  N N 183 
HIS O    O  N N 184 
HIS CB   C  N N 185 
HIS CG   C  Y N 186 
HIS ND1  N  Y N 187 
HIS CD2  C  Y N 188 
HIS CE1  C  Y N 189 
HIS NE2  N  Y N 190 
HIS OXT  O  N N 191 
HIS H    H  N N 192 
HIS H2   H  N N 193 
HIS HA   H  N N 194 
HIS HB2  H  N N 195 
HIS HB3  H  N N 196 
HIS HD1  H  N N 197 
HIS HD2  H  N N 198 
HIS HE1  H  N N 199 
HIS HE2  H  N N 200 
HIS HXT  H  N N 201 
HOH O    O  N N 202 
HOH H1   H  N N 203 
HOH H2   H  N N 204 
ILE N    N  N N 205 
ILE CA   C  N S 206 
ILE C    C  N N 207 
ILE O    O  N N 208 
ILE CB   C  N S 209 
ILE CG1  C  N N 210 
ILE CG2  C  N N 211 
ILE CD1  C  N N 212 
ILE OXT  O  N N 213 
ILE H    H  N N 214 
ILE H2   H  N N 215 
ILE HA   H  N N 216 
ILE HB   H  N N 217 
ILE HG12 H  N N 218 
ILE HG13 H  N N 219 
ILE HG21 H  N N 220 
ILE HG22 H  N N 221 
ILE HG23 H  N N 222 
ILE HD11 H  N N 223 
ILE HD12 H  N N 224 
ILE HD13 H  N N 225 
ILE HXT  H  N N 226 
LEU N    N  N N 227 
LEU CA   C  N S 228 
LEU C    C  N N 229 
LEU O    O  N N 230 
LEU CB   C  N N 231 
LEU CG   C  N N 232 
LEU CD1  C  N N 233 
LEU CD2  C  N N 234 
LEU OXT  O  N N 235 
LEU H    H  N N 236 
LEU H2   H  N N 237 
LEU HA   H  N N 238 
LEU HB2  H  N N 239 
LEU HB3  H  N N 240 
LEU HG   H  N N 241 
LEU HD11 H  N N 242 
LEU HD12 H  N N 243 
LEU HD13 H  N N 244 
LEU HD21 H  N N 245 
LEU HD22 H  N N 246 
LEU HD23 H  N N 247 
LEU HXT  H  N N 248 
LYS N    N  N N 249 
LYS CA   C  N S 250 
LYS C    C  N N 251 
LYS O    O  N N 252 
LYS CB   C  N N 253 
LYS CG   C  N N 254 
LYS CD   C  N N 255 
LYS CE   C  N N 256 
LYS NZ   N  N N 257 
LYS OXT  O  N N 258 
LYS H    H  N N 259 
LYS H2   H  N N 260 
LYS HA   H  N N 261 
LYS HB2  H  N N 262 
LYS HB3  H  N N 263 
LYS HG2  H  N N 264 
LYS HG3  H  N N 265 
LYS HD2  H  N N 266 
LYS HD3  H  N N 267 
LYS HE2  H  N N 268 
LYS HE3  H  N N 269 
LYS HZ1  H  N N 270 
LYS HZ2  H  N N 271 
LYS HZ3  H  N N 272 
LYS HXT  H  N N 273 
MET N    N  N N 274 
MET CA   C  N S 275 
MET C    C  N N 276 
MET O    O  N N 277 
MET CB   C  N N 278 
MET CG   C  N N 279 
MET SD   S  N N 280 
MET CE   C  N N 281 
MET OXT  O  N N 282 
MET H    H  N N 283 
MET H2   H  N N 284 
MET HA   H  N N 285 
MET HB2  H  N N 286 
MET HB3  H  N N 287 
MET HG2  H  N N 288 
MET HG3  H  N N 289 
MET HE1  H  N N 290 
MET HE2  H  N N 291 
MET HE3  H  N N 292 
MET HXT  H  N N 293 
PHE N    N  N N 294 
PHE CA   C  N S 295 
PHE C    C  N N 296 
PHE O    O  N N 297 
PHE CB   C  N N 298 
PHE CG   C  Y N 299 
PHE CD1  C  Y N 300 
PHE CD2  C  Y N 301 
PHE CE1  C  Y N 302 
PHE CE2  C  Y N 303 
PHE CZ   C  Y N 304 
PHE OXT  O  N N 305 
PHE H    H  N N 306 
PHE H2   H  N N 307 
PHE HA   H  N N 308 
PHE HB2  H  N N 309 
PHE HB3  H  N N 310 
PHE HD1  H  N N 311 
PHE HD2  H  N N 312 
PHE HE1  H  N N 313 
PHE HE2  H  N N 314 
PHE HZ   H  N N 315 
PHE HXT  H  N N 316 
PRO N    N  N N 317 
PRO CA   C  N S 318 
PRO C    C  N N 319 
PRO O    O  N N 320 
PRO CB   C  N N 321 
PRO CG   C  N N 322 
PRO CD   C  N N 323 
PRO OXT  O  N N 324 
PRO H    H  N N 325 
PRO HA   H  N N 326 
PRO HB2  H  N N 327 
PRO HB3  H  N N 328 
PRO HG2  H  N N 329 
PRO HG3  H  N N 330 
PRO HD2  H  N N 331 
PRO HD3  H  N N 332 
PRO HXT  H  N N 333 
SER N    N  N N 334 
SER CA   C  N S 335 
SER C    C  N N 336 
SER O    O  N N 337 
SER CB   C  N N 338 
SER OG   O  N N 339 
SER OXT  O  N N 340 
SER H    H  N N 341 
SER H2   H  N N 342 
SER HA   H  N N 343 
SER HB2  H  N N 344 
SER HB3  H  N N 345 
SER HG   H  N N 346 
SER HXT  H  N N 347 
THR N    N  N N 348 
THR CA   C  N S 349 
THR C    C  N N 350 
THR O    O  N N 351 
THR CB   C  N R 352 
THR OG1  O  N N 353 
THR CG2  C  N N 354 
THR OXT  O  N N 355 
THR H    H  N N 356 
THR H2   H  N N 357 
THR HA   H  N N 358 
THR HB   H  N N 359 
THR HG1  H  N N 360 
THR HG21 H  N N 361 
THR HG22 H  N N 362 
THR HG23 H  N N 363 
THR HXT  H  N N 364 
TRP N    N  N N 365 
TRP CA   C  N S 366 
TRP C    C  N N 367 
TRP O    O  N N 368 
TRP CB   C  N N 369 
TRP CG   C  Y N 370 
TRP CD1  C  Y N 371 
TRP CD2  C  Y N 372 
TRP NE1  N  Y N 373 
TRP CE2  C  Y N 374 
TRP CE3  C  Y N 375 
TRP CZ2  C  Y N 376 
TRP CZ3  C  Y N 377 
TRP CH2  C  Y N 378 
TRP OXT  O  N N 379 
TRP H    H  N N 380 
TRP H2   H  N N 381 
TRP HA   H  N N 382 
TRP HB2  H  N N 383 
TRP HB3  H  N N 384 
TRP HD1  H  N N 385 
TRP HE1  H  N N 386 
TRP HE3  H  N N 387 
TRP HZ2  H  N N 388 
TRP HZ3  H  N N 389 
TRP HH2  H  N N 390 
TRP HXT  H  N N 391 
TYR N    N  N N 392 
TYR CA   C  N S 393 
TYR C    C  N N 394 
TYR O    O  N N 395 
TYR CB   C  N N 396 
TYR CG   C  Y N 397 
TYR CD1  C  Y N 398 
TYR CD2  C  Y N 399 
TYR CE1  C  Y N 400 
TYR CE2  C  Y N 401 
TYR CZ   C  Y N 402 
TYR OH   O  N N 403 
TYR OXT  O  N N 404 
TYR H    H  N N 405 
TYR H2   H  N N 406 
TYR HA   H  N N 407 
TYR HB2  H  N N 408 
TYR HB3  H  N N 409 
TYR HD1  H  N N 410 
TYR HD2  H  N N 411 
TYR HE1  H  N N 412 
TYR HE2  H  N N 413 
TYR HH   H  N N 414 
TYR HXT  H  N N 415 
VAL N    N  N N 416 
VAL CA   C  N S 417 
VAL C    C  N N 418 
VAL O    O  N N 419 
VAL CB   C  N N 420 
VAL CG1  C  N N 421 
VAL CG2  C  N N 422 
VAL OXT  O  N N 423 
VAL H    H  N N 424 
VAL H2   H  N N 425 
VAL HA   H  N N 426 
VAL HB   H  N N 427 
VAL HG11 H  N N 428 
VAL HG12 H  N N 429 
VAL HG13 H  N N 430 
VAL HG21 H  N N 431 
VAL HG22 H  N N 432 
VAL HG23 H  N N 433 
VAL HXT  H  N N 434 
ZN  ZN   ZN N N 435 
# 
loop_
_chem_comp_bond.comp_id 
_chem_comp_bond.atom_id_1 
_chem_comp_bond.atom_id_2 
_chem_comp_bond.value_order 
_chem_comp_bond.pdbx_aromatic_flag 
_chem_comp_bond.pdbx_stereo_config 
_chem_comp_bond.pdbx_ordinal 
2AQ N1  C2   sing N N 1   
2AQ N1  HN11 sing N N 2   
2AQ N1  HN12 sing N N 3   
2AQ C2  N11  doub Y N 4   
2AQ C2  C3   sing Y N 5   
2AQ C3  C4   doub Y N 6   
2AQ C3  H3   sing N N 7   
2AQ C4  C5   sing Y N 8   
2AQ C4  H4   sing N N 9   
2AQ C5  C10  sing Y N 10  
2AQ C5  C6   doub Y N 11  
2AQ C6  C7   sing Y N 12  
2AQ C6  H6   sing N N 13  
2AQ C7  C8   doub Y N 14  
2AQ C7  H7   sing N N 15  
2AQ C8  C9   sing Y N 16  
2AQ C8  H8   sing N N 17  
2AQ C9  C10  doub Y N 18  
2AQ C9  H9   sing N N 19  
2AQ C10 N11  sing Y N 20  
ALA N   CA   sing N N 21  
ALA N   H    sing N N 22  
ALA N   H2   sing N N 23  
ALA CA  C    sing N N 24  
ALA CA  CB   sing N N 25  
ALA CA  HA   sing N N 26  
ALA C   O    doub N N 27  
ALA C   OXT  sing N N 28  
ALA CB  HB1  sing N N 29  
ALA CB  HB2  sing N N 30  
ALA CB  HB3  sing N N 31  
ALA OXT HXT  sing N N 32  
ARG N   CA   sing N N 33  
ARG N   H    sing N N 34  
ARG N   H2   sing N N 35  
ARG CA  C    sing N N 36  
ARG CA  CB   sing N N 37  
ARG CA  HA   sing N N 38  
ARG C   O    doub N N 39  
ARG C   OXT  sing N N 40  
ARG CB  CG   sing N N 41  
ARG CB  HB2  sing N N 42  
ARG CB  HB3  sing N N 43  
ARG CG  CD   sing N N 44  
ARG CG  HG2  sing N N 45  
ARG CG  HG3  sing N N 46  
ARG CD  NE   sing N N 47  
ARG CD  HD2  sing N N 48  
ARG CD  HD3  sing N N 49  
ARG NE  CZ   sing N N 50  
ARG NE  HE   sing N N 51  
ARG CZ  NH1  sing N N 52  
ARG CZ  NH2  doub N N 53  
ARG NH1 HH11 sing N N 54  
ARG NH1 HH12 sing N N 55  
ARG NH2 HH21 sing N N 56  
ARG NH2 HH22 sing N N 57  
ARG OXT HXT  sing N N 58  
ASN N   CA   sing N N 59  
ASN N   H    sing N N 60  
ASN N   H2   sing N N 61  
ASN CA  C    sing N N 62  
ASN CA  CB   sing N N 63  
ASN CA  HA   sing N N 64  
ASN C   O    doub N N 65  
ASN C   OXT  sing N N 66  
ASN CB  CG   sing N N 67  
ASN CB  HB2  sing N N 68  
ASN CB  HB3  sing N N 69  
ASN CG  OD1  doub N N 70  
ASN CG  ND2  sing N N 71  
ASN ND2 HD21 sing N N 72  
ASN ND2 HD22 sing N N 73  
ASN OXT HXT  sing N N 74  
ASP N   CA   sing N N 75  
ASP N   H    sing N N 76  
ASP N   H2   sing N N 77  
ASP CA  C    sing N N 78  
ASP CA  CB   sing N N 79  
ASP CA  HA   sing N N 80  
ASP C   O    doub N N 81  
ASP C   OXT  sing N N 82  
ASP CB  CG   sing N N 83  
ASP CB  HB2  sing N N 84  
ASP CB  HB3  sing N N 85  
ASP CG  OD1  doub N N 86  
ASP CG  OD2  sing N N 87  
ASP OD2 HD2  sing N N 88  
ASP OXT HXT  sing N N 89  
CYS N   CA   sing N N 90  
CYS N   H    sing N N 91  
CYS N   H2   sing N N 92  
CYS CA  C    sing N N 93  
CYS CA  CB   sing N N 94  
CYS CA  HA   sing N N 95  
CYS C   O    doub N N 96  
CYS C   OXT  sing N N 97  
CYS CB  SG   sing N N 98  
CYS CB  HB2  sing N N 99  
CYS CB  HB3  sing N N 100 
CYS SG  HG   sing N N 101 
CYS OXT HXT  sing N N 102 
DMS S   O    doub N N 103 
DMS S   C1   sing N N 104 
DMS S   C2   sing N N 105 
DMS C1  H11  sing N N 106 
DMS C1  H12  sing N N 107 
DMS C1  H13  sing N N 108 
DMS C2  H21  sing N N 109 
DMS C2  H22  sing N N 110 
DMS C2  H23  sing N N 111 
GLN N   CA   sing N N 112 
GLN N   H    sing N N 113 
GLN N   H2   sing N N 114 
GLN CA  C    sing N N 115 
GLN CA  CB   sing N N 116 
GLN CA  HA   sing N N 117 
GLN C   O    doub N N 118 
GLN C   OXT  sing N N 119 
GLN CB  CG   sing N N 120 
GLN CB  HB2  sing N N 121 
GLN CB  HB3  sing N N 122 
GLN CG  CD   sing N N 123 
GLN CG  HG2  sing N N 124 
GLN CG  HG3  sing N N 125 
GLN CD  OE1  doub N N 126 
GLN CD  NE2  sing N N 127 
GLN NE2 HE21 sing N N 128 
GLN NE2 HE22 sing N N 129 
GLN OXT HXT  sing N N 130 
GLU N   CA   sing N N 131 
GLU N   H    sing N N 132 
GLU N   H2   sing N N 133 
GLU CA  C    sing N N 134 
GLU CA  CB   sing N N 135 
GLU CA  HA   sing N N 136 
GLU C   O    doub N N 137 
GLU C   OXT  sing N N 138 
GLU CB  CG   sing N N 139 
GLU CB  HB2  sing N N 140 
GLU CB  HB3  sing N N 141 
GLU CG  CD   sing N N 142 
GLU CG  HG2  sing N N 143 
GLU CG  HG3  sing N N 144 
GLU CD  OE1  doub N N 145 
GLU CD  OE2  sing N N 146 
GLU OE2 HE2  sing N N 147 
GLU OXT HXT  sing N N 148 
GLY N   CA   sing N N 149 
GLY N   H    sing N N 150 
GLY N   H2   sing N N 151 
GLY CA  C    sing N N 152 
GLY CA  HA2  sing N N 153 
GLY CA  HA3  sing N N 154 
GLY C   O    doub N N 155 
GLY C   OXT  sing N N 156 
GLY OXT HXT  sing N N 157 
GOL C1  O1   sing N N 158 
GOL C1  C2   sing N N 159 
GOL C1  H11  sing N N 160 
GOL C1  H12  sing N N 161 
GOL O1  HO1  sing N N 162 
GOL C2  O2   sing N N 163 
GOL C2  C3   sing N N 164 
GOL C2  H2   sing N N 165 
GOL O2  HO2  sing N N 166 
GOL C3  O3   sing N N 167 
GOL C3  H31  sing N N 168 
GOL C3  H32  sing N N 169 
GOL O3  HO3  sing N N 170 
HIS N   CA   sing N N 171 
HIS N   H    sing N N 172 
HIS N   H2   sing N N 173 
HIS CA  C    sing N N 174 
HIS CA  CB   sing N N 175 
HIS CA  HA   sing N N 176 
HIS C   O    doub N N 177 
HIS C   OXT  sing N N 178 
HIS CB  CG   sing N N 179 
HIS CB  HB2  sing N N 180 
HIS CB  HB3  sing N N 181 
HIS CG  ND1  sing Y N 182 
HIS CG  CD2  doub Y N 183 
HIS ND1 CE1  doub Y N 184 
HIS ND1 HD1  sing N N 185 
HIS CD2 NE2  sing Y N 186 
HIS CD2 HD2  sing N N 187 
HIS CE1 NE2  sing Y N 188 
HIS CE1 HE1  sing N N 189 
HIS NE2 HE2  sing N N 190 
HIS OXT HXT  sing N N 191 
HOH O   H1   sing N N 192 
HOH O   H2   sing N N 193 
ILE N   CA   sing N N 194 
ILE N   H    sing N N 195 
ILE N   H2   sing N N 196 
ILE CA  C    sing N N 197 
ILE CA  CB   sing N N 198 
ILE CA  HA   sing N N 199 
ILE C   O    doub N N 200 
ILE C   OXT  sing N N 201 
ILE CB  CG1  sing N N 202 
ILE CB  CG2  sing N N 203 
ILE CB  HB   sing N N 204 
ILE CG1 CD1  sing N N 205 
ILE CG1 HG12 sing N N 206 
ILE CG1 HG13 sing N N 207 
ILE CG2 HG21 sing N N 208 
ILE CG2 HG22 sing N N 209 
ILE CG2 HG23 sing N N 210 
ILE CD1 HD11 sing N N 211 
ILE CD1 HD12 sing N N 212 
ILE CD1 HD13 sing N N 213 
ILE OXT HXT  sing N N 214 
LEU N   CA   sing N N 215 
LEU N   H    sing N N 216 
LEU N   H2   sing N N 217 
LEU CA  C    sing N N 218 
LEU CA  CB   sing N N 219 
LEU CA  HA   sing N N 220 
LEU C   O    doub N N 221 
LEU C   OXT  sing N N 222 
LEU CB  CG   sing N N 223 
LEU CB  HB2  sing N N 224 
LEU CB  HB3  sing N N 225 
LEU CG  CD1  sing N N 226 
LEU CG  CD2  sing N N 227 
LEU CG  HG   sing N N 228 
LEU CD1 HD11 sing N N 229 
LEU CD1 HD12 sing N N 230 
LEU CD1 HD13 sing N N 231 
LEU CD2 HD21 sing N N 232 
LEU CD2 HD22 sing N N 233 
LEU CD2 HD23 sing N N 234 
LEU OXT HXT  sing N N 235 
LYS N   CA   sing N N 236 
LYS N   H    sing N N 237 
LYS N   H2   sing N N 238 
LYS CA  C    sing N N 239 
LYS CA  CB   sing N N 240 
LYS CA  HA   sing N N 241 
LYS C   O    doub N N 242 
LYS C   OXT  sing N N 243 
LYS CB  CG   sing N N 244 
LYS CB  HB2  sing N N 245 
LYS CB  HB3  sing N N 246 
LYS CG  CD   sing N N 247 
LYS CG  HG2  sing N N 248 
LYS CG  HG3  sing N N 249 
LYS CD  CE   sing N N 250 
LYS CD  HD2  sing N N 251 
LYS CD  HD3  sing N N 252 
LYS CE  NZ   sing N N 253 
LYS CE  HE2  sing N N 254 
LYS CE  HE3  sing N N 255 
LYS NZ  HZ1  sing N N 256 
LYS NZ  HZ2  sing N N 257 
LYS NZ  HZ3  sing N N 258 
LYS OXT HXT  sing N N 259 
MET N   CA   sing N N 260 
MET N   H    sing N N 261 
MET N   H2   sing N N 262 
MET CA  C    sing N N 263 
MET CA  CB   sing N N 264 
MET CA  HA   sing N N 265 
MET C   O    doub N N 266 
MET C   OXT  sing N N 267 
MET CB  CG   sing N N 268 
MET CB  HB2  sing N N 269 
MET CB  HB3  sing N N 270 
MET CG  SD   sing N N 271 
MET CG  HG2  sing N N 272 
MET CG  HG3  sing N N 273 
MET SD  CE   sing N N 274 
MET CE  HE1  sing N N 275 
MET CE  HE2  sing N N 276 
MET CE  HE3  sing N N 277 
MET OXT HXT  sing N N 278 
PHE N   CA   sing N N 279 
PHE N   H    sing N N 280 
PHE N   H2   sing N N 281 
PHE CA  C    sing N N 282 
PHE CA  CB   sing N N 283 
PHE CA  HA   sing N N 284 
PHE C   O    doub N N 285 
PHE C   OXT  sing N N 286 
PHE CB  CG   sing N N 287 
PHE CB  HB2  sing N N 288 
PHE CB  HB3  sing N N 289 
PHE CG  CD1  doub Y N 290 
PHE CG  CD2  sing Y N 291 
PHE CD1 CE1  sing Y N 292 
PHE CD1 HD1  sing N N 293 
PHE CD2 CE2  doub Y N 294 
PHE CD2 HD2  sing N N 295 
PHE CE1 CZ   doub Y N 296 
PHE CE1 HE1  sing N N 297 
PHE CE2 CZ   sing Y N 298 
PHE CE2 HE2  sing N N 299 
PHE CZ  HZ   sing N N 300 
PHE OXT HXT  sing N N 301 
PRO N   CA   sing N N 302 
PRO N   CD   sing N N 303 
PRO N   H    sing N N 304 
PRO CA  C    sing N N 305 
PRO CA  CB   sing N N 306 
PRO CA  HA   sing N N 307 
PRO C   O    doub N N 308 
PRO C   OXT  sing N N 309 
PRO CB  CG   sing N N 310 
PRO CB  HB2  sing N N 311 
PRO CB  HB3  sing N N 312 
PRO CG  CD   sing N N 313 
PRO CG  HG2  sing N N 314 
PRO CG  HG3  sing N N 315 
PRO CD  HD2  sing N N 316 
PRO CD  HD3  sing N N 317 
PRO OXT HXT  sing N N 318 
SER N   CA   sing N N 319 
SER N   H    sing N N 320 
SER N   H2   sing N N 321 
SER CA  C    sing N N 322 
SER CA  CB   sing N N 323 
SER CA  HA   sing N N 324 
SER C   O    doub N N 325 
SER C   OXT  sing N N 326 
SER CB  OG   sing N N 327 
SER CB  HB2  sing N N 328 
SER CB  HB3  sing N N 329 
SER OG  HG   sing N N 330 
SER OXT HXT  sing N N 331 
THR N   CA   sing N N 332 
THR N   H    sing N N 333 
THR N   H2   sing N N 334 
THR CA  C    sing N N 335 
THR CA  CB   sing N N 336 
THR CA  HA   sing N N 337 
THR C   O    doub N N 338 
THR C   OXT  sing N N 339 
THR CB  OG1  sing N N 340 
THR CB  CG2  sing N N 341 
THR CB  HB   sing N N 342 
THR OG1 HG1  sing N N 343 
THR CG2 HG21 sing N N 344 
THR CG2 HG22 sing N N 345 
THR CG2 HG23 sing N N 346 
THR OXT HXT  sing N N 347 
TRP N   CA   sing N N 348 
TRP N   H    sing N N 349 
TRP N   H2   sing N N 350 
TRP CA  C    sing N N 351 
TRP CA  CB   sing N N 352 
TRP CA  HA   sing N N 353 
TRP C   O    doub N N 354 
TRP C   OXT  sing N N 355 
TRP CB  CG   sing N N 356 
TRP CB  HB2  sing N N 357 
TRP CB  HB3  sing N N 358 
TRP CG  CD1  doub Y N 359 
TRP CG  CD2  sing Y N 360 
TRP CD1 NE1  sing Y N 361 
TRP CD1 HD1  sing N N 362 
TRP CD2 CE2  doub Y N 363 
TRP CD2 CE3  sing Y N 364 
TRP NE1 CE2  sing Y N 365 
TRP NE1 HE1  sing N N 366 
TRP CE2 CZ2  sing Y N 367 
TRP CE3 CZ3  doub Y N 368 
TRP CE3 HE3  sing N N 369 
TRP CZ2 CH2  doub Y N 370 
TRP CZ2 HZ2  sing N N 371 
TRP CZ3 CH2  sing Y N 372 
TRP CZ3 HZ3  sing N N 373 
TRP CH2 HH2  sing N N 374 
TRP OXT HXT  sing N N 375 
TYR N   CA   sing N N 376 
TYR N   H    sing N N 377 
TYR N   H2   sing N N 378 
TYR CA  C    sing N N 379 
TYR CA  CB   sing N N 380 
TYR CA  HA   sing N N 381 
TYR C   O    doub N N 382 
TYR C   OXT  sing N N 383 
TYR CB  CG   sing N N 384 
TYR CB  HB2  sing N N 385 
TYR CB  HB3  sing N N 386 
TYR CG  CD1  doub Y N 387 
TYR CG  CD2  sing Y N 388 
TYR CD1 CE1  sing Y N 389 
TYR CD1 HD1  sing N N 390 
TYR CD2 CE2  doub Y N 391 
TYR CD2 HD2  sing N N 392 
TYR CE1 CZ   doub Y N 393 
TYR CE1 HE1  sing N N 394 
TYR CE2 CZ   sing Y N 395 
TYR CE2 HE2  sing N N 396 
TYR CZ  OH   sing N N 397 
TYR OH  HH   sing N N 398 
TYR OXT HXT  sing N N 399 
VAL N   CA   sing N N 400 
VAL N   H    sing N N 401 
VAL N   H2   sing N N 402 
VAL CA  C    sing N N 403 
VAL CA  CB   sing N N 404 
VAL CA  HA   sing N N 405 
VAL C   O    doub N N 406 
VAL C   OXT  sing N N 407 
VAL CB  CG1  sing N N 408 
VAL CB  CG2  sing N N 409 
VAL CB  HB   sing N N 410 
VAL CG1 HG11 sing N N 411 
VAL CG1 HG12 sing N N 412 
VAL CG1 HG13 sing N N 413 
VAL CG2 HG21 sing N N 414 
VAL CG2 HG22 sing N N 415 
VAL CG2 HG23 sing N N 416 
VAL OXT HXT  sing N N 417 
# 
loop_
_pdbx_audit_support.funding_organization 
_pdbx_audit_support.country 
_pdbx_audit_support.grant_number 
_pdbx_audit_support.ordinal 
'Swedish Research Council'                       Sweden           2018-06454              1 
'Medical Research Council (MRC, United Kingdom)' 'United Kingdom' 'CiC8 2019 MC_PC_19054' 2 
# 
_pdbx_entity_instance_feature.ordinal        1 
_pdbx_entity_instance_feature.comp_id        2AQ 
_pdbx_entity_instance_feature.asym_id        ? 
_pdbx_entity_instance_feature.seq_num        ? 
_pdbx_entity_instance_feature.auth_comp_id   2AQ 
_pdbx_entity_instance_feature.auth_asym_id   ? 
_pdbx_entity_instance_feature.auth_seq_num   ? 
_pdbx_entity_instance_feature.feature_type   'SUBJECT OF INVESTIGATION' 
_pdbx_entity_instance_feature.details        ? 
# 
_pdbx_initial_refinement_model.id               1 
_pdbx_initial_refinement_model.entity_id_list   ? 
_pdbx_initial_refinement_model.type             'experimental model' 
_pdbx_initial_refinement_model.source_name      PDB 
_pdbx_initial_refinement_model.accession_code   6ZPE 
_pdbx_initial_refinement_model.details          ? 
# 
_atom_sites.entry_id                    7ORU 
_atom_sites.Cartn_transf_matrix[1][1]   ? 
_atom_sites.Cartn_transf_matrix[1][2]   ? 
_atom_sites.Cartn_transf_matrix[1][3]   ? 
_atom_sites.Cartn_transf_matrix[2][1]   ? 
_atom_sites.Cartn_transf_matrix[2][2]   ? 
_atom_sites.Cartn_transf_matrix[2][3]   ? 
_atom_sites.Cartn_transf_matrix[3][1]   ? 
_atom_sites.Cartn_transf_matrix[3][2]   ? 
_atom_sites.Cartn_transf_matrix[3][3]   ? 
_atom_sites.Cartn_transf_vector[1]      ? 
_atom_sites.Cartn_transf_vector[2]      ? 
_atom_sites.Cartn_transf_vector[3]      ? 
_atom_sites.fract_transf_matrix[1][1]   -0.00678541 
_atom_sites.fract_transf_matrix[1][2]   0.00634917 
_atom_sites.fract_transf_matrix[1][3]   0.00116171 
_atom_sites.fract_transf_matrix[2][1]   -0.00304553 
_atom_sites.fract_transf_matrix[2][2]   -0.00463545 
_atom_sites.fract_transf_matrix[2][3]   0.00754590 
_atom_sites.fract_transf_matrix[3][1]   0.00569089 
_atom_sites.fract_transf_matrix[3][2]   0.00508959 
_atom_sites.fract_transf_matrix[3][3]   0.00542338 
_atom_sites.fract_transf_vector[1]      0.061346 
_atom_sites.fract_transf_vector[2]      0.880938 
_atom_sites.fract_transf_vector[3]      0.187138 
_atom_sites.solution_primary            ? 
_atom_sites.solution_secondary          ? 
_atom_sites.solution_hydrogens          ? 
_atom_sites.special_details             ? 
# 
loop_
_atom_type.symbol 
C  
CL 
N  
O  
S  
ZN 
# 
loop_
_atom_site.group_PDB 
_atom_site.id 
_atom_site.type_symbol 
_atom_site.label_atom_id 
_atom_site.label_alt_id 
_atom_site.label_comp_id 
_atom_site.label_asym_id 
_atom_site.label_entity_id 
_atom_site.label_seq_id 
_atom_site.pdbx_PDB_ins_code 
_atom_site.Cartn_x 
_atom_site.Cartn_y 
_atom_site.Cartn_z 
_atom_site.occupancy 
_atom_site.B_iso_or_equiv 
_atom_site.pdbx_formal_charge 
_atom_site.auth_seq_id 
_atom_site.auth_comp_id 
_atom_site.auth_asym_id 
_atom_site.auth_atom_id 
_atom_site.pdbx_PDB_model_num 
ATOM   1    N  N   . THR A 1 1   ? 8.412   -0.590  16.866  1.00 42.78 ? 7   THR A N   1 
ATOM   2    C  CA  . THR A 1 1   ? 8.346   -0.180  18.291  1.00 41.02 ? 7   THR A CA  1 
ATOM   3    C  C   . THR A 1 1   ? 8.667   1.313   18.443  1.00 36.40 ? 7   THR A C   1 
ATOM   4    O  O   . THR A 1 1   ? 8.498   1.817   19.550  1.00 35.79 ? 7   THR A O   1 
ATOM   5    C  CB  . THR A 1 1   ? 9.302   -1.023  19.148  1.00 47.69 ? 7   THR A CB  1 
ATOM   6    O  OG1 . THR A 1 1   ? 10.615  -0.732  18.675  1.00 48.53 ? 7   THR A OG1 1 
ATOM   7    C  CG2 . THR A 1 1   ? 9.031   -2.511  19.062  1.00 50.25 ? 7   THR A CG2 1 
ATOM   8    N  N   . MET A 1 2   ? 9.110   2.007   17.388  1.00 32.89 ? 8   MET A N   1 
ATOM   9    C  CA  . MET A 1 2   ? 9.408   3.463   17.500  1.00 34.19 ? 8   MET A CA  1 
ATOM   10   C  C   . MET A 1 2   ? 8.137   4.308   17.433  1.00 34.60 ? 8   MET A C   1 
ATOM   11   O  O   . MET A 1 2   ? 8.172   5.471   17.907  1.00 37.89 ? 8   MET A O   1 
ATOM   12   C  CB  . MET A 1 2   ? 10.352  3.877   16.375  1.00 37.25 ? 8   MET A CB  1 
ATOM   13   C  CG  . MET A 1 2   ? 11.656  3.140   16.478  1.00 41.50 ? 8   MET A CG  1 
ATOM   14   S  SD  . MET A 1 2   ? 12.863  3.847   15.355  1.00 43.33 ? 8   MET A SD  1 
ATOM   15   C  CE  . MET A 1 2   ? 13.219  5.356   16.243  1.00 43.39 ? 8   MET A CE  1 
ATOM   16   N  N   . GLY A 1 3   ? 7.086   3.772   16.821  1.00 29.70 ? 9   GLY A N   1 
ATOM   17   C  CA  . GLY A 1 3   ? 5.794   4.449   16.648  1.00 27.49 ? 9   GLY A CA  1 
ATOM   18   C  C   . GLY A 1 3   ? 5.601   4.963   15.236  1.00 26.24 ? 9   GLY A C   1 
ATOM   19   O  O   . GLY A 1 3   ? 6.571   5.422   14.597  1.00 25.56 ? 9   GLY A O   1 
ATOM   20   N  N   . ASN A 1 4   ? 4.362   4.946   14.779  1.00 25.49 ? 10  ASN A N   1 
ATOM   21   C  CA  . ASN A 1 4   ? 4.001   5.417   13.422  1.00 23.71 ? 10  ASN A CA  1 
ATOM   22   C  C   . ASN A 1 4   ? 4.441   6.872   13.217  1.00 24.89 ? 10  ASN A C   1 
ATOM   23   O  O   . ASN A 1 4   ? 5.012   7.166   12.174  1.00 24.01 ? 10  ASN A O   1 
ATOM   24   C  CB  . ASN A 1 4   ? 2.504   5.280   13.211  1.00 24.11 ? 10  ASN A CB  1 
ATOM   25   C  CG  . ASN A 1 4   ? 2.104   3.832   13.122  1.00 25.03 ? 10  ASN A CG  1 
ATOM   26   O  OD1 . ASN A 1 4   ? 2.838   3.025   12.551  1.00 26.06 ? 10  ASN A OD1 1 
ATOM   27   N  ND2 . ASN A 1 4   ? 0.934   3.514   13.655  1.00 25.87 ? 10  ASN A ND2 1 
ATOM   28   N  N   . SER A 1 5   ? 4.182   7.767   14.169  1.00 23.46 ? 11  SER A N   1 
ATOM   29   C  CA  . SER A 1 5   ? 4.473   9.210   13.944  1.00 23.85 ? 11  SER A CA  1 
ATOM   30   C  C   . SER A 1 5   ? 5.983   9.414   13.779  1.00 26.00 ? 11  SER A C   1 
ATOM   31   O  O   . SER A 1 5   ? 6.402   10.257  12.963  1.00 26.32 ? 11  SER A O   1 
ATOM   32   C  CB  . SER A 1 5   ? 3.913   10.075  15.038  1.00 27.30 ? 11  SER A CB  1 
ATOM   33   O  OG  . SER A 1 5   ? 2.502   10.122  14.948  1.00 27.80 ? 11  SER A OG  1 
ATOM   34   N  N   . THR A 1 6   ? 6.779   8.702   14.566  1.00 24.66 ? 12  THR A N   1 
ATOM   35   C  CA  . THR A 1 6   ? 8.255   8.787   14.500  1.00 24.84 ? 12  THR A CA  1 
ATOM   36   C  C   . THR A 1 6   ? 8.728   8.342   13.105  1.00 25.55 ? 12  THR A C   1 
ATOM   37   O  O   . THR A 1 6   ? 9.587   9.029   12.499  1.00 25.73 ? 12  THR A O   1 
ATOM   38   C  CB  . THR A 1 6   ? 8.901   7.942   15.601  1.00 27.60 ? 12  THR A CB  1 
ATOM   39   O  OG1 . THR A 1 6   ? 8.506   8.461   16.871  1.00 30.47 ? 12  THR A OG1 1 
ATOM   40   C  CG2 . THR A 1 6   ? 10.409  7.960   15.526  1.00 29.06 ? 12  THR A CG2 1 
ATOM   41   N  N   . VAL A 1 7   ? 8.230   7.209   12.618  1.00 24.15 ? 13  VAL A N   1 
ATOM   42   C  CA  . VAL A 1 7   ? 8.631   6.713   11.278  1.00 24.21 ? 13  VAL A CA  1 
ATOM   43   C  C   . VAL A 1 7   ? 8.142   7.665   10.183  1.00 25.00 ? 13  VAL A C   1 
ATOM   44   O  O   . VAL A 1 7   ? 8.930   7.984   9.269   1.00 25.40 ? 13  VAL A O   1 
ATOM   45   C  CB  . VAL A 1 7   ? 8.142   5.273   11.050  1.00 25.62 ? 13  VAL A CB  1 
ATOM   46   C  CG1 . VAL A 1 7   ? 8.493   4.783   9.657   1.00 28.65 ? 13  VAL A CG1 1 
ATOM   47   C  CG2 . VAL A 1 7   ? 8.728   4.359   12.101  1.00 28.04 ? 13  VAL A CG2 1 
ATOM   48   N  N   . LEU A 1 8   ? 6.882   8.077   10.235  1.00 23.77 ? 14  LEU A N   1 
ATOM   49   C  CA  . LEU A 1 8   ? 6.298   8.894   9.147   1.00 23.66 ? 14  LEU A CA  1 
ATOM   50   C  C   . LEU A 1 8   ? 6.982   10.260  9.104   1.00 24.51 ? 14  LEU A C   1 
ATOM   51   O  O   . LEU A 1 8   ? 7.255   10.718  7.996   1.00 25.30 ? 14  LEU A O   1 
ATOM   52   C  CB  . LEU A 1 8   ? 4.787   8.991   9.333   1.00 23.41 ? 14  LEU A CB  1 
ATOM   53   C  CG  . LEU A 1 8   ? 4.058   7.678   9.077   1.00 23.96 ? 14  LEU A CG  1 
ATOM   54   C  CD1 . LEU A 1 8   ? 2.635   7.774   9.599   1.00 25.60 ? 14  LEU A CD1 1 
ATOM   55   C  CD2 . LEU A 1 8   ? 4.072   7.317   7.602   1.00 26.72 ? 14  LEU A CD2 1 
ATOM   56   N  N   . SER A 1 9   ? 7.282   10.871  10.251  1.00 24.21 ? 15  SER A N   1 
ATOM   57   C  CA  . SER A 1 9   ? 7.977   12.185  10.277  1.00 25.47 ? 15  SER A CA  1 
ATOM   58   C  C   . SER A 1 9   ? 9.346   12.039  9.601   1.00 25.32 ? 15  SER A C   1 
ATOM   59   O  O   . SER A 1 9   ? 9.717   12.879  8.752   1.00 26.22 ? 15  SER A O   1 
ATOM   60   C  CB  . SER A 1 9   ? 8.131   12.718  11.687  1.00 29.04 ? 15  SER A CB  1 
ATOM   61   O  OG  . SER A 1 9   ? 8.849   13.952  11.647  1.00 32.85 ? 15  SER A OG  1 
ATOM   62   N  N   . PHE A 1 10  ? 10.077  10.987  9.937   1.00 25.04 ? 16  PHE A N   1 
ATOM   63   C  CA  . PHE A 1 10  ? 11.413  10.717  9.353   1.00 25.49 ? 16  PHE A CA  1 
ATOM   64   C  C   . PHE A 1 10  ? 11.312  10.654  7.824   1.00 26.03 ? 16  PHE A C   1 
ATOM   65   O  O   . PHE A 1 10  ? 12.116  11.308  7.124   1.00 25.44 ? 16  PHE A O   1 
ATOM   66   C  CB  . PHE A 1 10  ? 11.972  9.423   9.933   1.00 25.47 ? 16  PHE A CB  1 
ATOM   67   C  CG  . PHE A 1 10  ? 13.292  9.012   9.339   1.00 27.81 ? 16  PHE A CG  1 
ATOM   68   C  CD1 . PHE A 1 10  ? 14.463  9.605   9.777   1.00 29.88 ? 16  PHE A CD1 1 
ATOM   69   C  CD2 . PHE A 1 10  ? 13.360  8.031   8.361   1.00 30.92 ? 16  PHE A CD2 1 
ATOM   70   C  CE1 . PHE A 1 10  ? 15.689  9.225   9.245   1.00 32.90 ? 16  PHE A CE1 1 
ATOM   71   C  CE2 . PHE A 1 10  ? 14.586  7.658   7.832   1.00 32.69 ? 16  PHE A CE2 1 
ATOM   72   C  CZ  . PHE A 1 10  ? 15.743  8.248   8.281   1.00 31.41 ? 16  PHE A CZ  1 
ATOM   73   N  N   . CYS A 1 11  ? 10.358  9.882   7.301   1.00 25.97 ? 17  CYS A N   1 
ATOM   74   C  CA  . CYS A 1 11  ? 10.181  9.698   5.840   1.00 26.95 ? 17  CYS A CA  1 
ATOM   75   C  C   . CYS A 1 11  ? 9.643   10.993  5.211   1.00 26.60 ? 17  CYS A C   1 
ATOM   76   O  O   . CYS A 1 11  ? 10.103  11.341  4.118   1.00 27.20 ? 17  CYS A O   1 
ATOM   77   C  CB  . CYS A 1 11  ? 9.253   8.541   5.505   1.00 26.86 ? 17  CYS A CB  1 
ATOM   78   S  SG  . CYS A 1 11  ? 9.860   6.961   6.142   1.00 28.93 ? 17  CYS A SG  1 
ATOM   79   N  N   . ALA A 1 12  ? 8.733   11.709  5.882   1.00 23.65 ? 18  ALA A N   1 
ATOM   80   C  CA  . ALA A 1 12  ? 8.019   12.864  5.289   1.00 23.71 ? 18  ALA A CA  1 
ATOM   81   C  C   . ALA A 1 12  ? 9.018   13.965  4.914   1.00 24.98 ? 18  ALA A C   1 
ATOM   82   O  O   . ALA A 1 12  ? 8.812   14.619  3.876   1.00 26.48 ? 18  ALA A O   1 
ATOM   83   C  CB  . ALA A 1 12  ? 6.977   13.427  6.238   1.00 24.22 ? 18  ALA A CB  1 
ATOM   84   N  N   . PHE A 1 13  ? 10.017  14.191  5.760   1.00 24.55 ? 19  PHE A N   1 
ATOM   85   C  CA  . PHE A 1 13  ? 10.941  15.343  5.614   1.00 25.19 ? 19  PHE A CA  1 
ATOM   86   C  C   . PHE A 1 13  ? 12.193  14.902  4.856   1.00 26.78 ? 19  PHE A C   1 
ATOM   87   O  O   . PHE A 1 13  ? 12.999  15.764  4.509   1.00 26.85 ? 19  PHE A O   1 
ATOM   88   C  CB  . PHE A 1 13  ? 11.246  15.982  6.969   1.00 25.23 ? 19  PHE A CB  1 
ATOM   89   C  CG  . PHE A 1 13  ? 10.052  16.648  7.584   1.00 24.07 ? 19  PHE A CG  1 
ATOM   90   C  CD1 . PHE A 1 13  ? 9.542   17.827  7.054   1.00 25.11 ? 19  PHE A CD1 1 
ATOM   91   C  CD2 . PHE A 1 13  ? 9.421   16.081  8.677   1.00 25.59 ? 19  PHE A CD2 1 
ATOM   92   C  CE1 . PHE A 1 13  ? 8.419   18.414  7.605   1.00 26.13 ? 19  PHE A CE1 1 
ATOM   93   C  CE2 . PHE A 1 13  ? 8.287   16.661  9.223   1.00 25.42 ? 19  PHE A CE2 1 
ATOM   94   C  CZ  . PHE A 1 13  ? 7.797   17.834  8.692   1.00 25.69 ? 19  PHE A CZ  1 
ATOM   95   N  N   . ALA A 1 14  ? 12.320  13.618  4.517   1.00 25.27 ? 20  ALA A N   1 
ATOM   96   C  CA  . ALA A 1 14  ? 13.427  13.128  3.674   1.00 25.38 ? 20  ALA A CA  1 
ATOM   97   C  C   . ALA A 1 14  ? 13.281  13.686  2.262   1.00 26.65 ? 20  ALA A C   1 
ATOM   98   O  O   . ALA A 1 14  ? 12.139  13.888  1.801   1.00 28.33 ? 20  ALA A O   1 
ATOM   99   C  CB  . ALA A 1 14  ? 13.441  11.623  3.660   1.00 26.32 ? 20  ALA A CB  1 
ATOM   100  N  N   . VAL A 1 15  ? 14.403  13.919  1.575   1.00 25.99 ? 21  VAL A N   1 
ATOM   101  C  CA  . VAL A 1 15  ? 14.345  14.362  0.153   1.00 29.48 ? 21  VAL A CA  1 
ATOM   102  C  C   . VAL A 1 15  ? 13.682  13.252  -0.685  1.00 29.31 ? 21  VAL A C   1 
ATOM   103  O  O   . VAL A 1 15  ? 12.920  13.585  -1.615  1.00 28.93 ? 21  VAL A O   1 
ATOM   104  C  CB  . VAL A 1 15  ? 15.748  14.775  -0.326  1.00 33.75 ? 21  VAL A CB  1 
ATOM   105  C  CG1 . VAL A 1 15  ? 15.852  14.813  -1.842  1.00 39.75 ? 21  VAL A CG1 1 
ATOM   106  C  CG2 . VAL A 1 15  ? 16.112  16.133  0.283   1.00 32.93 ? 21  VAL A CG2 1 
ATOM   107  N  N   . ASP A 1 16  ? 13.915  11.989  -0.332  1.00 29.08 ? 22  ASP A N   1 
ATOM   108  C  CA  . ASP A 1 16  ? 13.327  10.798  -1.002  1.00 29.71 ? 22  ASP A CA  1 
ATOM   109  C  C   . ASP A 1 16  ? 12.556  9.975   0.040   1.00 26.39 ? 22  ASP A C   1 
ATOM   110  O  O   . ASP A 1 16  ? 13.182  9.125   0.703   1.00 26.43 ? 22  ASP A O   1 
ATOM   111  C  CB  . ASP A 1 16  ? 14.435  9.989   -1.679  1.00 31.26 ? 22  ASP A CB  1 
ATOM   112  C  CG  . ASP A 1 16  ? 13.928  8.916   -2.618  1.00 35.45 ? 22  ASP A CG  1 
ATOM   113  O  OD1 . ASP A 1 16  ? 12.752  8.475   -2.459  1.00 33.95 ? 22  ASP A OD1 1 
ATOM   114  O  OD2 . ASP A 1 16  ? 14.728  8.509   -3.488  1.00 38.59 ? 22  ASP A OD2 1 
ATOM   115  N  N   . ALA A 1 17  ? 11.253  10.228  0.181   1.00 29.23 ? 23  ALA A N   1 
ATOM   116  C  CA  . ALA A 1 17  ? 10.412  9.626   1.239   1.00 28.41 ? 23  ALA A CA  1 
ATOM   117  C  C   . ALA A 1 17  ? 10.318  8.114   1.023   1.00 26.13 ? 23  ALA A C   1 
ATOM   118  O  O   . ALA A 1 17  ? 10.458  7.356   1.990   1.00 26.42 ? 23  ALA A O   1 
ATOM   119  C  CB  . ALA A 1 17  ? 9.058   10.266  1.264   1.00 29.62 ? 23  ALA A CB  1 
ATOM   120  N  N   . ALA A 1 18  ? 10.154  7.689   -0.221  1.00 26.63 ? 24  ALA A N   1 
ATOM   121  C  CA  . ALA A 1 18  ? 10.047  6.253   -0.584  1.00 27.26 ? 24  ALA A CA  1 
ATOM   122  C  C   . ALA A 1 18  ? 11.340  5.527   -0.199  1.00 26.62 ? 24  ALA A C   1 
ATOM   123  O  O   . ALA A 1 18  ? 11.289  4.462   0.451   1.00 26.73 ? 24  ALA A O   1 
ATOM   124  C  CB  . ALA A 1 18  ? 9.746   6.134   -2.058  1.00 29.65 ? 24  ALA A CB  1 
ATOM   125  N  N   . LYS A 1 19  ? 12.495  6.083   -0.567  1.00 27.52 ? 25  LYS A N   1 
ATOM   126  C  CA  . LYS A 1 19  ? 13.786  5.455   -0.212  1.00 27.74 ? 25  LYS A CA  1 
ATOM   127  C  C   . LYS A 1 19  ? 13.964  5.405   1.309   1.00 27.34 ? 25  LYS A C   1 
ATOM   128  O  O   . LYS A 1 19  ? 14.476  4.393   1.812   1.00 28.28 ? 25  LYS A O   1 
ATOM   129  C  CB  . LYS A 1 19  ? 14.957  6.194   -0.865  1.00 30.67 ? 25  LYS A CB  1 
ATOM   130  C  CG  . LYS A 1 19  ? 16.293  5.514   -0.622  1.00 33.48 ? 25  LYS A CG  1 
ATOM   131  C  CD  . LYS A 1 19  ? 17.396  6.091   -1.486  1.00 39.45 ? 25  LYS A CD  1 
ATOM   132  C  CE  . LYS A 1 19  ? 18.647  5.239   -1.451  1.00 42.83 ? 25  LYS A CE  1 
ATOM   133  N  NZ  . LYS A 1 19  ? 19.218  5.193   -0.089  1.00 41.18 ? 25  LYS A NZ  1 
ATOM   134  N  N   . ALA A 1 20  ? 13.558  6.452   2.030   1.00 25.62 ? 26  ALA A N   1 
ATOM   135  C  CA  . ALA A 1 20  ? 13.643  6.485   3.508   1.00 24.83 ? 26  ALA A CA  1 
ATOM   136  C  C   . ALA A 1 20  ? 12.869  5.298   4.102   1.00 23.61 ? 26  ALA A C   1 
ATOM   137  O  O   . ALA A 1 20  ? 13.424  4.578   4.956   1.00 25.08 ? 26  ALA A O   1 
ATOM   138  C  CB  . ALA A 1 20  ? 13.150  7.800   4.024   1.00 24.04 ? 26  ALA A CB  1 
ATOM   139  N  N   . TYR A 1 21  ? 11.650  5.049   3.641   1.00 25.97 ? 27  TYR A N   1 
ATOM   140  C  CA  . TYR A 1 21  ? 10.829  3.948   4.205   1.00 25.46 ? 27  TYR A CA  1 
ATOM   141  C  C   . TYR A 1 21  ? 11.414  2.591   3.799   1.00 26.01 ? 27  TYR A C   1 
ATOM   142  O  O   . TYR A 1 21  ? 11.536  1.712   4.661   1.00 26.44 ? 27  TYR A O   1 
ATOM   143  C  CB  . TYR A 1 21  ? 9.353   4.055   3.828   1.00 25.49 ? 27  TYR A CB  1 
ATOM   144  C  CG  . TYR A 1 21  ? 8.496   3.062   4.574   1.00 25.36 ? 27  TYR A CG  1 
ATOM   145  C  CD1 . TYR A 1 21  ? 8.544   2.944   5.957   1.00 25.71 ? 27  TYR A CD1 1 
ATOM   146  C  CD2 . TYR A 1 21  ? 7.626   2.234   3.890   1.00 25.22 ? 27  TYR A CD2 1 
ATOM   147  C  CE1 . TYR A 1 21  ? 7.756   2.029   6.639   1.00 26.56 ? 27  TYR A CE1 1 
ATOM   148  C  CE2 . TYR A 1 21  ? 6.818   1.328   4.559   1.00 25.96 ? 27  TYR A CE2 1 
ATOM   149  C  CZ  . TYR A 1 21  ? 6.886   1.214   5.939   1.00 26.79 ? 27  TYR A CZ  1 
ATOM   150  O  OH  . TYR A 1 21  ? 6.100   0.306   6.598   1.00 26.33 ? 27  TYR A OH  1 
ATOM   151  N  N   . LYS A 1 22  ? 11.813  2.430   2.543   1.00 26.11 ? 28  LYS A N   1 
ATOM   152  C  CA  . LYS A 1 22  ? 12.413  1.149   2.077   1.00 27.29 ? 28  LYS A CA  1 
ATOM   153  C  C   . LYS A 1 22  ? 13.693  0.847   2.872   1.00 26.20 ? 28  LYS A C   1 
ATOM   154  O  O   . LYS A 1 22  ? 13.890  -0.299  3.299   1.00 27.30 ? 28  LYS A O   1 
ATOM   155  C  CB  . LYS A 1 22  ? 12.679  1.223   0.577   1.00 28.96 ? 28  LYS A CB  1 
ATOM   156  C  CG  . LYS A 1 22  ? 11.441  1.231   -0.295  1.00 31.65 ? 28  LYS A CG  1 
ATOM   157  C  CD  . LYS A 1 22  ? 11.812  1.463   -1.741  1.00 35.30 ? 28  LYS A CD  1 
ATOM   158  C  CE  . LYS A 1 22  ? 10.623  1.692   -2.641  1.00 40.04 ? 28  LYS A CE  1 
ATOM   159  N  NZ  . LYS A 1 22  ? 11.064  2.007   -4.022  1.00 45.15 ? 28  LYS A NZ  1 
ATOM   160  N  N   . ASP A 1 23  ? 14.544  1.845   3.095   1.00 28.04 ? 29  ASP A N   1 
ATOM   161  C  CA  . ASP A 1 23  ? 15.817  1.645   3.836   1.00 28.45 ? 29  ASP A CA  1 
ATOM   162  C  C   . ASP A 1 23  ? 15.509  1.315   5.298   1.00 27.29 ? 29  ASP A C   1 
ATOM   163  O  O   . ASP A 1 23  ? 16.205  0.491   5.878   1.00 27.63 ? 29  ASP A O   1 
ATOM   164  C  CB  . ASP A 1 23  ? 16.738  2.863   3.706   1.00 30.63 ? 29  ASP A CB  1 
ATOM   165  C  CG  . ASP A 1 23  ? 17.346  3.049   2.327   1.00 33.09 ? 29  ASP A CG  1 
ATOM   166  O  OD1 . ASP A 1 23  ? 17.319  2.091   1.549   1.00 34.85 ? 29  ASP A OD1 1 
ATOM   167  O  OD2 . ASP A 1 23  ? 17.830  4.164   2.043   1.00 33.14 ? 29  ASP A OD2 1 
ATOM   168  N  N   . TYR A 1 24  ? 14.517  1.978   5.888   1.00 28.00 ? 30  TYR A N   1 
ATOM   169  C  CA  . TYR A 1 24  ? 14.035  1.686   7.257   1.00 26.80 ? 30  TYR A CA  1 
ATOM   170  C  C   . TYR A 1 24  ? 13.593  0.216   7.331   1.00 25.05 ? 30  TYR A C   1 
ATOM   171  O  O   . TYR A 1 24  ? 14.022  -0.493  8.264   1.00 25.16 ? 30  TYR A O   1 
ATOM   172  C  CB  . TYR A 1 24  ? 12.920  2.654   7.647   1.00 26.42 ? 30  TYR A CB  1 
ATOM   173  C  CG  . TYR A 1 24  ? 12.131  2.252   8.865   1.00 27.05 ? 30  TYR A CG  1 
ATOM   174  C  CD1 . TYR A 1 24  ? 12.587  2.503   10.151  1.00 26.98 ? 30  TYR A CD1 1 
ATOM   175  C  CD2 . TYR A 1 24  ? 10.919  1.607   8.721   1.00 27.19 ? 30  TYR A CD2 1 
ATOM   176  C  CE1 . TYR A 1 24  ? 11.842  2.144   11.264  1.00 27.78 ? 30  TYR A CE1 1 
ATOM   177  C  CE2 . TYR A 1 24  ? 10.174  1.225   9.818   1.00 27.02 ? 30  TYR A CE2 1 
ATOM   178  C  CZ  . TYR A 1 24  ? 10.637  1.485   11.093  1.00 27.03 ? 30  TYR A CZ  1 
ATOM   179  O  OH  . TYR A 1 24  ? 9.866   1.125   12.158  1.00 27.88 ? 30  TYR A OH  1 
ATOM   180  N  N   . LEU A 1 25  ? 12.783  -0.243  6.385   1.00 25.81 ? 31  LEU A N   1 
ATOM   181  C  CA  . LEU A 1 25  ? 12.316  -1.657  6.409   1.00 26.74 ? 31  LEU A CA  1 
ATOM   182  C  C   . LEU A 1 25  ? 13.518  -2.602  6.263   1.00 26.68 ? 31  LEU A C   1 
ATOM   183  O  O   . LEU A 1 25  ? 13.569  -3.624  6.995   1.00 27.35 ? 31  LEU A O   1 
ATOM   184  C  CB  . LEU A 1 25  ? 11.299  -1.899  5.302   1.00 27.75 ? 31  LEU A CB  1 
ATOM   185  C  CG  . LEU A 1 25  ? 9.965   -1.183  5.463   1.00 28.52 ? 31  LEU A CG  1 
ATOM   186  C  CD1 . LEU A 1 25  ? 9.208   -1.269  4.150   1.00 28.09 ? 31  LEU A CD1 1 
ATOM   187  C  CD2 . LEU A 1 25  ? 9.150   -1.767  6.619   1.00 28.28 ? 31  LEU A CD2 1 
ATOM   188  N  N   . ALA A 1 26  ? 14.438  -2.304  5.348   1.00 28.32 ? 32  ALA A N   1 
ATOM   189  C  CA  . ALA A 1 26  ? 15.588  -3.189  5.060   1.00 30.47 ? 32  ALA A CA  1 
ATOM   190  C  C   . ALA A 1 26  ? 16.447  -3.329  6.328   1.00 32.50 ? 32  ALA A C   1 
ATOM   191  O  O   . ALA A 1 26  ? 17.075  -4.416  6.526   1.00 31.80 ? 32  ALA A O   1 
ATOM   192  C  CB  . ALA A 1 26  ? 16.358  -2.660  3.879   1.00 31.87 ? 32  ALA A CB  1 
ATOM   193  N  N   . SER A 1 27  ? 16.453  -2.303  7.188   1.00 28.66 ? 33  SER A N   1 
ATOM   194  C  CA  . SER A 1 27  ? 17.237  -2.230  8.451   1.00 29.33 ? 33  SER A CA  1 
ATOM   195  C  C   . SER A 1 27  ? 16.586  -3.031  9.581   1.00 28.68 ? 33  SER A C   1 
ATOM   196  O  O   . SER A 1 27  ? 17.208  -3.117  10.651  1.00 29.47 ? 33  SER A O   1 
ATOM   197  C  CB  . SER A 1 27  ? 17.452  -0.790  8.874   1.00 29.38 ? 33  SER A CB  1 
ATOM   198  O  OG  . SER A 1 27  ? 16.324  -0.269  9.570   1.00 28.43 ? 33  SER A OG  1 
ATOM   199  N  N   . GLY A 1 28  ? 15.377  -3.565  9.351   1.00 29.86 ? 34  GLY A N   1 
ATOM   200  C  CA  . GLY A 1 28  ? 14.618  -4.386  10.305  1.00 31.18 ? 34  GLY A CA  1 
ATOM   201  C  C   . GLY A 1 28  ? 13.536  -3.585  11.008  1.00 30.96 ? 34  GLY A C   1 
ATOM   202  O  O   . GLY A 1 28  ? 13.011  -4.081  11.995  1.00 29.61 ? 34  GLY A O   1 
ATOM   203  N  N   . GLY A 1 29  ? 13.236  -2.367  10.539  1.00 29.78 ? 35  GLY A N   1 
ATOM   204  C  CA  . GLY A 1 29  ? 12.248  -1.484  11.180  1.00 30.24 ? 35  GLY A CA  1 
ATOM   205  C  C   . GLY A 1 29  ? 10.862  -2.107  11.151  1.00 29.31 ? 35  GLY A C   1 
ATOM   206  O  O   . GLY A 1 29  ? 10.520  -2.729  10.126  1.00 29.65 ? 35  GLY A O   1 
ATOM   207  N  N   . GLN A 1 30  ? 10.092  -1.960  12.229  1.00 28.12 ? 36  GLN A N   1 
ATOM   208  C  CA  . GLN A 1 30  ? 8.697   -2.466  12.296  1.00 28.18 ? 36  GLN A CA  1 
ATOM   209  C  C   . GLN A 1 30  ? 7.847   -1.678  11.300  1.00 26.57 ? 36  GLN A C   1 
ATOM   210  O  O   . GLN A 1 30  ? 7.890   -0.446  11.285  1.00 27.37 ? 36  GLN A O   1 
ATOM   211  C  CB  . GLN A 1 30  ? 8.119   -2.345  13.707  1.00 34.04 ? 36  GLN A CB  1 
ATOM   212  C  CG  . GLN A 1 30  ? 8.667   -3.404  14.656  1.00 39.35 ? 36  GLN A CG  1 
ATOM   213  C  CD  . GLN A 1 30  ? 7.982   -4.746  14.537  1.00 45.98 ? 36  GLN A CD  1 
ATOM   214  O  OE1 . GLN A 1 30  ? 6.858   -4.874  14.038  1.00 50.29 ? 36  GLN A OE1 1 
ATOM   215  N  NE2 . GLN A 1 30  ? 8.643   -5.770  15.042  1.00 55.54 ? 36  GLN A NE2 1 
ATOM   216  N  N   . PRO A 1 31  ? 7.063   -2.348  10.436  1.00 27.16 ? 37  PRO A N   1 
ATOM   217  C  CA  . PRO A 1 31  ? 6.203   -1.632  9.491   1.00 28.35 ? 37  PRO A CA  1 
ATOM   218  C  C   . PRO A 1 31  ? 5.244   -0.632  10.155  1.00 28.10 ? 37  PRO A C   1 
ATOM   219  O  O   . PRO A 1 31  ? 4.830   -0.810  11.303  1.00 28.41 ? 37  PRO A O   1 
ATOM   220  C  CB  . PRO A 1 31  ? 5.392   -2.745  8.823   1.00 29.54 ? 37  PRO A CB  1 
ATOM   221  C  CG  . PRO A 1 31  ? 6.290   -3.953  8.918   1.00 29.76 ? 37  PRO A CG  1 
ATOM   222  C  CD  . PRO A 1 31  ? 6.986   -3.810  10.258  1.00 28.66 ? 37  PRO A CD  1 
ATOM   223  N  N   . ILE A 1 32  ? 4.858   0.362   9.368   1.00 27.98 ? 38  ILE A N   1 
ATOM   224  C  CA  . ILE A 1 32  ? 3.745   1.291   9.688   1.00 27.01 ? 38  ILE A CA  1 
ATOM   225  C  C   . ILE A 1 32  ? 2.487   0.453   9.918   1.00 26.07 ? 38  ILE A C   1 
ATOM   226  O  O   . ILE A 1 32  ? 2.197   -0.462  9.113   1.00 26.39 ? 38  ILE A O   1 
ATOM   227  C  CB  . ILE A 1 32  ? 3.568   2.319   8.559   1.00 28.29 ? 38  ILE A CB  1 
ATOM   228  C  CG1 . ILE A 1 32  ? 4.796   3.231   8.459   1.00 29.86 ? 38  ILE A CG1 1 
ATOM   229  C  CG2 . ILE A 1 32  ? 2.277   3.103   8.743   1.00 27.33 ? 38  ILE A CG2 1 
ATOM   230  C  CD1 . ILE A 1 32  ? 4.916   3.951   7.145   1.00 33.07 ? 38  ILE A CD1 1 
ATOM   231  N  N   . THR A 1 33  ? 1.774   0.756   11.004  1.00 25.86 ? 39  THR A N   1 
ATOM   232  C  CA  . THR A 1 33  ? 0.491   0.095   11.364  1.00 25.93 ? 39  THR A CA  1 
ATOM   233  C  C   . THR A 1 33  ? -0.673  1.074   11.230  1.00 25.50 ? 39  THR A C   1 
ATOM   234  O  O   . THR A 1 33  ? -0.501  2.172   10.673  1.00 24.13 ? 39  THR A O   1 
ATOM   235  C  CB  . THR A 1 33  ? 0.581   -0.527  12.759  1.00 28.15 ? 39  THR A CB  1 
ATOM   236  O  OG1 . THR A 1 33  ? 0.739   0.515   13.725  1.00 27.20 ? 39  THR A OG1 1 
ATOM   237  C  CG2 . THR A 1 33  ? 1.680   -1.561  12.866  1.00 28.89 ? 39  THR A CG2 1 
ATOM   238  N  N   . ASN A 1 34  ? -1.857  0.657   11.701  1.00 26.79 ? 40  ASN A N   1 
ATOM   239  C  CA  . ASN A 1 34  ? -3.084  1.485   11.752  1.00 27.53 ? 40  ASN A CA  1 
ATOM   240  C  C   . ASN A 1 34  ? -3.556  1.770   10.333  1.00 26.24 ? 40  ASN A C   1 
ATOM   241  O  O   . ASN A 1 34  ? -4.262  2.773   10.128  1.00 28.51 ? 40  ASN A O   1 
ATOM   242  C  CB  . ASN A 1 34  ? -2.901  2.752   12.591  1.00 28.50 ? 40  ASN A CB  1 
ATOM   243  C  CG  . ASN A 1 34  ? -2.652  2.412   14.047  1.00 37.32 ? 40  ASN A CG  1 
ATOM   244  O  OD1 . ASN A 1 34  ? -2.869  1.275   14.478  1.00 45.21 ? 40  ASN A OD1 1 
ATOM   245  N  ND2 . ASN A 1 34  ? -2.204  3.383   14.819  1.00 43.48 ? 40  ASN A ND2 1 
ATOM   246  N  N   . CYS A 1 35  ? -3.234  0.885   9.384   1.00 25.32 ? 41  CYS A N   1 
ATOM   247  C  CA  . CYS A 1 35  ? -3.921  0.847   8.079   1.00 25.79 ? 41  CYS A CA  1 
ATOM   248  C  C   . CYS A 1 35  ? -5.354  0.371   8.334   1.00 28.49 ? 41  CYS A C   1 
ATOM   249  O  O   . CYS A 1 35  ? -5.582  -0.362  9.321   1.00 30.66 ? 41  CYS A O   1 
ATOM   250  C  CB  . CYS A 1 35  ? -3.214  -0.059  7.083   1.00 26.59 ? 41  CYS A CB  1 
ATOM   251  S  SG  . CYS A 1 35  ? -1.469  0.365   6.837   1.00 29.75 ? 41  CYS A SG  1 
ATOM   252  N  N   . VAL A 1 36  ? -6.290  0.818   7.519   1.00 25.50 ? 42  VAL A N   1 
ATOM   253  C  CA  . VAL A 1 36  ? -7.733  0.521   7.725   1.00 27.33 ? 42  VAL A CA  1 
ATOM   254  C  C   . VAL A 1 36  ? -8.078  -0.809  7.052   1.00 26.28 ? 42  VAL A C   1 
ATOM   255  O  O   . VAL A 1 36  ? -8.216  -0.876  5.825   1.00 26.04 ? 42  VAL A O   1 
ATOM   256  C  CB  . VAL A 1 36  ? -8.612  1.675   7.239   1.00 29.37 ? 42  VAL A CB  1 
ATOM   257  C  CG1 . VAL A 1 36  ? -10.090 1.324   7.392   1.00 31.30 ? 42  VAL A CG1 1 
ATOM   258  C  CG2 . VAL A 1 36  ? -8.241  2.946   7.989   1.00 30.49 ? 42  VAL A CG2 1 
ATOM   259  N  N   . LYS A 1 37  ? -8.240  -1.858  7.842   1.00 27.79 ? 43  LYS A N   1 
ATOM   260  C  CA  . LYS A 1 37  ? -8.541  -3.195  7.296   1.00 25.98 ? 43  LYS A CA  1 
ATOM   261  C  C   . LYS A 1 37  ? -10.050 -3.283  7.055   1.00 28.49 ? 43  LYS A C   1 
ATOM   262  O  O   . LYS A 1 37  ? -10.829 -2.815  7.906   1.00 29.13 ? 43  LYS A O   1 
ATOM   263  C  CB  . LYS A 1 37  ? -8.087  -4.309  8.241   1.00 30.72 ? 43  LYS A CB  1 
ATOM   264  C  CG  . LYS A 1 37  ? -8.062  -5.696  7.610   1.00 32.46 ? 43  LYS A CG  1 
ATOM   265  C  CD  . LYS A 1 37  ? -7.375  -6.733  8.486   1.00 36.22 ? 43  LYS A CD  1 
ATOM   266  C  CE  . LYS A 1 37  ? -6.882  -7.942  7.711   1.00 37.84 ? 43  LYS A CE  1 
ATOM   267  N  NZ  . LYS A 1 37  ? -7.992  -8.712  7.107   1.00 38.31 ? 43  LYS A NZ  1 
ATOM   268  N  N   . MET A 1 38  ? -10.440 -3.833  5.918   1.00 26.70 ? 44  MET A N   1 
ATOM   269  C  CA  . MET A 1 38  ? -11.859 -3.899  5.510   1.00 28.74 ? 44  MET A CA  1 
ATOM   270  C  C   . MET A 1 38  ? -12.417 -5.279  5.841   1.00 29.29 ? 44  MET A C   1 
ATOM   271  O  O   . MET A 1 38  ? -11.725 -6.294  5.621   1.00 30.12 ? 44  MET A O   1 
ATOM   272  C  CB  . MET A 1 38  ? -11.994 -3.635  4.014   1.00 31.08 ? 44  MET A CB  1 
ATOM   273  C  CG  . MET A 1 38  ? -11.392 -2.300  3.614   1.00 35.29 ? 44  MET A CG  1 
ATOM   274  S  SD  . MET A 1 38  ? -12.014 -0.912  4.611   1.00 44.56 ? 44  MET A SD  1 
ATOM   275  C  CE  . MET A 1 38  ? -13.692 -0.921  4.027   1.00 37.88 ? 44  MET A CE  1 
ATOM   276  N  N   . LEU A 1 39  ? -13.669 -5.310  6.297   1.00 26.79 ? 45  LEU A N   1 
ATOM   277  C  CA  . LEU A 1 39  ? -14.423 -6.572  6.447   1.00 27.65 ? 45  LEU A CA  1 
ATOM   278  C  C   . LEU A 1 39  ? -14.824 -7.054  5.047   1.00 28.27 ? 45  LEU A C   1 
ATOM   279  O  O   . LEU A 1 39  ? -15.464 -6.278  4.299   1.00 29.94 ? 45  LEU A O   1 
ATOM   280  C  CB  . LEU A 1 39  ? -15.649 -6.295  7.323   1.00 28.24 ? 45  LEU A CB  1 
ATOM   281  C  CG  . LEU A 1 39  ? -16.573 -7.483  7.539   1.00 28.21 ? 45  LEU A CG  1 
ATOM   282  C  CD1 . LEU A 1 39  ? -15.854 -8.628  8.232   1.00 29.99 ? 45  LEU A CD1 1 
ATOM   283  C  CD2 . LEU A 1 39  ? -17.815 -7.065  8.296   1.00 29.35 ? 45  LEU A CD2 1 
ATOM   284  N  N   . CYS A 1 40  ? -14.432 -8.260  4.659   1.00 30.53 ? 46  CYS A N   1 
ATOM   285  C  CA  . CYS A 1 40  ? -14.816 -8.812  3.339   1.00 32.37 ? 46  CYS A CA  1 
ATOM   286  C  C   . CYS A 1 40  ? -14.929 -10.335 3.414   1.00 31.92 ? 46  CYS A C   1 
ATOM   287  O  O   . CYS A 1 40  ? -14.535 -10.938 4.431   1.00 32.58 ? 46  CYS A O   1 
ATOM   288  C  CB  . CYS A 1 40  ? -13.845 -8.349  2.260   1.00 35.51 ? 46  CYS A CB  1 
ATOM   289  S  SG  . CYS A 1 40  ? -12.157 -8.918  2.556   1.00 41.80 ? 46  CYS A SG  1 
ATOM   290  N  N   . THR A 1 41  ? -15.456 -10.924 2.352   1.00 33.26 ? 47  THR A N   1 
ATOM   291  C  CA  . THR A 1 41  ? -15.759 -12.377 2.261   1.00 34.34 ? 47  THR A CA  1 
ATOM   292  C  C   . THR A 1 41  ? -14.577 -13.140 1.657   1.00 33.96 ? 47  THR A C   1 
ATOM   293  O  O   . THR A 1 41  ? -14.554 -14.384 1.762   1.00 33.09 ? 47  THR A O   1 
ATOM   294  C  CB  . THR A 1 41  ? -17.029 -12.590 1.434   1.00 37.00 ? 47  THR A CB  1 
ATOM   295  O  OG1 . THR A 1 41  ? -16.806 -11.996 0.157   1.00 37.09 ? 47  THR A OG1 1 
ATOM   296  C  CG2 . THR A 1 41  ? -18.258 -11.996 2.087   1.00 41.10 ? 47  THR A CG2 1 
ATOM   297  N  N   . HIS A 1 42  ? -13.614 -12.441 1.051   1.00 31.42 ? 48  HIS A N   1 
ATOM   298  C  CA  . HIS A 1 42  ? -12.465 -13.069 0.354   1.00 31.43 ? 48  HIS A CA  1 
ATOM   299  C  C   . HIS A 1 42  ? -12.955 -13.860 -0.867  1.00 31.25 ? 48  HIS A C   1 
ATOM   300  O  O   . HIS A 1 42  ? -12.314 -14.860 -1.235  1.00 32.73 ? 48  HIS A O   1 
ATOM   301  C  CB  . HIS A 1 42  ? -11.617 -13.899 1.326   1.00 32.18 ? 48  HIS A CB  1 
ATOM   302  C  CG  . HIS A 1 42  ? -11.026 -13.054 2.402   1.00 33.61 ? 48  HIS A CG  1 
ATOM   303  N  ND1 . HIS A 1 42  ? -9.829  -12.393 2.237   1.00 32.42 ? 48  HIS A ND1 1 
ATOM   304  C  CD2 . HIS A 1 42  ? -11.502 -12.687 3.612   1.00 36.89 ? 48  HIS A CD2 1 
ATOM   305  C  CE1 . HIS A 1 42  ? -9.569  -11.688 3.321   1.00 34.30 ? 48  HIS A CE1 1 
ATOM   306  N  NE2 . HIS A 1 42  ? -10.585 -11.833 4.174   1.00 36.22 ? 48  HIS A NE2 1 
ATOM   307  N  N   . THR A 1 43  ? -14.006 -13.376 -1.520  1.00 33.28 ? 49  THR A N   1 
ATOM   308  C  CA  . THR A 1 43  ? -14.589 -13.984 -2.743  1.00 36.28 ? 49  THR A CA  1 
ATOM   309  C  C   . THR A 1 43  ? -14.504 -12.984 -3.900  1.00 38.55 ? 49  THR A C   1 
ATOM   310  O  O   . THR A 1 43  ? -15.205 -13.174 -4.901  1.00 35.21 ? 49  THR A O   1 
ATOM   311  C  CB  . THR A 1 43  ? -16.035 -14.421 -2.477  1.00 38.93 ? 49  THR A CB  1 
ATOM   312  O  OG1 . THR A 1 43  ? -16.793 -13.258 -2.144  1.00 45.80 ? 49  THR A OG1 1 
ATOM   313  C  CG2 . THR A 1 43  ? -16.139 -15.432 -1.359  1.00 42.47 ? 49  THR A CG2 1 
ATOM   314  N  N   . GLY A 1 44  ? -13.659 -11.958 -3.784  1.00 35.91 ? 50  GLY A N   1 
ATOM   315  C  CA  . GLY A 1 44  ? -13.582 -10.884 -4.784  1.00 33.39 ? 50  GLY A CA  1 
ATOM   316  C  C   . GLY A 1 44  ? -12.718 -11.241 -5.983  1.00 32.89 ? 50  GLY A C   1 
ATOM   317  O  O   . GLY A 1 44  ? -12.157 -12.345 -6.042  1.00 32.93 ? 50  GLY A O   1 
ATOM   318  N  N   . THR A 1 45  ? -12.575 -10.289 -6.901  1.00 32.87 ? 51  THR A N   1 
ATOM   319  C  CA  . THR A 1 45  ? -11.850 -10.462 -8.187  1.00 33.42 ? 51  THR A CA  1 
ATOM   320  C  C   . THR A 1 45  ? -10.344 -10.609 -7.961  1.00 32.36 ? 51  THR A C   1 
ATOM   321  O  O   . THR A 1 45  ? -9.688  -11.159 -8.841  1.00 33.10 ? 51  THR A O   1 
ATOM   322  C  CB  . THR A 1 45  ? -12.120 -9.286  -9.128  1.00 35.21 ? 51  THR A CB  1 
ATOM   323  O  OG1 . THR A 1 45  ? -11.568 -8.098  -8.546  1.00 34.37 ? 51  THR A OG1 1 
ATOM   324  C  CG2 . THR A 1 45  ? -13.593 -9.117  -9.414  1.00 35.24 ? 51  THR A CG2 1 
ATOM   325  N  N   . GLY A 1 46  ? -9.810  -10.100 -6.842  1.00 30.41 ? 52  GLY A N   1 
ATOM   326  C  CA  . GLY A 1 46  ? -8.368  -10.124 -6.546  1.00 28.90 ? 52  GLY A CA  1 
ATOM   327  C  C   . GLY A 1 46  ? -7.596  -9.073  -7.325  1.00 29.20 ? 52  GLY A C   1 
ATOM   328  O  O   . GLY A 1 46  ? -6.369  -9.060  -7.252  1.00 29.88 ? 52  GLY A O   1 
ATOM   329  N  N   . GLN A 1 47  ? -8.279  -8.171  -8.021  1.00 31.19 ? 53  GLN A N   1 
ATOM   330  C  CA  . GLN A 1 47  ? -7.607  -7.022  -8.672  1.00 31.53 ? 53  GLN A CA  1 
ATOM   331  C  C   . GLN A 1 47  ? -6.980  -6.123  -7.605  1.00 33.16 ? 53  GLN A C   1 
ATOM   332  O  O   . GLN A 1 47  ? -7.451  -6.122  -6.459  1.00 29.39 ? 53  GLN A O   1 
ATOM   333  C  CB  . GLN A 1 47  ? -8.600  -6.284  -9.552  1.00 35.03 ? 53  GLN A CB  1 
ATOM   334  C  CG  . GLN A 1 47  ? -8.889  -7.078  -10.815 1.00 39.21 ? 53  GLN A CG  1 
ATOM   335  C  CD  . GLN A 1 47  ? -9.370  -6.157  -11.897 1.00 46.17 ? 53  GLN A CD  1 
ATOM   336  O  OE1 . GLN A 1 47  ? -8.606  -5.365  -12.432 1.00 55.49 ? 53  GLN A OE1 1 
ATOM   337  N  NE2 . GLN A 1 47  ? -10.656 -6.222  -12.181 1.00 56.61 ? 53  GLN A NE2 1 
ATOM   338  N  N   . ALA A 1 48  ? -5.937  -5.392  -7.975  1.00 31.14 ? 54  ALA A N   1 
ATOM   339  C  CA  . ALA A 1 48  ? -5.066  -4.698  -7.001  1.00 30.04 ? 54  ALA A CA  1 
ATOM   340  C  C   . ALA A 1 48  ? -5.767  -3.506  -6.343  1.00 30.10 ? 54  ALA A C   1 
ATOM   341  O  O   . ALA A 1 48  ? -5.625  -3.349  -5.111  1.00 28.58 ? 54  ALA A O   1 
ATOM   342  C  CB  . ALA A 1 48  ? -3.802  -4.278  -7.698  1.00 30.56 ? 54  ALA A CB  1 
ATOM   343  N  N   . ILE A 1 49  ? -6.419  -2.629  -7.118  1.00 28.79 ? 55  ILE A N   1 
ATOM   344  C  CA  . ILE A 1 49  ? -6.979  -1.346  -6.615  1.00 29.47 ? 55  ILE A CA  1 
ATOM   345  C  C   . ILE A 1 49  ? -8.378  -1.190  -7.198  1.00 32.35 ? 55  ILE A C   1 
ATOM   346  O  O   . ILE A 1 49  ? -8.491  -1.126  -8.437  1.00 32.28 ? 55  ILE A O   1 
ATOM   347  C  CB  . ILE A 1 49  ? -6.084  -0.142  -6.976  1.00 30.61 ? 55  ILE A CB  1 
ATOM   348  C  CG1 . ILE A 1 49  ? -4.652  -0.324  -6.469  1.00 32.66 ? 55  ILE A CG1 1 
ATOM   349  C  CG2 . ILE A 1 49  ? -6.722  1.137   -6.454  1.00 31.40 ? 55  ILE A CG2 1 
ATOM   350  C  CD1 . ILE A 1 49  ? -3.687  0.766   -6.919  1.00 33.81 ? 55  ILE A CD1 1 
ATOM   351  N  N   . THR A 1 50  ? -9.393  -1.130  -6.340  1.00 29.87 ? 56  THR A N   1 
ATOM   352  C  CA  . THR A 1 50  ? -10.804 -1.366  -6.735  1.00 31.80 ? 56  THR A CA  1 
ATOM   353  C  C   . THR A 1 50  ? -11.730 -0.361  -6.050  1.00 29.44 ? 56  THR A C   1 
ATOM   354  O  O   . THR A 1 50  ? -11.354 0.241   -5.022  1.00 28.41 ? 56  THR A O   1 
ATOM   355  C  CB  . THR A 1 50  ? -11.161 -2.832  -6.458  1.00 31.83 ? 56  THR A CB  1 
ATOM   356  O  OG1 . THR A 1 50  ? -10.939 -3.073  -5.062  1.00 32.02 ? 56  THR A OG1 1 
ATOM   357  C  CG2 . THR A 1 50  ? -10.352 -3.795  -7.306  1.00 33.10 ? 56  THR A CG2 1 
ATOM   358  N  N   . VAL A 1 51  ? -12.934 -0.189  -6.612  1.00 30.90 ? 57  VAL A N   1 
ATOM   359  C  CA  A VAL A 1 51  ? -13.919 0.797   -6.078  0.47 32.05 ? 57  VAL A CA  1 
ATOM   360  C  CA  B VAL A 1 51  ? -14.002 0.740   -6.142  0.53 32.91 ? 57  VAL A CA  1 
ATOM   361  C  C   . VAL A 1 51  ? -14.567 0.242   -4.807  1.00 31.43 ? 57  VAL A C   1 
ATOM   362  O  O   . VAL A 1 51  ? -14.979 1.068   -4.001  1.00 32.41 ? 57  VAL A O   1 
ATOM   363  C  CB  A VAL A 1 51  ? -14.977 1.223   -7.118  0.47 33.34 ? 57  VAL A CB  1 
ATOM   364  C  CB  B VAL A 1 51  ? -15.109 0.845   -7.217  0.53 34.66 ? 57  VAL A CB  1 
ATOM   365  C  CG1 A VAL A 1 51  ? -14.382 2.154   -8.159  0.47 34.36 ? 57  VAL A CG1 1 
ATOM   366  C  CG1 B VAL A 1 51  ? -16.287 1.694   -6.763  0.53 36.34 ? 57  VAL A CG1 1 
ATOM   367  C  CG2 A VAL A 1 51  ? -15.660 0.032   -7.774  0.47 33.77 ? 57  VAL A CG2 1 
ATOM   368  C  CG2 B VAL A 1 51  ? -14.561 1.349   -8.548  0.53 36.22 ? 57  VAL A CG2 1 
ATOM   369  N  N   . THR A 1 52  ? -14.626 -1.087  -4.638  1.00 33.45 ? 58  THR A N   1 
ATOM   370  C  CA  . THR A 1 52  ? -15.087 -1.764  -3.392  1.00 32.29 ? 58  THR A CA  1 
ATOM   371  C  C   . THR A 1 52  ? -14.085 -2.864  -3.056  1.00 30.70 ? 58  THR A C   1 
ATOM   372  O  O   . THR A 1 52  ? -13.301 -3.253  -3.906  1.00 29.22 ? 58  THR A O   1 
ATOM   373  C  CB  . THR A 1 52  ? -16.520 -2.294  -3.535  1.00 34.01 ? 58  THR A CB  1 
ATOM   374  O  OG1 . THR A 1 52  ? -16.484 -3.352  -4.490  1.00 34.19 ? 58  THR A OG1 1 
ATOM   375  C  CG2 . THR A 1 52  ? -17.499 -1.226  -3.966  1.00 36.02 ? 58  THR A CG2 1 
ATOM   376  N  N   . PRO A 1 53  ? -14.028 -3.378  -1.807  1.00 29.21 ? 59  PRO A N   1 
ATOM   377  C  CA  . PRO A 1 53  ? -13.087 -4.451  -1.477  1.00 30.04 ? 59  PRO A CA  1 
ATOM   378  C  C   . PRO A 1 53  ? -13.256 -5.667  -2.403  1.00 31.40 ? 59  PRO A C   1 
ATOM   379  O  O   . PRO A 1 53  ? -14.384 -6.079  -2.669  1.00 34.19 ? 59  PRO A O   1 
ATOM   380  C  CB  . PRO A 1 53  ? -13.399 -4.756  -0.011  1.00 29.73 ? 59  PRO A CB  1 
ATOM   381  C  CG  . PRO A 1 53  ? -13.942 -3.453  0.515   1.00 28.19 ? 59  PRO A CG  1 
ATOM   382  C  CD  . PRO A 1 53  ? -14.776 -2.907  -0.632  1.00 29.44 ? 59  PRO A CD  1 
ATOM   383  N  N   . GLU A 1 54  ? -12.139 -6.186  -2.909  1.00 28.73 ? 60  GLU A N   1 
ATOM   384  C  CA  . GLU A 1 54  ? -12.112 -7.308  -3.877  1.00 28.94 ? 60  GLU A CA  1 
ATOM   385  C  C   . GLU A 1 54  ? -11.116 -8.394  -3.456  1.00 27.35 ? 60  GLU A C   1 
ATOM   386  O  O   . GLU A 1 54  ? -10.674 -9.138  -4.331  1.00 28.46 ? 60  GLU A O   1 
ATOM   387  C  CB  . GLU A 1 54  ? -11.810 -6.759  -5.272  1.00 29.78 ? 60  GLU A CB  1 
ATOM   388  C  CG  . GLU A 1 54  ? -12.973 -6.005  -5.895  1.00 30.41 ? 60  GLU A CG  1 
ATOM   389  C  CD  . GLU A 1 54  ? -14.260 -6.782  -6.176  1.00 34.59 ? 60  GLU A CD  1 
ATOM   390  O  OE1 . GLU A 1 54  ? -14.248 -8.023  -6.082  1.00 32.96 ? 60  GLU A OE1 1 
ATOM   391  O  OE2 . GLU A 1 54  ? -15.289 -6.131  -6.478  1.00 36.84 ? 60  GLU A OE2 1 
ATOM   392  N  N   . ALA A 1 55  ? -10.751 -8.517  -2.178  1.00 27.40 ? 61  ALA A N   1 
ATOM   393  C  CA  . ALA A 1 55  ? -9.782  -9.548  -1.750  1.00 26.22 ? 61  ALA A CA  1 
ATOM   394  C  C   . ALA A 1 55  ? -10.288 -10.923 -2.186  1.00 27.49 ? 61  ALA A C   1 
ATOM   395  O  O   . ALA A 1 55  ? -11.483 -11.223 -1.989  1.00 28.45 ? 61  ALA A O   1 
ATOM   396  C  CB  . ALA A 1 55  ? -9.543  -9.540  -0.265  1.00 27.71 ? 61  ALA A CB  1 
ATOM   397  N  N   . ASN A 1 56  ? -9.391  -11.722 -2.739  1.00 27.49 ? 62  ASN A N   1 
ATOM   398  C  CA  . ASN A 1 56  ? -9.594  -13.179 -2.905  1.00 28.36 ? 62  ASN A CA  1 
ATOM   399  C  C   . ASN A 1 56  ? -9.043  -13.876 -1.654  1.00 29.25 ? 62  ASN A C   1 
ATOM   400  O  O   . ASN A 1 56  ? -8.716  -13.187 -0.659  1.00 29.52 ? 62  ASN A O   1 
ATOM   401  C  CB  . ASN A 1 56  ? -9.026  -13.657 -4.243  1.00 29.43 ? 62  ASN A CB  1 
ATOM   402  C  CG  . ASN A 1 56  ? -7.519  -13.567 -4.311  1.00 29.97 ? 62  ASN A CG  1 
ATOM   403  O  OD1 . ASN A 1 56  ? -6.842  -13.546 -3.289  1.00 29.63 ? 62  ASN A OD1 1 
ATOM   404  N  ND2 . ASN A 1 56  ? -6.977  -13.526 -5.513  1.00 32.09 ? 62  ASN A ND2 1 
ATOM   405  N  N   . MET A 1 57  ? -9.016  -15.210 -1.647  1.00 30.79 ? 63  MET A N   1 
ATOM   406  C  CA  . MET A 1 57  ? -8.575  -15.989 -0.460  1.00 31.02 ? 63  MET A CA  1 
ATOM   407  C  C   . MET A 1 57  ? -7.082  -15.786 -0.178  1.00 31.62 ? 63  MET A C   1 
ATOM   408  O  O   . MET A 1 57  ? -6.681  -16.098 0.941   1.00 33.36 ? 63  MET A O   1 
ATOM   409  C  CB  . MET A 1 57  ? -8.902  -17.482 -0.618  1.00 32.38 ? 63  MET A CB  1 
ATOM   410  C  CG  . MET A 1 57  ? -10.347 -17.793 -0.256  1.00 34.97 ? 63  MET A CG  1 
ATOM   411  S  SD  . MET A 1 57  ? -10.699 -17.558 1.523   1.00 38.10 ? 63  MET A SD  1 
ATOM   412  C  CE  . MET A 1 57  ? -10.030 -19.095 2.151   1.00 43.13 ? 63  MET A CE  1 
ATOM   413  N  N   . ASP A 1 58  ? -6.307  -15.199 -1.091  1.00 30.10 ? 64  ASP A N   1 
ATOM   414  C  CA  . ASP A 1 58  ? -4.839  -15.035 -0.933  1.00 31.69 ? 64  ASP A CA  1 
ATOM   415  C  C   . ASP A 1 58  ? -4.511  -13.598 -0.492  1.00 29.54 ? 64  ASP A C   1 
ATOM   416  O  O   . ASP A 1 58  ? -3.308  -13.272 -0.443  1.00 28.96 ? 64  ASP A O   1 
ATOM   417  C  CB  . ASP A 1 58  ? -4.123  -15.348 -2.249  1.00 34.21 ? 64  ASP A CB  1 
ATOM   418  C  CG  . ASP A 1 58  ? -4.309  -16.778 -2.733  1.00 42.20 ? 64  ASP A CG  1 
ATOM   419  O  OD1 . ASP A 1 58  ? -4.343  -17.679 -1.889  1.00 43.80 ? 64  ASP A OD1 1 
ATOM   420  O  OD2 . ASP A 1 58  ? -4.419  -16.953 -3.960  1.00 52.21 ? 64  ASP A OD2 1 
ATOM   421  N  N   . GLN A 1 59  ? -5.525  -12.765 -0.245  1.00 28.18 ? 65  GLN A N   1 
ATOM   422  C  CA  . GLN A 1 59  ? -5.343  -11.310 -0.026  1.00 27.17 ? 65  GLN A CA  1 
ATOM   423  C  C   . GLN A 1 59  ? -6.143  -10.832 1.190   1.00 27.86 ? 65  GLN A C   1 
ATOM   424  O  O   . GLN A 1 59  ? -7.111  -11.504 1.610   1.00 27.45 ? 65  GLN A O   1 
ATOM   425  C  CB  . GLN A 1 59  ? -5.823  -10.519 -1.233  1.00 26.98 ? 65  GLN A CB  1 
ATOM   426  C  CG  . GLN A 1 59  ? -5.112  -10.883 -2.527  1.00 27.59 ? 65  GLN A CG  1 
ATOM   427  C  CD  . GLN A 1 59  ? -5.869  -10.343 -3.713  1.00 27.25 ? 65  GLN A CD  1 
ATOM   428  O  OE1 . GLN A 1 59  ? -7.093  -10.237 -3.696  1.00 27.69 ? 65  GLN A OE1 1 
ATOM   429  N  NE2 . GLN A 1 59  ? -5.133  -9.987  -4.757  1.00 29.35 ? 65  GLN A NE2 1 
ATOM   430  N  N   . GLU A 1 60  ? -5.787  -9.644  1.666   1.00 26.22 ? 66  GLU A N   1 
ATOM   431  C  CA  . GLU A 1 60  ? -6.587  -8.826  2.594   1.00 26.41 ? 66  GLU A CA  1 
ATOM   432  C  C   . GLU A 1 60  ? -6.904  -7.511  1.878   1.00 27.22 ? 66  GLU A C   1 
ATOM   433  O  O   . GLU A 1 60  ? -6.098  -7.097  1.037   1.00 29.18 ? 66  GLU A O   1 
ATOM   434  C  CB  . GLU A 1 60  ? -5.836  -8.538  3.893   1.00 28.77 ? 66  GLU A CB  1 
ATOM   435  C  CG  . GLU A 1 60  ? -5.165  -9.739  4.521   1.00 29.98 ? 66  GLU A CG  1 
ATOM   436  C  CD  . GLU A 1 60  ? -6.085  -10.903 4.850   1.00 32.71 ? 66  GLU A CD  1 
ATOM   437  O  OE1 . GLU A 1 60  ? -7.239  -10.644 5.240   1.00 32.08 ? 66  GLU A OE1 1 
ATOM   438  O  OE2 . GLU A 1 60  ? -5.622  -12.067 4.717   1.00 37.10 ? 66  GLU A OE2 1 
ATOM   439  N  N   . SER A 1 61  ? -8.015  -6.882  2.217   1.00 26.46 ? 67  SER A N   1 
ATOM   440  C  CA  . SER A 1 61  ? -8.431  -5.583  1.630   1.00 25.74 ? 67  SER A CA  1 
ATOM   441  C  C   . SER A 1 61  ? -8.235  -4.480  2.667   1.00 26.58 ? 67  SER A C   1 
ATOM   442  O  O   . SER A 1 61  ? -8.571  -4.693  3.852   1.00 25.56 ? 67  SER A O   1 
ATOM   443  C  CB  . SER A 1 61  ? -9.854  -5.620  1.135   1.00 26.79 ? 67  SER A CB  1 
ATOM   444  O  OG  . SER A 1 61  ? -9.967  -6.374  -0.046  1.00 28.69 ? 67  SER A OG  1 
ATOM   445  N  N   . PHE A 1 62  ? -7.736  -3.314  2.241   1.00 25.36 ? 68  PHE A N   1 
ATOM   446  C  CA  . PHE A 1 62  ? -7.551  -2.131  3.112   1.00 24.30 ? 68  PHE A CA  1 
ATOM   447  C  C   . PHE A 1 62  ? -8.094  -0.882  2.419   1.00 24.32 ? 68  PHE A C   1 
ATOM   448  O  O   . PHE A 1 62  ? -8.137  -0.831  1.172   1.00 24.51 ? 68  PHE A O   1 
ATOM   449  C  CB  . PHE A 1 62  ? -6.078  -1.910  3.446   1.00 23.93 ? 68  PHE A CB  1 
ATOM   450  C  CG  . PHE A 1 62  ? -5.416  -3.029  4.208   1.00 24.75 ? 68  PHE A CG  1 
ATOM   451  C  CD1 . PHE A 1 62  ? -4.867  -4.100  3.529   1.00 26.50 ? 68  PHE A CD1 1 
ATOM   452  C  CD2 . PHE A 1 62  ? -5.294  -2.996  5.586   1.00 27.01 ? 68  PHE A CD2 1 
ATOM   453  C  CE1 . PHE A 1 62  ? -4.251  -5.138  4.211   1.00 27.65 ? 68  PHE A CE1 1 
ATOM   454  C  CE2 . PHE A 1 62  ? -4.655  -4.023  6.266   1.00 26.61 ? 68  PHE A CE2 1 
ATOM   455  C  CZ  . PHE A 1 62  ? -4.147  -5.097  5.573   1.00 27.20 ? 68  PHE A CZ  1 
ATOM   456  N  N   . GLY A 1 63  ? -8.450  0.121   3.216   1.00 25.66 ? 69  GLY A N   1 
ATOM   457  C  CA  . GLY A 1 63  ? -8.698  1.473   2.689   1.00 25.55 ? 69  GLY A CA  1 
ATOM   458  C  C   . GLY A 1 63  ? -7.445  1.998   2.016   1.00 25.68 ? 69  GLY A C   1 
ATOM   459  O  O   . GLY A 1 63  ? -6.379  1.944   2.631   1.00 26.04 ? 69  GLY A O   1 
ATOM   460  N  N   . GLY A 1 64  ? -7.560  2.517   0.790   1.00 26.53 ? 70  GLY A N   1 
ATOM   461  C  CA  . GLY A 1 64  ? -6.382  2.871   -0.029  1.00 27.08 ? 70  GLY A CA  1 
ATOM   462  C  C   . GLY A 1 64  ? -5.497  3.940   0.595   1.00 25.16 ? 70  GLY A C   1 
ATOM   463  O  O   . GLY A 1 64  ? -4.251  3.711   0.661   1.00 24.80 ? 70  GLY A O   1 
ATOM   464  N  N   . ALA A 1 65  ? -6.055  5.079   1.009   1.00 26.42 ? 71  ALA A N   1 
ATOM   465  C  CA  . ALA A 1 65  ? -5.256  6.217   1.536   1.00 27.11 ? 71  ALA A CA  1 
ATOM   466  C  C   . ALA A 1 65  ? -4.427  5.759   2.746   1.00 26.18 ? 71  ALA A C   1 
ATOM   467  O  O   . ALA A 1 65  ? -3.270  6.173   2.866   1.00 24.11 ? 71  ALA A O   1 
ATOM   468  C  CB  . ALA A 1 65  ? -6.137  7.382   1.902   1.00 28.17 ? 71  ALA A CB  1 
ATOM   469  N  N   . SER A 1 66  ? -4.957  4.865   3.580   1.00 24.97 ? 72  SER A N   1 
ATOM   470  C  CA  . SER A 1 66  ? -4.278  4.395   4.818   1.00 25.28 ? 72  SER A CA  1 
ATOM   471  C  C   . SER A 1 66  ? -3.027  3.569   4.473   1.00 25.77 ? 72  SER A C   1 
ATOM   472  O  O   . SER A 1 66  ? -2.164  3.408   5.348   1.00 25.53 ? 72  SER A O   1 
ATOM   473  C  CB  . SER A 1 66  ? -5.240  3.631   5.704   1.00 26.31 ? 72  SER A CB  1 
ATOM   474  O  OG  . SER A 1 66  ? -5.514  2.347   5.181   1.00 25.76 ? 72  SER A OG  1 
ATOM   475  N  N   . CYS A 1 67  ? -2.918  3.053   3.245   1.00 25.83 ? 73  CYS A N   1 
ATOM   476  C  CA  . CYS A 1 67  ? -1.801  2.204   2.769   1.00 25.82 ? 73  CYS A CA  1 
ATOM   477  C  C   . CYS A 1 67  ? -0.879  2.975   1.826   1.00 25.70 ? 73  CYS A C   1 
ATOM   478  O  O   . CYS A 1 67  ? -0.040  2.339   1.185   1.00 25.69 ? 73  CYS A O   1 
ATOM   479  C  CB  . CYS A 1 67  ? -2.296  0.966   2.038   1.00 27.20 ? 73  CYS A CB  1 
ATOM   480  S  SG  . CYS A 1 67  ? -3.407  -0.026  3.063   1.00 27.78 ? 73  CYS A SG  1 
ATOM   481  N  N   . CYS A 1 68  ? -1.046  4.292   1.739   1.00 24.57 ? 74  CYS A N   1 
ATOM   482  C  CA  . CYS A 1 68  ? -0.249  5.144   0.829   1.00 25.47 ? 74  CYS A CA  1 
ATOM   483  C  C   . CYS A 1 68  ? 0.766   5.946   1.639   1.00 25.33 ? 74  CYS A C   1 
ATOM   484  O  O   . CYS A 1 68  ? 0.350   6.733   2.493   1.00 24.53 ? 74  CYS A O   1 
ATOM   485  C  CB  . CYS A 1 68  ? -1.146  6.072   0.028   1.00 26.19 ? 74  CYS A CB  1 
ATOM   486  S  SG  . CYS A 1 68  ? -0.153  7.214   -0.962  1.00 27.01 ? 74  CYS A SG  1 
ATOM   487  N  N   . LEU A 1 69  ? 2.065   5.773   1.386   1.00 24.71 ? 75  LEU A N   1 
ATOM   488  C  CA  . LEU A 1 69  ? 3.096   6.493   2.169   1.00 24.79 ? 75  LEU A CA  1 
ATOM   489  C  C   . LEU A 1 69  ? 2.860   8.000   2.034   1.00 23.38 ? 75  LEU A C   1 
ATOM   490  O  O   . LEU A 1 69  ? 3.032   8.707   3.019   1.00 24.36 ? 75  LEU A O   1 
ATOM   491  C  CB  . LEU A 1 69  ? 4.491   6.127   1.663   1.00 26.72 ? 75  LEU A CB  1 
ATOM   492  C  CG  . LEU A 1 69  ? 5.649   6.765   2.427   1.00 27.61 ? 75  LEU A CG  1 
ATOM   493  C  CD1 . LEU A 1 69  ? 5.766   6.204   3.823   1.00 28.70 ? 75  LEU A CD1 1 
ATOM   494  C  CD2 . LEU A 1 69  ? 6.956   6.583   1.662   1.00 30.43 ? 75  LEU A CD2 1 
ATOM   495  N  N   . TYR A 1 70  ? 2.546   8.489   0.835   1.00 24.66 ? 76  TYR A N   1 
ATOM   496  C  CA  . TYR A 1 70  ? 2.439   9.952   0.581   1.00 26.12 ? 76  TYR A CA  1 
ATOM   497  C  C   . TYR A 1 70  ? 1.218   10.502  1.321   1.00 24.76 ? 76  TYR A C   1 
ATOM   498  O  O   . TYR A 1 70  ? 1.297   11.594  1.903   1.00 26.08 ? 76  TYR A O   1 
ATOM   499  C  CB  . TYR A 1 70  ? 2.429   10.234  -0.925  1.00 26.79 ? 76  TYR A CB  1 
ATOM   500  C  CG  . TYR A 1 70  ? 3.642   9.648   -1.587  1.00 27.42 ? 76  TYR A CG  1 
ATOM   501  C  CD1 . TYR A 1 70  ? 4.871   10.283  -1.491  1.00 29.61 ? 76  TYR A CD1 1 
ATOM   502  C  CD2 . TYR A 1 70  ? 3.581   8.425   -2.233  1.00 28.37 ? 76  TYR A CD2 1 
ATOM   503  C  CE1 . TYR A 1 70  ? 6.007   9.713   -2.034  1.00 30.60 ? 76  TYR A CE1 1 
ATOM   504  C  CE2 . TYR A 1 70  ? 4.706   7.851   -2.794  1.00 31.01 ? 76  TYR A CE2 1 
ATOM   505  C  CZ  . TYR A 1 70  ? 5.922   8.505   -2.699  1.00 30.71 ? 76  TYR A CZ  1 
ATOM   506  O  OH  . TYR A 1 70  ? 7.040   7.930   -3.239  1.00 32.71 ? 76  TYR A OH  1 
ATOM   507  N  N   . CYS A 1 71  ? 0.093   9.781   1.300   1.00 25.01 ? 77  CYS A N   1 
ATOM   508  C  CA  . CYS A 1 71  ? -1.117  10.164  2.059   1.00 26.22 ? 77  CYS A CA  1 
ATOM   509  C  C   . CYS A 1 71  ? -0.771  10.157  3.555   1.00 25.44 ? 77  CYS A C   1 
ATOM   510  O  O   . CYS A 1 71  ? -1.133  11.111  4.268   1.00 25.88 ? 77  CYS A O   1 
ATOM   511  C  CB  . CYS A 1 71  ? -2.285  9.232   1.762   1.00 27.03 ? 77  CYS A CB  1 
ATOM   512  S  SG  . CYS A 1 71  ? -3.055  9.492   0.135   1.00 29.32 ? 77  CYS A SG  1 
ATOM   513  N  N   . ARG A 1 72  ? -0.138  9.086   4.044   1.00 23.31 ? 78  ARG A N   1 
ATOM   514  C  CA  . ARG A 1 72  ? 0.150   8.948   5.488   1.00 23.90 ? 78  ARG A CA  1 
ATOM   515  C  C   . ARG A 1 72  ? 1.144   10.029  5.956   1.00 25.02 ? 78  ARG A C   1 
ATOM   516  O  O   . ARG A 1 72  ? 1.053   10.427  7.143   1.00 25.42 ? 78  ARG A O   1 
ATOM   517  C  CB  . ARG A 1 72  ? 0.645   7.528   5.778   1.00 23.84 ? 78  ARG A CB  1 
ATOM   518  C  CG  . ARG A 1 72  ? -0.437  6.456   5.708   1.00 24.66 ? 78  ARG A CG  1 
ATOM   519  C  CD  . ARG A 1 72  ? -1.467  6.534   6.834   1.00 24.33 ? 78  ARG A CD  1 
ATOM   520  N  NE  . ARG A 1 72  ? -0.929  6.280   8.160   1.00 24.07 ? 78  ARG A NE  1 
ATOM   521  C  CZ  . ARG A 1 72  ? -0.816  5.088   8.742   1.00 24.07 ? 78  ARG A CZ  1 
ATOM   522  N  NH1 . ARG A 1 72  ? -1.157  3.997   8.088   1.00 23.92 ? 78  ARG A NH1 1 
ATOM   523  N  NH2 . ARG A 1 72  ? -0.330  4.985   9.967   1.00 24.51 ? 78  ARG A NH2 1 
ATOM   524  N  N   . CYS A 1 73  ? 2.065   10.461  5.090   1.00 24.56 ? 79  CYS A N   1 
ATOM   525  C  CA  . CYS A 1 73  ? 3.101   11.485  5.379   1.00 24.77 ? 79  CYS A CA  1 
ATOM   526  C  C   . CYS A 1 73  ? 2.576   12.904  5.108   1.00 28.03 ? 79  CYS A C   1 
ATOM   527  O  O   . CYS A 1 73  ? 3.319   13.857  5.388   1.00 28.71 ? 79  CYS A O   1 
ATOM   528  C  CB  . CYS A 1 73  ? 4.356   11.243  4.549   1.00 24.25 ? 79  CYS A CB  1 
ATOM   529  S  SG  . CYS A 1 73  ? 5.348   9.827   5.090   1.00 27.39 ? 79  CYS A SG  1 
ATOM   530  N  N   . HIS A 1 74  ? 1.374   13.054  4.559   1.00 26.76 ? 80  HIS A N   1 
ATOM   531  C  CA  . HIS A 1 74  ? 0.777   14.377  4.225   1.00 29.30 ? 80  HIS A CA  1 
ATOM   532  C  C   . HIS A 1 74  ? 1.697   15.142  3.275   1.00 29.14 ? 80  HIS A C   1 
ATOM   533  O  O   . HIS A 1 74  ? 1.838   16.365  3.476   1.00 33.75 ? 80  HIS A O   1 
ATOM   534  C  CB  . HIS A 1 74  ? 0.522   15.201  5.501   1.00 30.82 ? 80  HIS A CB  1 
ATOM   535  C  CG  . HIS A 1 74  ? -0.295  14.485  6.516   1.00 33.56 ? 80  HIS A CG  1 
ATOM   536  N  ND1 . HIS A 1 74  ? -1.629  14.217  6.330   1.00 40.06 ? 80  HIS A ND1 1 
ATOM   537  C  CD2 . HIS A 1 74  ? 0.024   13.981  7.727   1.00 35.84 ? 80  HIS A CD2 1 
ATOM   538  C  CE1 . HIS A 1 74  ? -2.087  13.538  7.367   1.00 41.14 ? 80  HIS A CE1 1 
ATOM   539  N  NE2 . HIS A 1 74  ? -1.095  13.381  8.224   1.00 35.81 ? 80  HIS A NE2 1 
ATOM   540  N  N   . ILE A 1 75  ? 2.292   14.475  2.291   1.00 28.91 ? 81  ILE A N   1 
ATOM   541  C  CA  . ILE A 1 75  ? 3.175   15.126  1.283   1.00 30.81 ? 81  ILE A CA  1 
ATOM   542  C  C   . ILE A 1 75  ? 2.629   14.912  -0.125  1.00 32.65 ? 81  ILE A C   1 
ATOM   543  O  O   . ILE A 1 75  ? 1.743   14.036  -0.344  1.00 30.95 ? 81  ILE A O   1 
ATOM   544  C  CB  . ILE A 1 75  ? 4.628   14.647  1.406   1.00 30.30 ? 81  ILE A CB  1 
ATOM   545  C  CG1 . ILE A 1 75  ? 4.739   13.132  1.184   1.00 30.61 ? 81  ILE A CG1 1 
ATOM   546  C  CG2 . ILE A 1 75  ? 5.194   15.101  2.747   1.00 31.55 ? 81  ILE A CG2 1 
ATOM   547  C  CD1 . ILE A 1 75  ? 6.143   12.591  1.166   1.00 33.85 ? 81  ILE A CD1 1 
ATOM   548  N  N   . ASP A 1 76  ? 3.192   15.666  -1.062  1.00 33.63 ? 82  ASP A N   1 
ATOM   549  C  CA  . ASP A 1 76  ? 2.820   15.573  -2.497  1.00 34.78 ? 82  ASP A CA  1 
ATOM   550  C  C   . ASP A 1 76  ? 3.148   14.174  -3.016  1.00 31.79 ? 82  ASP A C   1 
ATOM   551  O  O   . ASP A 1 76  ? 4.154   13.571  -2.583  1.00 34.04 ? 82  ASP A O   1 
ATOM   552  C  CB  . ASP A 1 76  ? 3.541   16.645  -3.322  1.00 39.24 ? 82  ASP A CB  1 
ATOM   553  C  CG  . ASP A 1 76  ? 3.053   18.064  -3.071  1.00 43.92 ? 82  ASP A CG  1 
ATOM   554  O  OD1 . ASP A 1 76  ? 1.988   18.237  -2.443  1.00 46.00 ? 82  ASP A OD1 1 
ATOM   555  O  OD2 . ASP A 1 76  ? 3.758   18.992  -3.502  1.00 52.00 ? 82  ASP A OD2 1 
ATOM   556  N  N   . HIS A 1 77  ? 2.318   13.681  -3.931  1.00 31.38 ? 83  HIS A N   1 
ATOM   557  C  CA  . HIS A 1 77  ? 2.528   12.412  -4.656  1.00 32.26 ? 83  HIS A CA  1 
ATOM   558  C  C   . HIS A 1 77  ? 3.506   12.673  -5.790  1.00 38.51 ? 83  HIS A C   1 
ATOM   559  O  O   . HIS A 1 77  ? 3.445   13.732  -6.413  1.00 40.66 ? 83  HIS A O   1 
ATOM   560  C  CB  . HIS A 1 77  ? 1.201   11.838  -5.128  1.00 33.05 ? 83  HIS A CB  1 
ATOM   561  C  CG  . HIS A 1 77  ? 0.348   11.410  -3.985  1.00 30.24 ? 83  HIS A CG  1 
ATOM   562  N  ND1 . HIS A 1 77  ? -0.227  12.319  -3.117  1.00 30.99 ? 83  HIS A ND1 1 
ATOM   563  C  CD2 . HIS A 1 77  ? -0.017  10.175  -3.549  1.00 29.89 ? 83  HIS A CD2 1 
ATOM   564  C  CE1 . HIS A 1 77  ? -0.911  11.669  -2.195  1.00 32.18 ? 83  HIS A CE1 1 
ATOM   565  N  NE2 . HIS A 1 77  ? -0.784  10.364  -2.434  1.00 28.46 ? 83  HIS A NE2 1 
ATOM   566  N  N   . PRO A 1 78  ? 4.433   11.730  -6.048  1.00 42.77 ? 84  PRO A N   1 
ATOM   567  C  CA  . PRO A 1 78  ? 5.541   11.951  -6.978  1.00 48.32 ? 84  PRO A CA  1 
ATOM   568  C  C   . PRO A 1 78  ? 5.144   11.720  -8.442  1.00 51.95 ? 84  PRO A C   1 
ATOM   569  O  O   . PRO A 1 78  ? 5.629   10.793  -9.049  1.00 57.43 ? 84  PRO A O   1 
ATOM   570  C  CB  . PRO A 1 78  ? 6.553   10.904  -6.491  1.00 49.54 ? 84  PRO A CB  1 
ATOM   571  C  CG  . PRO A 1 78  ? 5.673   9.736   -6.094  1.00 48.11 ? 84  PRO A CG  1 
ATOM   572  C  CD  . PRO A 1 78  ? 4.485   10.394  -5.423  1.00 45.11 ? 84  PRO A CD  1 
ATOM   573  N  N   . ASN A 1 79  ? 4.253   12.558  -8.963  1.00 54.74 ? 85  ASN A N   1 
ATOM   574  C  CA  . ASN A 1 79  ? 3.961   12.649  -10.419 1.00 60.95 ? 85  ASN A CA  1 
ATOM   575  C  C   . ASN A 1 79  ? 3.549   14.088  -10.719 1.00 65.19 ? 85  ASN A C   1 
ATOM   576  O  O   . ASN A 1 79  ? 3.143   14.819  -9.811  1.00 61.94 ? 85  ASN A O   1 
ATOM   577  C  CB  . ASN A 1 79  ? 2.937   11.595  -10.856 1.00 58.19 ? 85  ASN A CB  1 
ATOM   578  C  CG  . ASN A 1 79  ? 1.619   11.720  -10.125 1.00 58.39 ? 85  ASN A CG  1 
ATOM   579  O  OD1 . ASN A 1 79  ? 0.856   12.650  -10.376 1.00 62.00 ? 85  ASN A OD1 1 
ATOM   580  N  ND2 . ASN A 1 79  ? 1.341   10.792  -9.221  1.00 57.37 ? 85  ASN A ND2 1 
ATOM   581  N  N   . PRO A 1 80  ? 3.670   14.548  -11.988 1.00 73.53 ? 86  PRO A N   1 
ATOM   582  C  CA  . PRO A 1 80  ? 3.321   15.926  -12.348 1.00 72.24 ? 86  PRO A CA  1 
ATOM   583  C  C   . PRO A 1 80  ? 1.984   16.396  -11.747 1.00 70.26 ? 86  PRO A C   1 
ATOM   584  O  O   . PRO A 1 80  ? 1.930   17.493  -11.206 1.00 70.54 ? 86  PRO A O   1 
ATOM   585  C  CB  . PRO A 1 80  ? 3.248   15.867  -13.884 1.00 73.87 ? 86  PRO A CB  1 
ATOM   586  C  CG  . PRO A 1 80  ? 4.253   14.792  -14.257 1.00 75.37 ? 86  PRO A CG  1 
ATOM   587  C  CD  . PRO A 1 80  ? 4.175   13.774  -13.137 1.00 74.70 ? 86  PRO A CD  1 
ATOM   588  N  N   . LYS A 1 81  ? 0.958   15.540  -11.827 1.00 66.50 ? 87  LYS A N   1 
ATOM   589  C  CA  . LYS A 1 81  ? -0.441  15.835  -11.410 1.00 66.14 ? 87  LYS A CA  1 
ATOM   590  C  C   . LYS A 1 81  ? -0.575  15.812  -9.880  1.00 58.80 ? 87  LYS A C   1 
ATOM   591  O  O   . LYS A 1 81  ? -1.554  16.398  -9.374  1.00 56.16 ? 87  LYS A O   1 
ATOM   592  C  CB  . LYS A 1 81  ? -1.391  14.809  -12.039 1.00 75.15 ? 87  LYS A CB  1 
ATOM   593  C  CG  . LYS A 1 81  ? -2.875  15.151  -11.959 1.00 81.09 ? 87  LYS A CG  1 
ATOM   594  C  CD  . LYS A 1 81  ? -3.234  16.496  -12.564 1.00 86.22 ? 87  LYS A CD  1 
ATOM   595  C  CE  . LYS A 1 81  ? -2.735  16.671  -13.985 1.00 89.24 ? 87  LYS A CE  1 
ATOM   596  N  NZ  . LYS A 1 81  ? -3.181  17.959  -14.569 1.00 91.48 ? 87  LYS A NZ  1 
ATOM   597  N  N   . GLY A 1 82  ? 0.345   15.152  -9.166  1.00 52.80 ? 88  GLY A N   1 
ATOM   598  C  CA  . GLY A 1 82  ? 0.205   14.882  -7.718  1.00 50.62 ? 88  GLY A CA  1 
ATOM   599  C  C   . GLY A 1 82  ? -1.019  14.019  -7.442  1.00 47.61 ? 88  GLY A C   1 
ATOM   600  O  O   . GLY A 1 82  ? -1.629  14.151  -6.351  1.00 45.23 ? 88  GLY A O   1 
ATOM   601  N  N   . PHE A 1 83  ? -1.391  13.177  -8.408  1.00 42.23 ? 89  PHE A N   1 
ATOM   602  C  CA  . PHE A 1 83  ? -2.557  12.261  -8.334  1.00 43.48 ? 89  PHE A CA  1 
ATOM   603  C  C   . PHE A 1 83  ? -2.190  11.061  -7.451  1.00 39.24 ? 89  PHE A C   1 
ATOM   604  O  O   . PHE A 1 83  ? -1.029  10.596  -7.505  1.00 40.73 ? 89  PHE A O   1 
ATOM   605  C  CB  . PHE A 1 83  ? -2.957  11.803  -9.740  1.00 50.12 ? 89  PHE A CB  1 
ATOM   606  C  CG  . PHE A 1 83  ? -4.108  10.831  -9.772  1.00 54.31 ? 89  PHE A CG  1 
ATOM   607  C  CD1 . PHE A 1 83  ? -5.401  11.261  -9.511  1.00 59.25 ? 89  PHE A CD1 1 
ATOM   608  C  CD2 . PHE A 1 83  ? -3.896  9.485   -10.047 1.00 58.20 ? 89  PHE A CD2 1 
ATOM   609  C  CE1 . PHE A 1 83  ? -6.462  10.366  -9.530  1.00 60.03 ? 89  PHE A CE1 1 
ATOM   610  C  CE2 . PHE A 1 83  ? -4.958  8.591   -10.064 1.00 57.57 ? 89  PHE A CE2 1 
ATOM   611  C  CZ  . PHE A 1 83  ? -6.237  9.035   -9.806  1.00 58.61 ? 89  PHE A CZ  1 
ATOM   612  N  N   . CYS A 1 84  ? -3.148  10.578  -6.663  1.00 35.57 ? 90  CYS A N   1 
ATOM   613  C  CA  . CYS A 1 84  ? -3.007  9.336   -5.854  1.00 33.63 ? 90  CYS A CA  1 
ATOM   614  C  C   . CYS A 1 84  ? -3.907  8.229   -6.427  1.00 31.45 ? 90  CYS A C   1 
ATOM   615  O  O   . CYS A 1 84  ? -5.129  8.432   -6.490  1.00 35.77 ? 90  CYS A O   1 
ATOM   616  C  CB  . CYS A 1 84  ? -3.379  9.571   -4.400  1.00 31.59 ? 90  CYS A CB  1 
ATOM   617  S  SG  . CYS A 1 84  ? -3.073  8.075   -3.425  1.00 30.58 ? 90  CYS A SG  1 
ATOM   618  N  N   . ASP A 1 85  ? -3.294  7.105   -6.777  1.00 34.23 ? 91  ASP A N   1 
ATOM   619  C  CA  . ASP A 1 85  ? -3.935  5.873   -7.308  1.00 38.27 ? 91  ASP A CA  1 
ATOM   620  C  C   . ASP A 1 85  ? -4.773  5.180   -6.216  1.00 35.16 ? 91  ASP A C   1 
ATOM   621  O  O   . ASP A 1 85  ? -5.638  4.363   -6.579  1.00 33.13 ? 91  ASP A O   1 
ATOM   622  C  CB  . ASP A 1 85  ? -2.881  4.916   -7.893  1.00 43.10 ? 91  ASP A CB  1 
ATOM   623  C  CG  . ASP A 1 85  ? -1.682  4.598   -6.998  1.00 52.65 ? 91  ASP A CG  1 
ATOM   624  O  OD1 . ASP A 1 85  ? -1.344  5.431   -6.117  1.00 64.11 ? 91  ASP A OD1 1 
ATOM   625  O  OD2 . ASP A 1 85  ? -1.061  3.524   -7.193  1.00 59.89 ? 91  ASP A OD2 1 
ATOM   626  N  N   . LEU A 1 86  ? -4.535  5.469   -4.930  1.00 32.19 ? 92  LEU A N   1 
ATOM   627  C  CA  . LEU A 1 86  ? -5.096  4.656   -3.812  1.00 28.53 ? 92  LEU A CA  1 
ATOM   628  C  C   . LEU A 1 86  ? -6.225  5.408   -3.105  1.00 29.85 ? 92  LEU A C   1 
ATOM   629  O  O   . LEU A 1 86  ? -7.183  4.763   -2.644  1.00 27.39 ? 92  LEU A O   1 
ATOM   630  C  CB  . LEU A 1 86  ? -3.956  4.332   -2.841  1.00 28.04 ? 92  LEU A CB  1 
ATOM   631  C  CG  . LEU A 1 86  ? -2.937  3.305   -3.335  1.00 28.45 ? 92  LEU A CG  1 
ATOM   632  C  CD1 . LEU A 1 86  ? -1.717  3.247   -2.427  1.00 29.28 ? 92  LEU A CD1 1 
ATOM   633  C  CD2 . LEU A 1 86  ? -3.575  1.930   -3.402  1.00 31.03 ? 92  LEU A CD2 1 
ATOM   634  N  N   . LYS A 1 87  ? -6.132  6.735   -3.003  1.00 31.10 ? 93  LYS A N   1 
ATOM   635  C  CA  . LYS A 1 87  ? -7.094  7.545   -2.214  1.00 33.62 ? 93  LYS A CA  1 
ATOM   636  C  C   . LYS A 1 87  ? -8.515  7.316   -2.743  1.00 32.96 ? 93  LYS A C   1 
ATOM   637  O  O   . LYS A 1 87  ? -8.727  7.416   -3.963  1.00 34.83 ? 93  LYS A O   1 
ATOM   638  C  CB  . LYS A 1 87  ? -6.686  9.024   -2.252  1.00 37.72 ? 93  LYS A CB  1 
ATOM   639  C  CG  . LYS A 1 87  ? -7.478  9.936   -1.327  1.00 44.68 ? 93  LYS A CG  1 
ATOM   640  C  CD  . LYS A 1 87  ? -7.078  11.401  -1.443  1.00 49.55 ? 93  LYS A CD  1 
ATOM   641  C  CE  . LYS A 1 87  ? -7.824  12.275  -0.459  1.00 54.93 ? 93  LYS A CE  1 
ATOM   642  N  NZ  . LYS A 1 87  ? -7.434  13.699  -0.593  1.00 62.04 ? 93  LYS A NZ  1 
ATOM   643  N  N   . GLY A 1 88  ? -9.458  7.012   -1.850  1.00 31.84 ? 94  GLY A N   1 
ATOM   644  C  CA  . GLY A 1 88  ? -10.884 6.822   -2.178  1.00 34.33 ? 94  GLY A CA  1 
ATOM   645  C  C   . GLY A 1 88  ? -11.180 5.439   -2.726  1.00 33.21 ? 94  GLY A C   1 
ATOM   646  O  O   . GLY A 1 88  ? -12.350 5.153   -3.010  1.00 35.26 ? 94  GLY A O   1 
ATOM   647  N  N   . LYS A 1 89  ? -10.171 4.581   -2.821  1.00 30.17 ? 95  LYS A N   1 
ATOM   648  C  CA  . LYS A 1 89  ? -10.311 3.209   -3.352  1.00 29.52 ? 95  LYS A CA  1 
ATOM   649  C  C   . LYS A 1 89  ? -9.953  2.189   -2.268  1.00 27.31 ? 95  LYS A C   1 
ATOM   650  O  O   . LYS A 1 89  ? -9.686  2.584   -1.112  1.00 28.77 ? 95  LYS A O   1 
ATOM   651  C  CB  . LYS A 1 89  ? -9.424  3.045   -4.580  1.00 31.60 ? 95  LYS A CB  1 
ATOM   652  C  CG  . LYS A 1 89  ? -9.740  3.997   -5.732  1.00 39.69 ? 95  LYS A CG  1 
ATOM   653  C  CD  . LYS A 1 89  ? -10.564 3.355   -6.815  1.00 46.88 ? 95  LYS A CD  1 
ATOM   654  C  CE  . LYS A 1 89  ? -10.954 4.304   -7.935  1.00 52.85 ? 95  LYS A CE  1 
ATOM   655  N  NZ  . LYS A 1 89  ? -9.833  5.194   -8.319  1.00 59.66 ? 95  LYS A NZ  1 
ATOM   656  N  N   . TYR A 1 90  ? -10.012 0.917   -2.635  1.00 26.13 ? 96  TYR A N   1 
ATOM   657  C  CA  . TYR A 1 90  ? -9.632  -0.219  -1.761  1.00 27.09 ? 96  TYR A CA  1 
ATOM   658  C  C   . TYR A 1 90  ? -8.487  -0.963  -2.427  1.00 27.79 ? 96  TYR A C   1 
ATOM   659  O  O   . TYR A 1 90  ? -8.491  -1.217  -3.653  1.00 29.06 ? 96  TYR A O   1 
ATOM   660  C  CB  . TYR A 1 90  ? -10.863 -1.080  -1.452  1.00 27.79 ? 96  TYR A CB  1 
ATOM   661  C  CG  . TYR A 1 90  ? -11.904 -0.231  -0.779  1.00 27.83 ? 96  TYR A CG  1 
ATOM   662  C  CD1 . TYR A 1 90  ? -11.824 0.046   0.570   1.00 28.16 ? 96  TYR A CD1 1 
ATOM   663  C  CD2 . TYR A 1 90  ? -12.858 0.447   -1.525  1.00 28.73 ? 96  TYR A CD2 1 
ATOM   664  C  CE1 . TYR A 1 90  ? -12.724 0.897   1.186   1.00 28.64 ? 96  TYR A CE1 1 
ATOM   665  C  CE2 . TYR A 1 90  ? -13.762 1.309   -0.926  1.00 28.78 ? 96  TYR A CE2 1 
ATOM   666  C  CZ  . TYR A 1 90  ? -13.692 1.542   0.429   1.00 29.04 ? 96  TYR A CZ  1 
ATOM   667  O  OH  . TYR A 1 90  ? -14.585 2.403   1.000   1.00 31.11 ? 96  TYR A OH  1 
ATOM   668  N  N   . VAL A 1 91  ? -7.513  -1.342  -1.615  1.00 26.15 ? 97  VAL A N   1 
ATOM   669  C  CA  . VAL A 1 91  ? -6.299  -2.030  -2.101  1.00 25.70 ? 97  VAL A CA  1 
ATOM   670  C  C   . VAL A 1 91  ? -6.267  -3.444  -1.531  1.00 27.63 ? 97  VAL A C   1 
ATOM   671  O  O   . VAL A 1 91  ? -6.476  -3.629  -0.302  1.00 26.57 ? 97  VAL A O   1 
ATOM   672  C  CB  . VAL A 1 91  ? -5.012  -1.246  -1.776  1.00 26.69 ? 97  VAL A CB  1 
ATOM   673  C  CG1 . VAL A 1 91  ? -4.766  -1.075  -0.289  1.00 27.32 ? 97  VAL A CG1 1 
ATOM   674  C  CG2 . VAL A 1 91  ? -3.815  -1.894  -2.448  1.00 26.84 ? 97  VAL A CG2 1 
ATOM   675  N  N   . GLN A 1 92  ? -6.001  -4.394  -2.420  1.00 24.79 ? 98  GLN A N   1 
ATOM   676  C  CA  . GLN A 1 92  ? -5.829  -5.817  -2.080  1.00 25.88 ? 98  GLN A CA  1 
ATOM   677  C  C   . GLN A 1 92  ? -4.339  -6.078  -1.893  1.00 29.27 ? 98  GLN A C   1 
ATOM   678  O  O   . GLN A 1 92  ? -3.547  -5.746  -2.800  1.00 28.89 ? 98  GLN A O   1 
ATOM   679  C  CB  . GLN A 1 92  ? -6.473  -6.669  -3.166  1.00 26.88 ? 98  GLN A CB  1 
ATOM   680  C  CG  . GLN A 1 92  ? -7.993  -6.753  -3.071  1.00 27.06 ? 98  GLN A CG  1 
ATOM   681  C  CD  . GLN A 1 92  ? -8.748  -5.447  -3.129  1.00 28.15 ? 98  GLN A CD  1 
ATOM   682  O  OE1 . GLN A 1 92  ? -9.509  -5.076  -2.210  1.00 27.22 ? 98  GLN A OE1 1 
ATOM   683  N  NE2 . GLN A 1 92  ? -8.573  -4.726  -4.226  1.00 28.39 ? 98  GLN A NE2 1 
ATOM   684  N  N   . ILE A 1 93  ? -3.967  -6.663  -0.761  1.00 27.18 ? 99  ILE A N   1 
ATOM   685  C  CA  . ILE A 1 93  ? -2.548  -6.921  -0.407  1.00 27.72 ? 99  ILE A CA  1 
ATOM   686  C  C   . ILE A 1 93  ? -2.417  -8.424  -0.208  1.00 27.66 ? 99  ILE A C   1 
ATOM   687  O  O   . ILE A 1 93  ? -3.172  -8.991  0.572   1.00 27.53 ? 99  ILE A O   1 
ATOM   688  C  CB  . ILE A 1 93  ? -2.122  -6.165  0.864   1.00 28.01 ? 99  ILE A CB  1 
ATOM   689  C  CG1 . ILE A 1 93  ? -2.406  -4.661  0.792   1.00 29.63 ? 99  ILE A CG1 1 
ATOM   690  C  CG2 . ILE A 1 93  ? -0.658  -6.463  1.158   1.00 27.58 ? 99  ILE A CG2 1 
ATOM   691  C  CD1 . ILE A 1 93  ? -1.629  -3.925  -0.260  1.00 28.77 ? 99  ILE A CD1 1 
ATOM   692  N  N   . PRO A 1 94  ? -1.484  -9.113  -0.889  1.00 29.84 ? 100 PRO A N   1 
ATOM   693  C  CA  . PRO A 1 94  ? -1.269  -10.532 -0.612  1.00 30.60 ? 100 PRO A CA  1 
ATOM   694  C  C   . PRO A 1 94  ? -1.107  -10.744 0.898   1.00 32.81 ? 100 PRO A C   1 
ATOM   695  O  O   . PRO A 1 94  ? -0.390  -9.985  1.543   1.00 30.96 ? 100 PRO A O   1 
ATOM   696  C  CB  . PRO A 1 94  ? 0.032   -10.873 -1.350  1.00 33.10 ? 100 PRO A CB  1 
ATOM   697  C  CG  . PRO A 1 94  ? 0.130   -9.830  -2.431  1.00 32.05 ? 100 PRO A CG  1 
ATOM   698  C  CD  . PRO A 1 94  ? -0.545  -8.588  -1.892  1.00 31.33 ? 100 PRO A CD  1 
ATOM   699  N  N   . THR A 1 95  ? -1.749  -11.781 1.439   1.00 30.97 ? 101 THR A N   1 
ATOM   700  C  CA  . THR A 1 95  ? -1.692  -12.115 2.881   1.00 33.61 ? 101 THR A CA  1 
ATOM   701  C  C   . THR A 1 95  ? -0.222  -12.186 3.332   1.00 32.77 ? 101 THR A C   1 
ATOM   702  O  O   . THR A 1 95  ? 0.065   -11.716 4.444   1.00 33.41 ? 101 THR A O   1 
ATOM   703  C  CB  . THR A 1 95  ? -2.499  -13.387 3.173   1.00 32.72 ? 101 THR A CB  1 
ATOM   704  O  OG1 . THR A 1 95  ? -3.854  -13.162 2.787   1.00 35.21 ? 101 THR A OG1 1 
ATOM   705  C  CG2 . THR A 1 95  ? -2.456  -13.771 4.634   1.00 36.11 ? 101 THR A CG2 1 
ATOM   706  N  N   . THR A 1 96  ? 0.679   -12.714 2.498   1.00 35.62 ? 102 THR A N   1 
ATOM   707  C  CA  . THR A 1 96  ? 2.128   -12.861 2.818   1.00 37.53 ? 102 THR A CA  1 
ATOM   708  C  C   . THR A 1 96  ? 2.777   -11.489 3.075   1.00 39.00 ? 102 THR A C   1 
ATOM   709  O  O   . THR A 1 96  ? 3.858   -11.449 3.716   1.00 39.83 ? 102 THR A O   1 
ATOM   710  C  CB  . THR A 1 96  ? 2.875   -13.606 1.704   1.00 40.97 ? 102 THR A CB  1 
ATOM   711  O  OG1 . THR A 1 96  ? 2.705   -12.933 0.454   1.00 41.04 ? 102 THR A OG1 1 
ATOM   712  C  CG2 . THR A 1 96  ? 2.411   -15.041 1.575   1.00 44.69 ? 102 THR A CG2 1 
ATOM   713  N  N   . CYS A 1 97  ? 2.162   -10.402 2.605   1.00 33.74 ? 103 CYS A N   1 
ATOM   714  C  CA  . CYS A 1 97  ? 2.729   -9.028  2.693   1.00 33.81 ? 103 CYS A CA  1 
ATOM   715  C  C   . CYS A 1 97  ? 1.827   -8.081  3.490   1.00 31.13 ? 103 CYS A C   1 
ATOM   716  O  O   . CYS A 1 97  ? 2.168   -6.887  3.604   1.00 30.35 ? 103 CYS A O   1 
ATOM   717  C  CB  . CYS A 1 97  ? 2.932   -8.474  1.295   1.00 33.93 ? 103 CYS A CB  1 
ATOM   718  S  SG  . CYS A 1 97  ? 4.167   -9.400  0.342   1.00 38.02 ? 103 CYS A SG  1 
ATOM   719  N  N   . ALA A 1 98  ? 0.721   -8.569  4.046   1.00 30.85 ? 104 ALA A N   1 
ATOM   720  C  CA  . ALA A 1 98  ? -0.341  -7.719  4.627   1.00 29.74 ? 104 ALA A CA  1 
ATOM   721  C  C   . ALA A 1 98  ? 0.060   -7.187  6.006   1.00 28.57 ? 104 ALA A C   1 
ATOM   722  O  O   . ALA A 1 98  ? -0.676  -6.341  6.537   1.00 27.99 ? 104 ALA A O   1 
ATOM   723  C  CB  . ALA A 1 98  ? -1.643  -8.478  4.663   1.00 30.66 ? 104 ALA A CB  1 
ATOM   724  N  N   . ASN A 1 99  ? 1.187   -7.648  6.571   1.00 28.93 ? 105 ASN A N   1 
ATOM   725  C  CA  . ASN A 1 99  ? 1.781   -7.023  7.774   1.00 29.80 ? 105 ASN A CA  1 
ATOM   726  C  C   . ASN A 1 99  ? 2.356   -5.643  7.418   1.00 27.84 ? 105 ASN A C   1 
ATOM   727  O  O   . ASN A 1 99  ? 2.628   -4.873  8.343   1.00 28.17 ? 105 ASN A O   1 
ATOM   728  C  CB  . ASN A 1 99  ? 2.856   -7.913  8.406   1.00 33.02 ? 105 ASN A CB  1 
ATOM   729  C  CG  . ASN A 1 99  ? 4.083   -8.082  7.537   1.00 34.75 ? 105 ASN A CG  1 
ATOM   730  O  OD1 . ASN A 1 99  ? 3.989   -8.312  6.334   1.00 38.25 ? 105 ASN A OD1 1 
ATOM   731  N  ND2 . ASN A 1 99  ? 5.248   -7.969  8.140   1.00 45.10 ? 105 ASN A ND2 1 
ATOM   732  N  N   . ASP A 1 100 ? 2.537   -5.325  6.133   1.00 26.51 ? 106 ASP A N   1 
ATOM   733  C  CA  . ASP A 1 100 ? 3.125   -4.015  5.735   1.00 26.04 ? 106 ASP A CA  1 
ATOM   734  C  C   . ASP A 1 100 ? 2.480   -3.504  4.454   1.00 24.82 ? 106 ASP A C   1 
ATOM   735  O  O   . ASP A 1 100 ? 3.125   -3.459  3.408   1.00 25.05 ? 106 ASP A O   1 
ATOM   736  C  CB  . ASP A 1 100 ? 4.636   -4.157  5.602   1.00 27.26 ? 106 ASP A CB  1 
ATOM   737  C  CG  . ASP A 1 100 ? 5.371   -2.884  5.221   1.00 29.99 ? 106 ASP A CG  1 
ATOM   738  O  OD1 . ASP A 1 100 ? 4.797   -1.779  5.415   1.00 28.34 ? 106 ASP A OD1 1 
ATOM   739  O  OD2 . ASP A 1 100 ? 6.515   -3.015  4.748   1.00 31.83 ? 106 ASP A OD2 1 
ATOM   740  N  N   . PRO A 1 101 ? 1.193   -3.100  4.481   1.00 24.73 ? 107 PRO A N   1 
ATOM   741  C  CA  . PRO A 1 101 ? 0.546   -2.586  3.276   1.00 24.96 ? 107 PRO A CA  1 
ATOM   742  C  C   . PRO A 1 101 ? 1.225   -1.348  2.662   1.00 25.25 ? 107 PRO A C   1 
ATOM   743  O  O   . PRO A 1 101 ? 1.255   -1.228  1.444   1.00 25.81 ? 107 PRO A O   1 
ATOM   744  C  CB  . PRO A 1 101 ? -0.872  -2.254  3.749   1.00 26.38 ? 107 PRO A CB  1 
ATOM   745  C  CG  . PRO A 1 101 ? -1.057  -3.096  4.974   1.00 27.05 ? 107 PRO A CG  1 
ATOM   746  C  CD  . PRO A 1 101 ? 0.294   -3.133  5.639   1.00 25.96 ? 107 PRO A CD  1 
ATOM   747  N  N   . VAL A 1 102 ? 1.743   -0.442  3.489   1.00 25.31 ? 108 VAL A N   1 
ATOM   748  C  CA  . VAL A 1 102 ? 2.391   0.806   2.983   1.00 24.84 ? 108 VAL A CA  1 
ATOM   749  C  C   . VAL A 1 102 ? 3.638   0.423   2.168   1.00 26.35 ? 108 VAL A C   1 
ATOM   750  O  O   . VAL A 1 102 ? 3.792   0.920   1.050   1.00 26.98 ? 108 VAL A O   1 
ATOM   751  C  CB  . VAL A 1 102 ? 2.743   1.783   4.119   1.00 24.13 ? 108 VAL A CB  1 
ATOM   752  C  CG1 . VAL A 1 102 ? 3.511   2.991   3.596   1.00 25.82 ? 108 VAL A CG1 1 
ATOM   753  C  CG2 . VAL A 1 102 ? 1.507   2.212   4.883   1.00 24.51 ? 108 VAL A CG2 1 
ATOM   754  N  N   . GLY A 1 103 ? 4.475   -0.469  2.702   1.00 25.18 ? 109 GLY A N   1 
ATOM   755  C  CA  . GLY A 1 103 ? 5.672   -0.956  1.993   1.00 26.65 ? 109 GLY A CA  1 
ATOM   756  C  C   . GLY A 1 103 ? 5.278   -1.713  0.742   1.00 26.93 ? 109 GLY A C   1 
ATOM   757  O  O   . GLY A 1 103 ? 5.924   -1.536  -0.319  1.00 28.94 ? 109 GLY A O   1 
ATOM   758  N  N   . PHE A 1 104 ? 4.223   -2.523  0.819   1.00 26.05 ? 110 PHE A N   1 
ATOM   759  C  CA  . PHE A 1 104 ? 3.807   -3.328  -0.353  1.00 27.44 ? 110 PHE A CA  1 
ATOM   760  C  C   . PHE A 1 104 ? 3.402   -2.414  -1.508  1.00 27.98 ? 110 PHE A C   1 
ATOM   761  O  O   . PHE A 1 104 ? 3.867   -2.632  -2.641  1.00 28.03 ? 110 PHE A O   1 
ATOM   762  C  CB  . PHE A 1 104 ? 2.668   -4.292  -0.027  1.00 25.81 ? 110 PHE A CB  1 
ATOM   763  C  CG  . PHE A 1 104 ? 2.334   -5.166  -1.206  1.00 27.83 ? 110 PHE A CG  1 
ATOM   764  C  CD1 . PHE A 1 104 ? 1.395   -4.760  -2.143  1.00 29.28 ? 110 PHE A CD1 1 
ATOM   765  C  CD2 . PHE A 1 104 ? 3.009   -6.361  -1.411  1.00 30.11 ? 110 PHE A CD2 1 
ATOM   766  C  CE1 . PHE A 1 104 ? 1.110   -5.553  -3.246  1.00 30.59 ? 110 PHE A CE1 1 
ATOM   767  C  CE2 . PHE A 1 104 ? 2.723   -7.152  -2.515  1.00 28.46 ? 110 PHE A CE2 1 
ATOM   768  C  CZ  . PHE A 1 104 ? 1.768   -6.749  -3.426  1.00 28.07 ? 110 PHE A CZ  1 
ATOM   769  N  N   . THR A 1 105 ? 2.535   -1.432  -1.265  1.00 27.83 ? 111 THR A N   1 
ATOM   770  C  CA  . THR A 1 105 ? 2.041   -0.550  -2.352  1.00 27.93 ? 111 THR A CA  1 
ATOM   771  C  C   . THR A 1 105 ? 3.223   0.254   -2.895  1.00 29.65 ? 111 THR A C   1 
ATOM   772  O  O   . THR A 1 105 ? 3.276   0.493   -4.097  1.00 29.26 ? 111 THR A O   1 
ATOM   773  C  CB  . THR A 1 105 ? 0.888   0.362   -1.927  1.00 29.65 ? 111 THR A CB  1 
ATOM   774  O  OG1 . THR A 1 105 ? 1.307   1.267   -0.902  1.00 28.69 ? 111 THR A OG1 1 
ATOM   775  C  CG2 . THR A 1 105 ? -0.311  -0.441  -1.463  1.00 27.94 ? 111 THR A CG2 1 
ATOM   776  N  N   . LEU A 1 106 ? 4.136   0.653   -2.022  1.00 29.23 ? 112 LEU A N   1 
ATOM   777  C  CA  . LEU A 1 106 ? 5.268   1.516   -2.428  1.00 30.56 ? 112 LEU A CA  1 
ATOM   778  C  C   . LEU A 1 106 ? 6.124   0.741   -3.426  1.00 32.40 ? 112 LEU A C   1 
ATOM   779  O  O   . LEU A 1 106 ? 6.591   1.348   -4.410  1.00 34.15 ? 112 LEU A O   1 
ATOM   780  C  CB  . LEU A 1 106 ? 6.053   1.895   -1.177  1.00 30.26 ? 112 LEU A CB  1 
ATOM   781  C  CG  . LEU A 1 106 ? 7.084   2.996   -1.355  1.00 31.87 ? 112 LEU A CG  1 
ATOM   782  C  CD1 . LEU A 1 106 ? 6.416   4.296   -1.775  1.00 31.13 ? 112 LEU A CD1 1 
ATOM   783  C  CD2 . LEU A 1 106 ? 7.882   3.157   -0.078  1.00 32.20 ? 112 LEU A CD2 1 
ATOM   784  N  N   . LYS A 1 107 ? 6.339   -0.548  -3.162  1.00 32.18 ? 113 LYS A N   1 
ATOM   785  C  CA  . LYS A 1 107 ? 7.342   -1.375  -3.876  1.00 33.96 ? 113 LYS A CA  1 
ATOM   786  C  C   . LYS A 1 107 ? 6.766   -1.970  -5.158  1.00 36.75 ? 113 LYS A C   1 
ATOM   787  O  O   . LYS A 1 107 ? 7.560   -2.387  -6.013  1.00 36.71 ? 113 LYS A O   1 
ATOM   788  C  CB  . LYS A 1 107 ? 7.840   -2.486  -2.963  1.00 34.07 ? 113 LYS A CB  1 
ATOM   789  C  CG  . LYS A 1 107 ? 8.752   -2.016  -1.850  1.00 33.04 ? 113 LYS A CG  1 
ATOM   790  C  CD  . LYS A 1 107 ? 9.006   -3.091  -0.861  1.00 32.72 ? 113 LYS A CD  1 
ATOM   791  C  CE  . LYS A 1 107 ? 9.918   -2.645  0.253   1.00 32.34 ? 113 LYS A CE  1 
ATOM   792  N  NZ  . LYS A 1 107 ? 10.079  -3.710  1.260   1.00 35.72 ? 113 LYS A NZ  1 
ATOM   793  N  N   . ASN A 1 108 ? 5.448   -2.016  -5.313  1.00 34.61 ? 114 ASN A N   1 
ATOM   794  C  CA  . ASN A 1 108 ? 4.844   -2.856  -6.379  1.00 35.33 ? 114 ASN A CA  1 
ATOM   795  C  C   . ASN A 1 108 ? 4.104   -2.024  -7.418  1.00 33.13 ? 114 ASN A C   1 
ATOM   796  O  O   . ASN A 1 108 ? 3.850   -0.825  -7.212  1.00 34.44 ? 114 ASN A O   1 
ATOM   797  C  CB  . ASN A 1 108 ? 3.996   -3.956  -5.751  1.00 33.90 ? 114 ASN A CB  1 
ATOM   798  C  CG  . ASN A 1 108 ? 4.894   -4.969  -5.091  1.00 33.99 ? 114 ASN A CG  1 
ATOM   799  O  OD1 . ASN A 1 108 ? 5.531   -5.774  -5.778  1.00 35.37 ? 114 ASN A OD1 1 
ATOM   800  N  ND2 . ASN A 1 108 ? 5.001   -4.913  -3.773  1.00 31.49 ? 114 ASN A ND2 1 
ATOM   801  N  N   . THR A 1 109 ? 3.745   -2.696  -8.507  1.00 33.57 ? 115 THR A N   1 
ATOM   802  C  CA  . THR A 1 109 ? 3.152   -2.108  -9.724  1.00 35.23 ? 115 THR A CA  1 
ATOM   803  C  C   . THR A 1 109 ? 1.971   -2.964  -10.177 1.00 31.61 ? 115 THR A C   1 
ATOM   804  O  O   . THR A 1 109 ? 2.094   -4.196  -10.138 1.00 33.71 ? 115 THR A O   1 
ATOM   805  C  CB  . THR A 1 109 ? 4.206   -2.045  -10.841 1.00 39.89 ? 115 THR A CB  1 
ATOM   806  O  OG1 . THR A 1 109 ? 5.263   -1.220  -10.347 1.00 46.35 ? 115 THR A OG1 1 
ATOM   807  C  CG2 . THR A 1 109 ? 3.624   -1.507  -12.127 1.00 42.33 ? 115 THR A CG2 1 
ATOM   808  N  N   . VAL A 1 110 ? 0.897   -2.325  -10.615 1.00 36.66 ? 116 VAL A N   1 
ATOM   809  C  CA  . VAL A 1 110 ? -0.335  -3.005  -11.110 1.00 37.97 ? 116 VAL A CA  1 
ATOM   810  C  C   . VAL A 1 110 ? -0.129  -3.383  -12.586 1.00 41.29 ? 116 VAL A C   1 
ATOM   811  O  O   . VAL A 1 110 ? 0.230   -2.486  -13.362 1.00 41.58 ? 116 VAL A O   1 
ATOM   812  C  CB  . VAL A 1 110 ? -1.557  -2.097  -10.899 1.00 37.35 ? 116 VAL A CB  1 
ATOM   813  C  CG1 . VAL A 1 110 ? -2.843  -2.741  -11.405 1.00 39.74 ? 116 VAL A CG1 1 
ATOM   814  C  CG2 . VAL A 1 110 ? -1.690  -1.694  -9.428  1.00 36.31 ? 116 VAL A CG2 1 
ATOM   815  N  N   . CYS A 1 111 ? -0.369  -4.651  -12.953 1.00 43.63 ? 117 CYS A N   1 
ATOM   816  C  CA  . CYS A 1 111 ? -0.412  -5.148  -14.364 1.00 43.73 ? 117 CYS A CA  1 
ATOM   817  C  C   . CYS A 1 111 ? -1.508  -4.388  -15.127 1.00 48.42 ? 117 CYS A C   1 
ATOM   818  O  O   . CYS A 1 111 ? -2.668  -4.379  -14.686 1.00 45.50 ? 117 CYS A O   1 
ATOM   819  C  CB  . CYS A 1 111 ? -0.626  -6.662  -14.408 1.00 45.61 ? 117 CYS A CB  1 
ATOM   820  S  SG  . CYS A 1 111 ? -0.793  -7.406  -16.064 1.00 46.74 ? 117 CYS A SG  1 
ATOM   821  N  N   . THR A 1 112 ? -1.154  -3.753  -16.246 1.00 52.32 ? 118 THR A N   1 
ATOM   822  C  CA  . THR A 1 112 ? -2.087  -2.948  -17.081 1.00 54.65 ? 118 THR A CA  1 
ATOM   823  C  C   . THR A 1 112 ? -3.067  -3.864  -17.829 1.00 53.35 ? 118 THR A C   1 
ATOM   824  O  O   . THR A 1 112 ? -4.092  -3.340  -18.293 1.00 53.32 ? 118 THR A O   1 
ATOM   825  C  CB  . THR A 1 112 ? -1.307  -2.074  -18.068 1.00 58.31 ? 118 THR A CB  1 
ATOM   826  O  OG1 . THR A 1 112 ? -0.490  -2.955  -18.839 1.00 61.08 ? 118 THR A OG1 1 
ATOM   827  C  CG2 . THR A 1 112 ? -0.441  -1.044  -17.379 1.00 60.20 ? 118 THR A CG2 1 
ATOM   828  N  N   . VAL A 1 113 ? -2.758  -5.162  -17.951 1.00 52.35 ? 119 VAL A N   1 
ATOM   829  C  CA  . VAL A 1 113 ? -3.585  -6.172  -18.678 1.00 55.20 ? 119 VAL A CA  1 
ATOM   830  C  C   . VAL A 1 113 ? -4.699  -6.673  -17.746 1.00 53.67 ? 119 VAL A C   1 
ATOM   831  O  O   . VAL A 1 113 ? -5.884  -6.443  -18.057 1.00 55.29 ? 119 VAL A O   1 
ATOM   832  C  CB  . VAL A 1 113 ? -2.731  -7.350  -19.197 1.00 58.40 ? 119 VAL A CB  1 
ATOM   833  C  CG1 . VAL A 1 113 ? -3.576  -8.385  -19.934 1.00 56.98 ? 119 VAL A CG1 1 
ATOM   834  C  CG2 . VAL A 1 113 ? -1.571  -6.889  -20.077 1.00 58.70 ? 119 VAL A CG2 1 
ATOM   835  N  N   . CYS A 1 114 ? -4.327  -7.346  -16.655 1.00 47.89 ? 120 CYS A N   1 
ATOM   836  C  CA  . CYS A 1 114 ? -5.252  -8.100  -15.771 1.00 45.86 ? 120 CYS A CA  1 
ATOM   837  C  C   . CYS A 1 114 ? -5.626  -7.278  -14.527 1.00 41.86 ? 120 CYS A C   1 
ATOM   838  O  O   . CYS A 1 114 ? -6.580  -7.684  -13.844 1.00 41.30 ? 120 CYS A O   1 
ATOM   839  C  CB  . CYS A 1 114 ? -4.636  -9.438  -15.387 1.00 45.15 ? 120 CYS A CB  1 
ATOM   840  S  SG  . CYS A 1 114 ? -3.267  -9.318  -14.209 1.00 44.31 ? 120 CYS A SG  1 
ATOM   841  N  N   . GLY A 1 115 ? -4.917  -6.175  -14.249 1.00 37.12 ? 121 GLY A N   1 
ATOM   842  C  CA  . GLY A 1 115 ? -5.198  -5.268  -13.115 1.00 37.61 ? 121 GLY A CA  1 
ATOM   843  C  C   . GLY A 1 115 ? -4.803  -5.852  -11.764 1.00 35.42 ? 121 GLY A C   1 
ATOM   844  O  O   . GLY A 1 115 ? -5.245  -5.302  -10.740 1.00 35.76 ? 121 GLY A O   1 
ATOM   845  N  N   . MET A 1 116 ? -3.991  -6.904  -11.735 1.00 34.20 ? 122 MET A N   1 
ATOM   846  C  CA  . MET A 1 116 ? -3.453  -7.509  -10.489 1.00 34.84 ? 122 MET A CA  1 
ATOM   847  C  C   . MET A 1 116 ? -1.989  -7.108  -10.294 1.00 33.82 ? 122 MET A C   1 
ATOM   848  O  O   . MET A 1 116 ? -1.335  -6.703  -11.264 1.00 36.52 ? 122 MET A O   1 
ATOM   849  C  CB  . MET A 1 116 ? -3.600  -9.031  -10.535 1.00 37.56 ? 122 MET A CB  1 
ATOM   850  C  CG  . MET A 1 116 ? -5.060  -9.456  -10.662 1.00 42.46 ? 122 MET A CG  1 
ATOM   851  S  SD  . MET A 1 116 ? -5.216  -11.248 -10.642 1.00 51.54 ? 122 MET A SD  1 
ATOM   852  C  CE  . MET A 1 116 ? -5.223  -11.552 -8.873  1.00 53.99 ? 122 MET A CE  1 
ATOM   853  N  N   . TRP A 1 117 ? -1.481  -7.218  -9.063  1.00 33.69 ? 123 TRP A N   1 
ATOM   854  C  CA  . TRP A 1 117 ? -0.079  -6.848  -8.736  1.00 34.29 ? 123 TRP A CA  1 
ATOM   855  C  C   . TRP A 1 117 ? 0.900   -7.728  -9.521  1.00 36.75 ? 123 TRP A C   1 
ATOM   856  O  O   . TRP A 1 117 ? 0.807   -8.972  -9.428  1.00 37.10 ? 123 TRP A O   1 
ATOM   857  C  CB  . TRP A 1 117 ? 0.185   -6.946  -7.232  1.00 32.26 ? 123 TRP A CB  1 
ATOM   858  C  CG  . TRP A 1 117 ? -0.551  -5.930  -6.415  1.00 29.87 ? 123 TRP A CG  1 
ATOM   859  C  CD1 . TRP A 1 117 ? -1.574  -6.176  -5.545  1.00 31.18 ? 123 TRP A CD1 1 
ATOM   860  C  CD2 . TRP A 1 117 ? -0.284  -4.518  -6.329  1.00 29.86 ? 123 TRP A CD2 1 
ATOM   861  N  NE1 . TRP A 1 117 ? -1.985  -5.008  -4.957  1.00 30.24 ? 123 TRP A NE1 1 
ATOM   862  C  CE2 . TRP A 1 117 ? -1.190  -3.981  -5.386  1.00 28.50 ? 123 TRP A CE2 1 
ATOM   863  C  CE3 . TRP A 1 117 ? 0.634   -3.652  -6.928  1.00 29.34 ? 123 TRP A CE3 1 
ATOM   864  C  CZ2 . TRP A 1 117 ? -1.222  -2.628  -5.071  1.00 30.64 ? 123 TRP A CZ2 1 
ATOM   865  C  CZ3 . TRP A 1 117 ? 0.611   -2.313  -6.601  1.00 30.06 ? 123 TRP A CZ3 1 
ATOM   866  C  CH2 . TRP A 1 117 ? -0.300  -1.808  -5.679  1.00 29.90 ? 123 TRP A CH2 1 
ATOM   867  N  N   . LYS A 1 118 ? 1.808   -7.099  -10.266 1.00 38.69 ? 124 LYS A N   1 
ATOM   868  C  CA  . LYS A 1 118 ? 2.917   -7.810  -10.959 1.00 42.97 ? 124 LYS A CA  1 
ATOM   869  C  C   . LYS A 1 118 ? 3.741   -8.578  -9.926  1.00 41.05 ? 124 LYS A C   1 
ATOM   870  O  O   . LYS A 1 118 ? 4.086   -7.983  -8.883  1.00 41.83 ? 124 LYS A O   1 
ATOM   871  C  CB  . LYS A 1 118 ? 3.791   -6.819  -11.733 1.00 46.98 ? 124 LYS A CB  1 
ATOM   872  C  CG  . LYS A 1 118 ? 3.086   -6.108  -12.878 1.00 51.55 ? 124 LYS A CG  1 
ATOM   873  C  CD  . LYS A 1 118 ? 4.038   -5.431  -13.846 1.00 61.35 ? 124 LYS A CD  1 
ATOM   874  C  CE  . LYS A 1 118 ? 3.499   -5.395  -15.261 1.00 71.44 ? 124 LYS A CE  1 
ATOM   875  N  NZ  . LYS A 1 118 ? 4.506   -4.903  -16.231 1.00 75.72 ? 124 LYS A NZ  1 
ATOM   876  N  N   . GLY A 1 119 ? 4.021   -9.860  -10.191 1.00 40.51 ? 125 GLY A N   1 
ATOM   877  C  CA  . GLY A 1 119 ? 4.866   -10.724 -9.340  1.00 41.07 ? 125 GLY A CA  1 
ATOM   878  C  C   . GLY A 1 119 ? 4.079   -11.428 -8.251  1.00 41.45 ? 125 GLY A C   1 
ATOM   879  O  O   . GLY A 1 119 ? 4.676   -12.234 -7.514  1.00 42.28 ? 125 GLY A O   1 
ATOM   880  N  N   . TYR A 1 120 ? 2.781   -11.143 -8.141  1.00 38.91 ? 126 TYR A N   1 
ATOM   881  C  CA  . TYR A 1 120 ? 1.900   -11.705 -7.088  1.00 40.20 ? 126 TYR A CA  1 
ATOM   882  C  C   . TYR A 1 120 ? 0.670   -12.295 -7.777  1.00 43.58 ? 126 TYR A C   1 
ATOM   883  O  O   . TYR A 1 120 ? 0.798   -13.381 -8.377  1.00 42.52 ? 126 TYR A O   1 
ATOM   884  C  CB  . TYR A 1 120 ? 1.628   -10.641 -6.018  1.00 37.35 ? 126 TYR A CB  1 
ATOM   885  C  CG  . TYR A 1 120 ? 2.848   -10.300 -5.207  1.00 35.17 ? 126 TYR A CG  1 
ATOM   886  C  CD1 . TYR A 1 120 ? 3.219   -11.079 -4.125  1.00 35.25 ? 126 TYR A CD1 1 
ATOM   887  C  CD2 . TYR A 1 120 ? 3.668   -9.241  -5.553  1.00 35.55 ? 126 TYR A CD2 1 
ATOM   888  C  CE1 . TYR A 1 120 ? 4.348   -10.791 -3.380  1.00 36.18 ? 126 TYR A CE1 1 
ATOM   889  C  CE2 . TYR A 1 120 ? 4.806   -8.947  -4.822  1.00 35.27 ? 126 TYR A CE2 1 
ATOM   890  C  CZ  . TYR A 1 120 ? 5.142   -9.719  -3.731  1.00 35.02 ? 126 TYR A CZ  1 
ATOM   891  O  OH  . TYR A 1 120 ? 6.260   -9.424  -3.011  1.00 39.77 ? 126 TYR A OH  1 
ATOM   892  N  N   . GLY A 1 121 ? -0.464  -11.600 -7.716  1.00 41.94 ? 127 GLY A N   1 
ATOM   893  C  CA  . GLY A 1 121 ? -1.726  -12.058 -8.315  1.00 46.21 ? 127 GLY A CA  1 
ATOM   894  C  C   . GLY A 1 121 ? -1.614  -12.229 -9.820  1.00 48.12 ? 127 GLY A C   1 
ATOM   895  O  O   . GLY A 1 121 ? -2.253  -13.168 -10.332 1.00 49.48 ? 127 GLY A O   1 
ATOM   896  N  N   . CYS A 1 122 ? -0.871  -11.353 -10.509 1.00 47.98 ? 128 CYS A N   1 
ATOM   897  C  CA  . CYS A 1 122 ? -0.779  -11.323 -11.999 1.00 51.61 ? 128 CYS A CA  1 
ATOM   898  C  C   . CYS A 1 122 ? -0.289  -12.681 -12.513 1.00 57.15 ? 128 CYS A C   1 
ATOM   899  O  O   . CYS A 1 122 ? 0.749   -13.161 -12.012 1.00 55.33 ? 128 CYS A O   1 
ATOM   900  C  CB  . CYS A 1 122 ? 0.158   -10.239 -12.520 1.00 52.68 ? 128 CYS A CB  1 
ATOM   901  S  SG  . CYS A 1 122 ? 0.443   -10.319 -14.314 1.00 51.43 ? 128 CYS A SG  1 
ATOM   902  N  N   . SER A 1 123 ? -1.005  -13.257 -13.486 1.00 64.10 ? 129 SER A N   1 
ATOM   903  C  CA  . SER A 1 123 ? -0.679  -14.557 -14.139 1.00 69.51 ? 129 SER A CA  1 
ATOM   904  C  C   . SER A 1 123 ? -0.437  -14.363 -15.643 1.00 69.57 ? 129 SER A C   1 
ATOM   905  O  O   . SER A 1 123 ? -0.533  -15.357 -16.381 1.00 77.43 ? 129 SER A O   1 
ATOM   906  C  CB  . SER A 1 123 ? -1.772  -15.566 -13.884 1.00 69.90 ? 129 SER A CB  1 
ATOM   907  O  OG  . SER A 1 123 ? -1.849  -15.895 -12.505 1.00 74.27 ? 129 SER A OG  1 
ATOM   908  N  N   . CYS A 1 124 ? -0.122  -13.141 -16.082 1.00 67.86 ? 130 CYS A N   1 
ATOM   909  C  CA  . CYS A 1 124 ? 0.075   -12.779 -17.513 1.00 67.52 ? 130 CYS A CA  1 
ATOM   910  C  C   . CYS A 1 124 ? 1.353   -13.433 -18.058 1.00 69.56 ? 130 CYS A C   1 
ATOM   911  O  O   . CYS A 1 124 ? 2.234   -13.845 -17.307 1.00 68.31 ? 130 CYS A O   1 
ATOM   912  C  CB  . CYS A 1 124 ? 0.139   -11.268 -17.700 1.00 65.69 ? 130 CYS A CB  1 
ATOM   913  S  SG  . CYS A 1 124 ? -1.487  -10.466 -17.653 1.00 61.12 ? 130 CYS A SG  1 
HETATM 914  ZN ZN  . ZN  B 2 .   ? -1.801  8.734   -1.585  1.00 28.51 ? 201 ZN  A ZN  1 
HETATM 915  ZN ZN  . ZN  C 2 .   ? -1.270  -9.455  -15.456 1.00 49.58 ? 202 ZN  A ZN  1 
HETATM 916  S  S   . DMS D 3 .   ? 5.898   0.655   14.621  1.00 44.28 ? 203 DMS A S   1 
HETATM 917  O  O   . DMS D 3 .   ? 6.184   1.398   15.903  1.00 42.70 ? 203 DMS A O   1 
HETATM 918  C  C1  . DMS D 3 .   ? 5.928   1.836   13.283  1.00 40.56 ? 203 DMS A C1  1 
HETATM 919  C  C2  . DMS D 3 .   ? 4.137   0.369   14.629  1.00 43.96 ? 203 DMS A C2  1 
HETATM 920  N  N1  . 2AQ E 4 .   ? -7.124  -14.211 3.203   1.00 35.98 ? 204 2AQ A N1  1 
HETATM 921  C  C2  . 2AQ E 4 .   ? -7.931  -14.521 4.228   1.00 35.96 ? 204 2AQ A C2  1 
HETATM 922  C  C3  . 2AQ E 4 .   ? -8.728  -15.706 4.172   1.00 33.76 ? 204 2AQ A C3  1 
HETATM 923  C  C4  . 2AQ E 4 .   ? -9.528  -16.004 5.220   1.00 36.26 ? 204 2AQ A C4  1 
HETATM 924  C  C5  . 2AQ E 4 .   ? -9.551  -15.158 6.359   1.00 35.26 ? 204 2AQ A C5  1 
HETATM 925  C  C6  . 2AQ E 4 .   ? -10.361 -15.409 7.493   1.00 38.63 ? 204 2AQ A C6  1 
HETATM 926  C  C7  . 2AQ E 4 .   ? -10.331 -14.561 8.561   1.00 39.94 ? 204 2AQ A C7  1 
HETATM 927  C  C8  . 2AQ E 4 .   ? -9.500  -13.424 8.546   1.00 38.46 ? 204 2AQ A C8  1 
HETATM 928  C  C9  . 2AQ E 4 .   ? -8.705  -13.157 7.472   1.00 36.49 ? 204 2AQ A C9  1 
HETATM 929  C  C10 . 2AQ E 4 .   ? -8.729  -14.003 6.344   1.00 35.75 ? 204 2AQ A C10 1 
HETATM 930  N  N11 . 2AQ E 4 .   ? -7.917  -13.709 5.275   1.00 34.83 ? 204 2AQ A N11 1 
HETATM 931  S  S   . DMS F 3 .   ? 3.125   18.541  6.475   0.33 53.10 ? 205 DMS A S   1 
HETATM 932  O  O   . DMS F 3 .   ? 3.973   17.385  5.986   0.33 52.04 ? 205 DMS A O   1 
HETATM 933  C  C1  . DMS F 3 .   ? 2.355   17.970  7.971   0.33 50.98 ? 205 DMS A C1  1 
HETATM 934  C  C2  . DMS F 3 .   ? 4.267   19.681  7.222   0.33 51.08 ? 205 DMS A C2  1 
HETATM 935  C  C1  . GOL G 5 .   ? -9.856  -1.970  10.603  1.00 55.35 ? 206 GOL A C1  1 
HETATM 936  O  O1  . GOL G 5 .   ? -8.524  -1.613  10.985  1.00 46.34 ? 206 GOL A O1  1 
HETATM 937  C  C2  . GOL G 5 .   ? -10.919 -1.004  11.088  1.00 54.48 ? 206 GOL A C2  1 
HETATM 938  O  O2  . GOL G 5 .   ? -11.681 -1.699  12.076  1.00 49.83 ? 206 GOL A O2  1 
HETATM 939  C  C3  . GOL G 5 .   ? -11.851 -0.461  10.000  1.00 53.07 ? 206 GOL A C3  1 
HETATM 940  O  O3  . GOL G 5 .   ? -12.226 0.919   10.194  1.00 44.56 ? 206 GOL A O3  1 
HETATM 941  CL CL  . CL  H 6 .   ? -2.000  -9.840  -5.544  1.00 39.80 ? 207 CL  A CL  1 
HETATM 942  CL CL  . CL  I 6 .   ? -1.182  6.347   14.524  1.00 29.97 ? 208 CL  A CL  1 
HETATM 943  O  O   . HOH J 7 .   ? 2.646   1.168   -6.273  1.00 40.48 ? 301 HOH A O   1 
HETATM 944  O  O   . HOH J 7 .   ? -7.515  7.690   -6.348  1.00 41.28 ? 302 HOH A O   1 
HETATM 945  O  O   . HOH J 7 .   ? 6.645   13.957  -2.549  1.00 47.02 ? 303 HOH A O   1 
HETATM 946  O  O   . HOH J 7 .   ? -1.267  2.079   -9.248  1.00 46.06 ? 304 HOH A O   1 
HETATM 947  O  O   . HOH J 7 .   ? 6.997   6.146   -5.023  1.00 43.63 ? 305 HOH A O   1 
HETATM 948  O  O   . HOH J 7 .   ? -14.468 2.670   3.573   1.00 31.73 ? 306 HOH A O   1 
HETATM 949  O  O   . HOH J 7 .   ? -16.446 -9.261  -6.708  1.00 46.41 ? 307 HOH A O   1 
HETATM 950  O  O   . HOH J 7 .   ? 2.105   18.884  2.851   1.00 55.43 ? 308 HOH A O   1 
HETATM 951  O  O   . HOH J 7 .   ? -10.689 -12.114 -11.054 1.00 51.52 ? 309 HOH A O   1 
HETATM 952  O  O   . HOH J 7 .   ? 11.337  8.495   -4.652  1.00 49.28 ? 310 HOH A O   1 
HETATM 953  O  O   . HOH J 7 .   ? 11.419  -4.596  8.536   1.00 30.31 ? 311 HOH A O   1 
HETATM 954  O  O   . HOH J 7 .   ? 4.873   -5.536  -8.397  1.00 39.11 ? 312 HOH A O   1 
HETATM 955  O  O   . HOH J 7 .   ? -6.630  3.842   -8.954  1.00 42.87 ? 313 HOH A O   1 
HETATM 956  O  O   . HOH J 7 .   ? 5.625   -10.071 5.088   1.00 57.79 ? 314 HOH A O   1 
HETATM 957  O  O   . HOH J 7 .   ? -0.196  15.035  -4.328  1.00 39.80 ? 315 HOH A O   1 
HETATM 958  O  O   . HOH J 7 .   ? 16.251  -2.939  13.098  1.00 44.21 ? 316 HOH A O   1 
HETATM 959  O  O   . HOH J 7 .   ? 7.096   -11.084 -1.124  1.00 49.15 ? 317 HOH A O   1 
HETATM 960  O  O   . HOH J 7 .   ? -12.554 -5.876  -9.605  1.00 42.83 ? 318 HOH A O   1 
HETATM 961  O  O   . HOH J 7 .   ? 7.835   -5.239  5.331   1.00 34.78 ? 319 HOH A O   1 
HETATM 962  O  O   . HOH J 7 .   ? -12.327 -14.968 -5.689  1.00 39.51 ? 320 HOH A O   1 
HETATM 963  O  O   . HOH J 7 .   ? 9.885   0.997   14.807  1.00 44.06 ? 321 HOH A O   1 
HETATM 964  O  O   . HOH J 7 .   ? -4.947  -13.375 6.935   1.00 46.13 ? 322 HOH A O   1 
HETATM 965  O  O   . HOH J 7 .   ? -14.269 3.749   -4.219  1.00 39.12 ? 323 HOH A O   1 
HETATM 966  O  O   . HOH J 7 .   ? 9.259   14.707  14.181  0.33 41.09 ? 324 HOH A O   1 
HETATM 967  O  O   . HOH J 7 .   ? 9.525   14.180  1.298   1.00 34.54 ? 325 HOH A O   1 
HETATM 968  O  O   . HOH J 7 .   ? 11.274  10.848  13.514  1.00 32.18 ? 326 HOH A O   1 
HETATM 969  O  O   . HOH J 7 .   ? -1.956  -5.956  8.862   1.00 48.70 ? 327 HOH A O   1 
HETATM 970  O  O   . HOH J 7 .   ? -6.760  0.195   11.902  1.00 47.03 ? 328 HOH A O   1 
HETATM 971  O  O   . HOH J 7 .   ? -15.312 -3.366  -6.916  1.00 39.98 ? 329 HOH A O   1 
HETATM 972  O  O   . HOH J 7 .   ? -2.550  13.233  3.383   1.00 46.77 ? 330 HOH A O   1 
HETATM 973  O  O   . HOH J 7 .   ? 7.558   -2.355  -8.723  1.00 51.24 ? 331 HOH A O   1 
HETATM 974  O  O   . HOH J 7 .   ? -8.430  -9.567  -14.477 1.00 57.76 ? 332 HOH A O   1 
HETATM 975  O  O   . HOH J 7 .   ? -15.773 -3.585  4.086   1.00 45.53 ? 333 HOH A O   1 
HETATM 976  O  O   . HOH J 7 .   ? -0.512  9.199   9.001   1.00 25.82 ? 334 HOH A O   1 
HETATM 977  O  O   . HOH J 7 .   ? -6.295  -2.875  -10.093 1.00 33.69 ? 335 HOH A O   1 
HETATM 978  O  O   . HOH J 7 .   ? 15.635  16.260  4.021   1.00 24.78 ? 336 HOH A O   1 
HETATM 979  O  O   . HOH J 7 .   ? -11.501 -16.247 -3.437  1.00 44.25 ? 337 HOH A O   1 
HETATM 980  O  O   . HOH J 7 .   ? 2.484   -0.730  6.414   1.00 27.71 ? 338 HOH A O   1 
HETATM 981  O  O   . HOH J 7 .   ? -0.801  13.927  0.636   1.00 37.01 ? 339 HOH A O   1 
HETATM 982  O  O   . HOH J 7 .   ? 0.857   -2.853  9.267   1.00 33.52 ? 340 HOH A O   1 
HETATM 983  O  O   . HOH J 7 .   ? -13.518 -10.023 -0.578  1.00 33.16 ? 341 HOH A O   1 
HETATM 984  O  O   . HOH J 7 .   ? 12.795  -2.454  1.981   1.00 30.73 ? 342 HOH A O   1 
HETATM 985  O  O   . HOH J 7 .   ? 11.061  -5.895  -0.096  1.00 44.18 ? 343 HOH A O   1 
HETATM 986  O  O   . HOH J 7 .   ? -9.507  -7.648  4.701   1.00 30.43 ? 344 HOH A O   1 
HETATM 987  O  O   . HOH J 7 .   ? -5.631  4.841   8.923   1.00 52.03 ? 345 HOH A O   1 
HETATM 988  O  O   . HOH J 7 .   ? -17.061 -5.480  -2.383  1.00 40.79 ? 346 HOH A O   1 
HETATM 989  O  O   . HOH J 7 .   ? -11.082 4.195   0.640   1.00 34.51 ? 347 HOH A O   1 
HETATM 990  O  O   . HOH J 7 .   ? -8.528  -13.548 -8.070  1.00 37.88 ? 348 HOH A O   1 
HETATM 991  O  O   . HOH J 7 .   ? -15.043 -2.919  6.572   1.00 36.22 ? 349 HOH A O   1 
HETATM 992  O  O   . HOH J 7 .   ? 9.982   10.656  17.703  1.00 49.50 ? 350 HOH A O   1 
HETATM 993  O  O   . HOH J 7 .   ? -16.339 -6.136  1.666   1.00 47.43 ? 351 HOH A O   1 
HETATM 994  O  O   . HOH J 7 .   ? -3.782  -8.042  -7.319  1.00 36.23 ? 352 HOH A O   1 
HETATM 995  O  O   . HOH J 7 .   ? 8.136   -6.730  -5.995  1.00 53.70 ? 353 HOH A O   1 
HETATM 996  O  O   . HOH J 7 .   ? 1.179   8.006   16.184  1.00 40.30 ? 354 HOH A O   1 
HETATM 997  O  O   . HOH J 7 .   ? 11.607  13.614  11.905  1.00 33.89 ? 355 HOH A O   1 
HETATM 998  O  O   . HOH J 7 .   ? 3.491   -10.978 -12.696 1.00 60.30 ? 356 HOH A O   1 
HETATM 999  O  O   . HOH J 7 .   ? 7.420   -3.887  2.251   1.00 34.03 ? 357 HOH A O   1 
HETATM 1000 O  O   . HOH J 7 .   ? -3.319  10.776  5.980   1.00 50.41 ? 358 HOH A O   1 
HETATM 1001 O  O   . HOH J 7 .   ? 15.921  4.909   6.192   1.00 38.93 ? 359 HOH A O   1 
HETATM 1002 O  O   . HOH J 7 .   ? 3.239   -5.227  11.059  1.00 37.90 ? 360 HOH A O   1 
HETATM 1003 O  O   . HOH J 7 .   ? -12.253 1.226   12.985  1.00 38.84 ? 361 HOH A O   1 
HETATM 1004 O  O   . HOH J 7 .   ? 9.401   9.390   -2.762  1.00 37.75 ? 362 HOH A O   1 
HETATM 1005 O  O   . HOH J 7 .   ? -15.479 4.531   -0.625  1.00 47.33 ? 363 HOH A O   1 
HETATM 1006 O  O   . HOH J 7 .   ? 0.853   2.526   -5.370  1.00 48.52 ? 364 HOH A O   1 
HETATM 1007 O  O   . HOH J 7 .   ? 6.786   -6.728  -2.334  1.00 36.76 ? 365 HOH A O   1 
HETATM 1008 O  O   . HOH J 7 .   ? -0.429  -0.337  16.162  1.00 40.27 ? 366 HOH A O   1 
HETATM 1009 O  O   . HOH J 7 .   ? -15.356 -8.657  -1.985  1.00 37.48 ? 367 HOH A O   1 
HETATM 1010 O  O   . HOH J 7 .   ? -4.140  -2.508  10.499  1.00 62.25 ? 368 HOH A O   1 
HETATM 1011 O  O   . HOH J 7 .   ? 1.058   13.034  -13.187 1.00 68.54 ? 369 HOH A O   1 
HETATM 1012 O  O   . HOH J 7 .   ? 4.586   -3.297  12.666  1.00 32.35 ? 370 HOH A O   1 
HETATM 1013 O  O   . HOH J 7 .   ? -0.753  -14.431 0.036   1.00 43.01 ? 371 HOH A O   1 
HETATM 1014 O  O   . HOH J 7 .   ? 2.823   3.630   -0.427  1.00 32.23 ? 372 HOH A O   1 
HETATM 1015 O  O   . HOH J 7 .   ? 5.519   -7.158  10.860  1.00 40.68 ? 373 HOH A O   1 
HETATM 1016 O  O   . HOH J 7 .   ? 10.884  -0.701  -4.939  1.00 64.26 ? 374 HOH A O   1 
HETATM 1017 O  O   . HOH J 7 .   ? 19.106  7.910   0.819   1.00 52.79 ? 375 HOH A O   1 
HETATM 1018 O  O   . HOH J 7 .   ? 13.019  4.095   -3.782  1.00 47.08 ? 376 HOH A O   1 
HETATM 1019 O  O   . HOH J 7 .   ? 21.920  5.176   -1.101  1.00 52.82 ? 377 HOH A O   1 
HETATM 1020 O  O   . HOH J 7 .   ? 1.744   -4.029  -17.357 1.00 59.54 ? 378 HOH A O   1 
HETATM 1021 O  O   . HOH J 7 .   ? 18.550  -0.474  2.072   1.00 55.95 ? 379 HOH A O   1 
HETATM 1022 O  O   . HOH J 7 .   ? -9.052  -2.798  -11.172 1.00 41.84 ? 380 HOH A O   1 
HETATM 1023 O  O   . HOH J 7 .   ? 18.667  -5.786  8.527   1.00 51.10 ? 381 HOH A O   1 
HETATM 1024 O  O   . HOH J 7 .   ? -5.529  12.173  -6.184  1.00 55.73 ? 382 HOH A O   1 
HETATM 1025 O  O   . HOH J 7 .   ? 0.669   17.779  0.127   1.00 65.07 ? 383 HOH A O   1 
HETATM 1026 O  O   . HOH J 7 .   ? 9.976   12.251  -1.513  1.00 44.86 ? 384 HOH A O   1 
HETATM 1027 O  O   . HOH J 7 .   ? 10.197  -5.578  3.517   1.00 43.91 ? 385 HOH A O   1 
HETATM 1028 O  O   . HOH J 7 .   ? -4.097  -14.005 -5.949  1.00 40.20 ? 386 HOH A O   1 
HETATM 1029 O  O   . HOH J 7 .   ? 5.655   -7.306  4.104   1.00 41.42 ? 387 HOH A O   1 
HETATM 1030 O  O   . HOH J 7 .   ? -8.906  5.941   0.901   1.00 31.14 ? 388 HOH A O   1 
HETATM 1031 O  O   . HOH J 7 .   ? -4.053  -14.834 -8.626  1.00 53.83 ? 389 HOH A O   1 
HETATM 1032 O  O   . HOH J 7 .   ? -3.645  8.312   4.922   1.00 34.24 ? 390 HOH A O   1 
HETATM 1033 O  O   . HOH J 7 .   ? 16.409  11.399  1.210   1.00 34.35 ? 391 HOH A O   1 
HETATM 1034 O  O   . HOH J 7 .   ? 8.612   3.565   -4.757  1.00 48.43 ? 392 HOH A O   1 
HETATM 1035 O  O   . HOH J 7 .   ? 4.742   0.996   18.500  1.00 50.10 ? 393 HOH A O   1 
HETATM 1036 O  O   . HOH J 7 .   ? 0.660   5.836   -3.918  1.00 42.72 ? 394 HOH A O   1 
HETATM 1037 O  O   . HOH J 7 .   ? 6.174   -2.598  16.940  1.00 47.37 ? 395 HOH A O   1 
HETATM 1038 O  O   . HOH J 7 .   ? 15.653  -0.610  12.494  1.00 52.35 ? 396 HOH A O   1 
HETATM 1039 O  O   . HOH J 7 .   ? -4.885  -19.963 -3.796  1.00 71.90 ? 397 HOH A O   1 
HETATM 1040 O  O   . HOH J 7 .   ? 1.014   0.694   -10.457 1.00 37.57 ? 398 HOH A O   1 
HETATM 1041 O  O   . HOH J 7 .   ? -16.563 -8.783  0.507   1.00 36.65 ? 399 HOH A O   1 
HETATM 1042 O  O   . HOH J 7 .   ? -2.921  16.763  5.225   1.00 41.19 ? 400 HOH A O   1 
HETATM 1043 O  O   . HOH J 7 .   ? 4.871   -5.775  2.403   1.00 42.30 ? 401 HOH A O   1 
HETATM 1044 O  O   . HOH J 7 .   ? -1.920  -1.921  9.542   1.00 38.12 ? 402 HOH A O   1 
HETATM 1045 O  O   . HOH J 7 .   ? -13.231 -1.788  -9.270  1.00 39.78 ? 403 HOH A O   1 
HETATM 1046 O  O   . HOH J 7 .   ? -8.858  -17.048 -4.172  1.00 48.96 ? 404 HOH A O   1 
HETATM 1047 O  O   . HOH J 7 .   ? 12.120  16.610  -1.815  1.00 61.88 ? 405 HOH A O   1 
HETATM 1048 O  O   . HOH J 7 .   ? 11.478  -1.120  14.923  1.00 34.22 ? 406 HOH A O   1 
HETATM 1049 O  O   . HOH J 7 .   ? -4.023  13.048  -4.637  1.00 60.32 ? 407 HOH A O   1 
HETATM 1050 O  O   . HOH J 7 .   ? 2.233   3.946   16.888  1.00 26.94 ? 408 HOH A O   1 
HETATM 1051 O  O   . HOH J 7 .   ? -5.768  -20.076 -0.370  1.00 60.35 ? 409 HOH A O   1 
HETATM 1052 O  O   . HOH J 7 .   ? -8.103  4.644   4.039   1.00 25.74 ? 410 HOH A O   1 
HETATM 1053 O  O   . HOH J 7 .   ? 5.407   7.831   17.387  1.00 31.79 ? 411 HOH A O   1 
HETATM 1054 O  O   . HOH J 7 .   ? -11.890 -9.493  6.340   1.00 45.14 ? 412 HOH A O   1 
HETATM 1055 O  O   . HOH J 7 .   ? -13.287 5.602   0.165   1.00 52.39 ? 413 HOH A O   1 
HETATM 1056 O  O   . HOH J 7 .   ? 2.918   6.871   17.152  1.00 44.33 ? 414 HOH A O   1 
HETATM 1057 O  O   . HOH J 7 .   ? 9.063   -6.935  1.416   1.00 65.75 ? 415 HOH A O   1 
HETATM 1058 O  O   . HOH J 7 .   ? 6.475   11.145  17.257  1.00 45.87 ? 416 HOH A O   1 
HETATM 1059 O  O   . HOH J 7 .   ? 3.923   -3.589  15.334  1.00 48.20 ? 417 HOH A O   1 
HETATM 1060 O  O   . HOH J 7 .   ? -10.799 -9.647  -12.703 1.00 50.00 ? 418 HOH A O   1 
HETATM 1061 O  O   . HOH J 7 .   ? -17.077 -10.189 -3.799  1.00 53.71 ? 419 HOH A O   1 
HETATM 1062 O  O   . HOH J 7 .   ? 11.588  17.120  0.466   1.00 48.49 ? 420 HOH A O   1 
HETATM 1063 O  O   . HOH J 7 .   ? 12.813  -4.991  3.676   1.00 40.09 ? 421 HOH A O   1 
HETATM 1064 O  O   . HOH J 7 .   ? -13.656 -16.047 4.809   1.00 54.33 ? 422 HOH A O   1 
HETATM 1065 O  O   . HOH J 7 .   ? 16.883  -7.025  9.157   1.00 58.55 ? 423 HOH A O   1 
HETATM 1066 O  O   . HOH J 7 .   ? 12.149  -6.948  9.778   1.00 45.91 ? 424 HOH A O   1 
HETATM 1067 O  O   . HOH J 7 .   ? 2.286   4.093   -3.203  1.00 45.22 ? 425 HOH A O   1 
HETATM 1068 O  O   . HOH J 7 .   ? 8.332   -7.036  10.128  1.00 50.78 ? 426 HOH A O   1 
HETATM 1069 O  O   . HOH J 7 .   ? -10.642 -15.548 -7.487  1.00 53.54 ? 427 HOH A O   1 
HETATM 1070 O  O   . HOH J 7 .   ? -2.290  -12.650 -4.506  1.00 43.30 ? 428 HOH A O   1 
HETATM 1071 O  O   . HOH J 7 .   ? -14.218 5.078   -6.469  1.00 55.95 ? 429 HOH A O   1 
HETATM 1072 O  O   . HOH J 7 .   ? -7.557  6.735   5.876   1.00 44.46 ? 430 HOH A O   1 
HETATM 1073 O  O   . HOH J 7 .   ? 1.920   7.618   -5.617  1.00 51.61 ? 431 HOH A O   1 
HETATM 1074 O  O   . HOH J 7 .   ? 6.768   -4.874  -10.011 1.00 50.18 ? 432 HOH A O   1 
HETATM 1075 O  O   . HOH J 7 .   ? -9.599  8.533   1.819   1.00 49.82 ? 433 HOH A O   1 
HETATM 1076 O  O   . HOH J 7 .   ? -5.490  -0.449  -11.040 1.00 42.27 ? 434 HOH A O   1 
HETATM 1077 O  O   . HOH J 7 .   ? 0.212   -13.669 -4.312  1.00 50.19 ? 435 HOH A O   1 
HETATM 1078 O  O   . HOH J 7 .   ? 17.966  11.386  -1.054  1.00 42.09 ? 436 HOH A O   1 
HETATM 1079 O  O   . HOH J 7 .   ? 6.324   -6.108  0.622   1.00 33.16 ? 437 HOH A O   1 
HETATM 1080 O  O   . HOH J 7 .   ? 2.490   1.608   17.823  1.00 51.99 ? 438 HOH A O   1 
HETATM 1081 O  O   . HOH J 7 .   ? -0.539  -4.245  11.006  1.00 43.83 ? 439 HOH A O   1 
HETATM 1082 O  O   . HOH J 7 .   ? 9.675   12.234  15.482  1.00 33.62 ? 440 HOH A O   1 
HETATM 1083 O  O   . HOH J 7 .   ? -13.034 -13.106 -10.484 1.00 62.53 ? 441 HOH A O   1 
HETATM 1084 O  O   . HOH J 7 .   ? 9.161   -5.866  7.619   1.00 41.30 ? 442 HOH A O   1 
HETATM 1085 O  O   . HOH J 7 .   ? -5.350  10.493  4.311   1.00 53.17 ? 443 HOH A O   1 
HETATM 1086 O  O   . HOH J 7 .   ? 13.499  -2.398  -0.945  1.00 50.98 ? 444 HOH A O   1 
HETATM 1087 O  O   . HOH J 7 .   ? -5.028  7.196   7.302   1.00 34.25 ? 445 HOH A O   1 
HETATM 1088 O  O   . HOH J 7 .   ? -12.760 -18.733 -3.022  1.00 60.00 ? 446 HOH A O   1 
HETATM 1089 O  O   . HOH J 7 .   ? -3.287  12.657  0.217   1.00 47.33 ? 447 HOH A O   1 
HETATM 1090 O  O   . HOH J 7 .   ? 9.483   -6.563  -2.902  1.00 52.98 ? 448 HOH A O   1 
HETATM 1091 O  O   . HOH J 7 .   ? -1.088  -16.558 1.373   1.00 65.78 ? 449 HOH A O   1 
HETATM 1092 O  O   . HOH J 7 .   ? -6.516  -14.889 -9.652  1.00 52.19 ? 450 HOH A O   1 
HETATM 1093 O  O   . HOH J 7 .   ? -10.990 3.699   3.377   1.00 51.68 ? 451 HOH A O   1 
HETATM 1094 O  O   . HOH J 7 .   ? 15.291  2.935   -3.255  1.00 49.57 ? 452 HOH A O   1 
HETATM 1095 O  O   . HOH J 7 .   ? 9.009   11.990  19.681  1.00 43.33 ? 453 HOH A O   1 
HETATM 1096 O  O   . HOH J 7 .   ? 14.988  -6.205  2.855   1.00 60.74 ? 454 HOH A O   1 
HETATM 1097 O  O   . HOH J 7 .   ? -8.045  9.199   4.968   1.00 53.19 ? 455 HOH A O   1 
HETATM 1098 O  O   . HOH J 7 .   ? -11.765 -21.205 -1.343  0.33 53.07 ? 456 HOH A O   1 
# 
